data_4KIJ
# 
_entry.id   4KIJ 
# 
_audit_conform.dict_name       mmcif_pdbx.dic 
_audit_conform.dict_version    5.387 
_audit_conform.dict_location   http://mmcif.pdb.org/dictionaries/ascii/mmcif_pdbx.dic 
# 
loop_
_database_2.database_id 
_database_2.database_code 
_database_2.pdbx_database_accession 
_database_2.pdbx_DOI 
PDB   4KIJ         pdb_00004kij 10.2210/pdb4kij/pdb 
RCSB  RCSB079382   ?            ?                   
WWPDB D_1000079382 ?            ?                   
# 
loop_
_pdbx_audit_revision_history.ordinal 
_pdbx_audit_revision_history.data_content_type 
_pdbx_audit_revision_history.major_revision 
_pdbx_audit_revision_history.minor_revision 
_pdbx_audit_revision_history.revision_date 
1 'Structure model' 1 0 2014-05-14 
2 'Structure model' 1 1 2015-01-07 
3 'Structure model' 1 2 2018-01-24 
4 'Structure model' 1 3 2024-02-28 
# 
_pdbx_audit_revision_details.ordinal             1 
_pdbx_audit_revision_details.revision_ordinal    1 
_pdbx_audit_revision_details.data_content_type   'Structure model' 
_pdbx_audit_revision_details.provider            repository 
_pdbx_audit_revision_details.type                'Initial release' 
_pdbx_audit_revision_details.description         ? 
_pdbx_audit_revision_details.details             ? 
# 
loop_
_pdbx_audit_revision_group.ordinal 
_pdbx_audit_revision_group.revision_ordinal 
_pdbx_audit_revision_group.data_content_type 
_pdbx_audit_revision_group.group 
1 2 'Structure model' 'Database references'  
2 3 'Structure model' 'Structure summary'    
3 4 'Structure model' 'Data collection'      
4 4 'Structure model' 'Database references'  
5 4 'Structure model' 'Derived calculations' 
# 
loop_
_pdbx_audit_revision_category.ordinal 
_pdbx_audit_revision_category.revision_ordinal 
_pdbx_audit_revision_category.data_content_type 
_pdbx_audit_revision_category.category 
1 3 'Structure model' audit_author       
2 4 'Structure model' chem_comp_atom     
3 4 'Structure model' chem_comp_bond     
4 4 'Structure model' database_2         
5 4 'Structure model' struct_ref_seq_dif 
6 4 'Structure model' struct_site        
# 
loop_
_pdbx_audit_revision_item.ordinal 
_pdbx_audit_revision_item.revision_ordinal 
_pdbx_audit_revision_item.data_content_type 
_pdbx_audit_revision_item.item 
1 3 'Structure model' '_audit_author.name'                  
2 4 'Structure model' '_database_2.pdbx_DOI'                
3 4 'Structure model' '_database_2.pdbx_database_accession' 
4 4 'Structure model' '_struct_ref_seq_dif.details'         
5 4 'Structure model' '_struct_site.pdbx_auth_asym_id'      
6 4 'Structure model' '_struct_site.pdbx_auth_comp_id'      
7 4 'Structure model' '_struct_site.pdbx_auth_seq_id'       
# 
_pdbx_database_status.entry_id                        4KIJ 
_pdbx_database_status.deposit_site                    RCSB 
_pdbx_database_status.process_site                    RCSB 
_pdbx_database_status.recvd_initial_deposition_date   2013-05-02 
_pdbx_database_status.status_code                     REL 
_pdbx_database_status.status_code_sf                  REL 
_pdbx_database_status.status_code_mr                  ? 
_pdbx_database_status.SG_entry                        ? 
_pdbx_database_status.status_code_cs                  ? 
_pdbx_database_status.methods_development_category    ? 
_pdbx_database_status.pdb_format_compatible           Y 
_pdbx_database_status.status_code_nmr_data            ? 
# 
loop_
_pdbx_database_related.db_name 
_pdbx_database_related.db_id 
_pdbx_database_related.details 
_pdbx_database_related.content_type 
PDB 4KI7 . unspecified 
PDB 4KIM . unspecified 
PDB 4KIU . unspecified 
PDB 4KIW . unspecified 
PDB 4KL9 . unspecified 
PDB 4KLX . unspecified 
PDB 4KM0 . unspecified 
PDB 4KM2 . unspecified 
# 
loop_
_audit_author.name 
_audit_author.pdbx_ordinal 
'Dias, M.V.B.'   1 
'Howard, N.G.'   2 
'Blundell, T.L.' 3 
'Abell, C.'      4 
# 
_citation.id                        primary 
_citation.title                     
'Design and Structural Analysis of Aromatic Inhibitors of Type II Dehydroquinase from Mycobacterium tuberculosis.' 
_citation.journal_abbrev            Chemmedchem 
_citation.journal_volume            10 
_citation.page_first                116 
_citation.page_last                 133 
_citation.year                      2015 
_citation.journal_id_ASTM           ? 
_citation.country                   DE 
_citation.journal_id_ISSN           1860-7179 
_citation.journal_id_CSD            ? 
_citation.book_publisher            ? 
_citation.pdbx_database_id_PubMed   25234229 
_citation.pdbx_database_id_DOI      10.1002/cmdc.201402298 
# 
loop_
_citation_author.citation_id 
_citation_author.name 
_citation_author.ordinal 
_citation_author.identifier_ORCID 
primary 'Howard, N.I.'   1 ? 
primary 'Dias, M.V.'     2 ? 
primary 'Peyrot, F.'     3 ? 
primary 'Chen, L.'       4 ? 
primary 'Schmidt, M.F.'  5 ? 
primary 'Blundell, T.L.' 6 ? 
primary 'Abell, C.'      7 ? 
# 
loop_
_entity.id 
_entity.type 
_entity.src_method 
_entity.pdbx_description 
_entity.formula_weight 
_entity.pdbx_number_of_molecules 
_entity.pdbx_ec 
_entity.pdbx_mutation 
_entity.pdbx_fragment 
_entity.details 
1 polymer     man '3-dehydroquinate dehydratase'                 16598.816 1  4.2.1.10 ? ? ? 
2 non-polymer syn 'CHLORIDE ION'                                 35.453    1  ?        ? ? ? 
3 non-polymer syn '3,4-dihydroxy-5-(3-nitrophenoxy)benzoic acid' 291.213   1  ?        ? ? ? 
4 water       nat water                                          18.015    30 ?        ? ? ? 
# 
_entity_name_com.entity_id   1 
_entity_name_com.name        '3-dehydroquinase, Type II DHQase' 
# 
_entity_poly.entity_id                      1 
_entity_poly.type                           'polypeptide(L)' 
_entity_poly.nstd_linkage                   no 
_entity_poly.nstd_monomer                   no 
_entity_poly.pdbx_seq_one_letter_code       
;LYFQSHMSELIVNVINGPNLGRLARREPAVYGGTTHDELVALIEREAAELGLKAVVRQSDSEAQLLDWIHQAADAAEPVI
LNAGGLTHTSVALRDACAELSAPLIEVHISNVHAREEFRRHSYLSPIATGVIVGLGIQGYLLALRYLAEHVGT
;
_entity_poly.pdbx_seq_one_letter_code_can   
;LYFQSHMSELIVNVINGPNLGRLARREPAVYGGTTHDELVALIEREAAELGLKAVVRQSDSEAQLLDWIHQAADAAEPVI
LNAGGLTHTSVALRDACAELSAPLIEVHISNVHAREEFRRHSYLSPIATGVIVGLGIQGYLLALRYLAEHVGT
;
_entity_poly.pdbx_strand_id                 A 
_entity_poly.pdbx_target_identifier         ? 
# 
loop_
_pdbx_entity_nonpoly.entity_id 
_pdbx_entity_nonpoly.name 
_pdbx_entity_nonpoly.comp_id 
2 'CHLORIDE ION'                                 CL  
3 '3,4-dihydroxy-5-(3-nitrophenoxy)benzoic acid' KIJ 
4 water                                          HOH 
# 
loop_
_entity_poly_seq.entity_id 
_entity_poly_seq.num 
_entity_poly_seq.mon_id 
_entity_poly_seq.hetero 
1 1   LEU n 
1 2   TYR n 
1 3   PHE n 
1 4   GLN n 
1 5   SER n 
1 6   HIS n 
1 7   MET n 
1 8   SER n 
1 9   GLU n 
1 10  LEU n 
1 11  ILE n 
1 12  VAL n 
1 13  ASN n 
1 14  VAL n 
1 15  ILE n 
1 16  ASN n 
1 17  GLY n 
1 18  PRO n 
1 19  ASN n 
1 20  LEU n 
1 21  GLY n 
1 22  ARG n 
1 23  LEU n 
1 24  ALA n 
1 25  ARG n 
1 26  ARG n 
1 27  GLU n 
1 28  PRO n 
1 29  ALA n 
1 30  VAL n 
1 31  TYR n 
1 32  GLY n 
1 33  GLY n 
1 34  THR n 
1 35  THR n 
1 36  HIS n 
1 37  ASP n 
1 38  GLU n 
1 39  LEU n 
1 40  VAL n 
1 41  ALA n 
1 42  LEU n 
1 43  ILE n 
1 44  GLU n 
1 45  ARG n 
1 46  GLU n 
1 47  ALA n 
1 48  ALA n 
1 49  GLU n 
1 50  LEU n 
1 51  GLY n 
1 52  LEU n 
1 53  LYS n 
1 54  ALA n 
1 55  VAL n 
1 56  VAL n 
1 57  ARG n 
1 58  GLN n 
1 59  SER n 
1 60  ASP n 
1 61  SER n 
1 62  GLU n 
1 63  ALA n 
1 64  GLN n 
1 65  LEU n 
1 66  LEU n 
1 67  ASP n 
1 68  TRP n 
1 69  ILE n 
1 70  HIS n 
1 71  GLN n 
1 72  ALA n 
1 73  ALA n 
1 74  ASP n 
1 75  ALA n 
1 76  ALA n 
1 77  GLU n 
1 78  PRO n 
1 79  VAL n 
1 80  ILE n 
1 81  LEU n 
1 82  ASN n 
1 83  ALA n 
1 84  GLY n 
1 85  GLY n 
1 86  LEU n 
1 87  THR n 
1 88  HIS n 
1 89  THR n 
1 90  SER n 
1 91  VAL n 
1 92  ALA n 
1 93  LEU n 
1 94  ARG n 
1 95  ASP n 
1 96  ALA n 
1 97  CYS n 
1 98  ALA n 
1 99  GLU n 
1 100 LEU n 
1 101 SER n 
1 102 ALA n 
1 103 PRO n 
1 104 LEU n 
1 105 ILE n 
1 106 GLU n 
1 107 VAL n 
1 108 HIS n 
1 109 ILE n 
1 110 SER n 
1 111 ASN n 
1 112 VAL n 
1 113 HIS n 
1 114 ALA n 
1 115 ARG n 
1 116 GLU n 
1 117 GLU n 
1 118 PHE n 
1 119 ARG n 
1 120 ARG n 
1 121 HIS n 
1 122 SER n 
1 123 TYR n 
1 124 LEU n 
1 125 SER n 
1 126 PRO n 
1 127 ILE n 
1 128 ALA n 
1 129 THR n 
1 130 GLY n 
1 131 VAL n 
1 132 ILE n 
1 133 VAL n 
1 134 GLY n 
1 135 LEU n 
1 136 GLY n 
1 137 ILE n 
1 138 GLN n 
1 139 GLY n 
1 140 TYR n 
1 141 LEU n 
1 142 LEU n 
1 143 ALA n 
1 144 LEU n 
1 145 ARG n 
1 146 TYR n 
1 147 LEU n 
1 148 ALA n 
1 149 GLU n 
1 150 HIS n 
1 151 VAL n 
1 152 GLY n 
1 153 THR n 
# 
_entity_src_gen.entity_id                          1 
_entity_src_gen.pdbx_src_id                        1 
_entity_src_gen.pdbx_alt_source_flag               sample 
_entity_src_gen.pdbx_seq_type                      ? 
_entity_src_gen.pdbx_beg_seq_num                   ? 
_entity_src_gen.pdbx_end_seq_num                   ? 
_entity_src_gen.gene_src_common_name               ? 
_entity_src_gen.gene_src_genus                     ? 
_entity_src_gen.pdbx_gene_src_gene                 'aroD, aroQ, MT2612, MTCY159.19, Rv2537c' 
_entity_src_gen.gene_src_species                   ? 
_entity_src_gen.gene_src_strain                    ? 
_entity_src_gen.gene_src_tissue                    ? 
_entity_src_gen.gene_src_tissue_fraction           ? 
_entity_src_gen.gene_src_details                   ? 
_entity_src_gen.pdbx_gene_src_fragment             ? 
_entity_src_gen.pdbx_gene_src_scientific_name      'Mycobacterium tuberculosis' 
_entity_src_gen.pdbx_gene_src_ncbi_taxonomy_id     1773 
_entity_src_gen.pdbx_gene_src_variant              ? 
_entity_src_gen.pdbx_gene_src_cell_line            ? 
_entity_src_gen.pdbx_gene_src_atcc                 ? 
_entity_src_gen.pdbx_gene_src_organ                ? 
_entity_src_gen.pdbx_gene_src_organelle            ? 
_entity_src_gen.pdbx_gene_src_cell                 ? 
_entity_src_gen.pdbx_gene_src_cellular_location    ? 
_entity_src_gen.host_org_common_name               ? 
_entity_src_gen.pdbx_host_org_scientific_name      'Escherichia coli' 
_entity_src_gen.pdbx_host_org_ncbi_taxonomy_id     469008 
_entity_src_gen.host_org_genus                     ? 
_entity_src_gen.pdbx_host_org_gene                 ? 
_entity_src_gen.pdbx_host_org_organ                ? 
_entity_src_gen.host_org_species                   ? 
_entity_src_gen.pdbx_host_org_tissue               ? 
_entity_src_gen.pdbx_host_org_tissue_fraction      ? 
_entity_src_gen.pdbx_host_org_strain               'BL21(de3)' 
_entity_src_gen.pdbx_host_org_variant              ? 
_entity_src_gen.pdbx_host_org_cell_line            ? 
_entity_src_gen.pdbx_host_org_atcc                 ? 
_entity_src_gen.pdbx_host_org_culture_collection   ? 
_entity_src_gen.pdbx_host_org_cell                 ? 
_entity_src_gen.pdbx_host_org_organelle            ? 
_entity_src_gen.pdbx_host_org_cellular_location    ? 
_entity_src_gen.pdbx_host_org_vector_type          pET28a 
_entity_src_gen.pdbx_host_org_vector               ? 
_entity_src_gen.host_org_details                   ? 
_entity_src_gen.expression_system_id               ? 
_entity_src_gen.plasmid_name                       ? 
_entity_src_gen.plasmid_details                    ? 
_entity_src_gen.pdbx_description                   ? 
# 
loop_
_chem_comp.id 
_chem_comp.type 
_chem_comp.mon_nstd_flag 
_chem_comp.name 
_chem_comp.pdbx_synonyms 
_chem_comp.formula 
_chem_comp.formula_weight 
ALA 'L-peptide linking' y ALANINE                                        ? 'C3 H7 N O2'     89.093  
ARG 'L-peptide linking' y ARGININE                                       ? 'C6 H15 N4 O2 1' 175.209 
ASN 'L-peptide linking' y ASPARAGINE                                     ? 'C4 H8 N2 O3'    132.118 
ASP 'L-peptide linking' y 'ASPARTIC ACID'                                ? 'C4 H7 N O4'     133.103 
CL  non-polymer         . 'CHLORIDE ION'                                 ? 'Cl -1'          35.453  
CYS 'L-peptide linking' y CYSTEINE                                       ? 'C3 H7 N O2 S'   121.158 
GLN 'L-peptide linking' y GLUTAMINE                                      ? 'C5 H10 N2 O3'   146.144 
GLU 'L-peptide linking' y 'GLUTAMIC ACID'                                ? 'C5 H9 N O4'     147.129 
GLY 'peptide linking'   y GLYCINE                                        ? 'C2 H5 N O2'     75.067  
HIS 'L-peptide linking' y HISTIDINE                                      ? 'C6 H10 N3 O2 1' 156.162 
HOH non-polymer         . WATER                                          ? 'H2 O'           18.015  
ILE 'L-peptide linking' y ISOLEUCINE                                     ? 'C6 H13 N O2'    131.173 
KIJ non-polymer         . '3,4-dihydroxy-5-(3-nitrophenoxy)benzoic acid' ? 'C13 H9 N O7'    291.213 
LEU 'L-peptide linking' y LEUCINE                                        ? 'C6 H13 N O2'    131.173 
LYS 'L-peptide linking' y LYSINE                                         ? 'C6 H15 N2 O2 1' 147.195 
MET 'L-peptide linking' y METHIONINE                                     ? 'C5 H11 N O2 S'  149.211 
PHE 'L-peptide linking' y PHENYLALANINE                                  ? 'C9 H11 N O2'    165.189 
PRO 'L-peptide linking' y PROLINE                                        ? 'C5 H9 N O2'     115.130 
SER 'L-peptide linking' y SERINE                                         ? 'C3 H7 N O3'     105.093 
THR 'L-peptide linking' y THREONINE                                      ? 'C4 H9 N O3'     119.119 
TRP 'L-peptide linking' y TRYPTOPHAN                                     ? 'C11 H12 N2 O2'  204.225 
TYR 'L-peptide linking' y TYROSINE                                       ? 'C9 H11 N O3'    181.189 
VAL 'L-peptide linking' y VALINE                                         ? 'C5 H11 N O2'    117.146 
# 
loop_
_pdbx_poly_seq_scheme.asym_id 
_pdbx_poly_seq_scheme.entity_id 
_pdbx_poly_seq_scheme.seq_id 
_pdbx_poly_seq_scheme.mon_id 
_pdbx_poly_seq_scheme.ndb_seq_num 
_pdbx_poly_seq_scheme.pdb_seq_num 
_pdbx_poly_seq_scheme.auth_seq_num 
_pdbx_poly_seq_scheme.pdb_mon_id 
_pdbx_poly_seq_scheme.auth_mon_id 
_pdbx_poly_seq_scheme.pdb_strand_id 
_pdbx_poly_seq_scheme.pdb_ins_code 
_pdbx_poly_seq_scheme.hetero 
A 1 1   LEU 1   -6  ?   ?   ?   A . n 
A 1 2   TYR 2   -5  ?   ?   ?   A . n 
A 1 3   PHE 3   -4  ?   ?   ?   A . n 
A 1 4   GLN 4   -3  ?   ?   ?   A . n 
A 1 5   SER 5   -2  ?   ?   ?   A . n 
A 1 6   HIS 6   -1  ?   ?   ?   A . n 
A 1 7   MET 7   0   ?   ?   ?   A . n 
A 1 8   SER 8   1   ?   ?   ?   A . n 
A 1 9   GLU 9   2   2   GLU GLU A . n 
A 1 10  LEU 10  3   3   LEU LEU A . n 
A 1 11  ILE 11  4   4   ILE ILE A . n 
A 1 12  VAL 12  5   5   VAL VAL A . n 
A 1 13  ASN 13  6   6   ASN ASN A . n 
A 1 14  VAL 14  7   7   VAL VAL A . n 
A 1 15  ILE 15  8   8   ILE ILE A . n 
A 1 16  ASN 16  9   9   ASN ASN A . n 
A 1 17  GLY 17  10  10  GLY GLY A . n 
A 1 18  PRO 18  11  11  PRO PRO A . n 
A 1 19  ASN 19  12  12  ASN ASN A . n 
A 1 20  LEU 20  13  13  LEU LEU A . n 
A 1 21  GLY 21  14  14  GLY GLY A . n 
A 1 22  ARG 22  15  15  ARG ARG A . n 
A 1 23  LEU 23  16  16  LEU LEU A . n 
A 1 24  ALA 24  17  17  ALA ALA A . n 
A 1 25  ARG 25  18  18  ARG ARG A . n 
A 1 26  ARG 26  19  19  ARG ARG A . n 
A 1 27  GLU 27  20  20  GLU GLU A . n 
A 1 28  PRO 28  21  21  PRO PRO A . n 
A 1 29  ALA 29  22  22  ALA ALA A . n 
A 1 30  VAL 30  23  23  VAL VAL A . n 
A 1 31  TYR 31  24  24  TYR TYR A . n 
A 1 32  GLY 32  25  25  GLY GLY A . n 
A 1 33  GLY 33  26  26  GLY GLY A . n 
A 1 34  THR 34  27  27  THR THR A . n 
A 1 35  THR 35  28  28  THR THR A . n 
A 1 36  HIS 36  29  29  HIS HIS A . n 
A 1 37  ASP 37  30  30  ASP ASP A . n 
A 1 38  GLU 38  31  31  GLU GLU A . n 
A 1 39  LEU 39  32  32  LEU LEU A . n 
A 1 40  VAL 40  33  33  VAL VAL A . n 
A 1 41  ALA 41  34  34  ALA ALA A . n 
A 1 42  LEU 42  35  35  LEU LEU A . n 
A 1 43  ILE 43  36  36  ILE ILE A . n 
A 1 44  GLU 44  37  37  GLU GLU A . n 
A 1 45  ARG 45  38  38  ARG ARG A . n 
A 1 46  GLU 46  39  39  GLU GLU A . n 
A 1 47  ALA 47  40  40  ALA ALA A . n 
A 1 48  ALA 48  41  41  ALA ALA A . n 
A 1 49  GLU 49  42  42  GLU GLU A . n 
A 1 50  LEU 50  43  43  LEU LEU A . n 
A 1 51  GLY 51  44  44  GLY GLY A . n 
A 1 52  LEU 52  45  45  LEU LEU A . n 
A 1 53  LYS 53  46  46  LYS LYS A . n 
A 1 54  ALA 54  47  47  ALA ALA A . n 
A 1 55  VAL 55  48  48  VAL VAL A . n 
A 1 56  VAL 56  49  49  VAL VAL A . n 
A 1 57  ARG 57  50  50  ARG ARG A . n 
A 1 58  GLN 58  51  51  GLN GLN A . n 
A 1 59  SER 59  52  52  SER SER A . n 
A 1 60  ASP 60  53  53  ASP ASP A . n 
A 1 61  SER 61  54  54  SER SER A . n 
A 1 62  GLU 62  55  55  GLU GLU A . n 
A 1 63  ALA 63  56  56  ALA ALA A . n 
A 1 64  GLN 64  57  57  GLN GLN A . n 
A 1 65  LEU 65  58  58  LEU LEU A . n 
A 1 66  LEU 66  59  59  LEU LEU A . n 
A 1 67  ASP 67  60  60  ASP ASP A . n 
A 1 68  TRP 68  61  61  TRP TRP A . n 
A 1 69  ILE 69  62  62  ILE ILE A . n 
A 1 70  HIS 70  63  63  HIS HIS A . n 
A 1 71  GLN 71  64  64  GLN GLN A . n 
A 1 72  ALA 72  65  65  ALA ALA A . n 
A 1 73  ALA 73  66  66  ALA ALA A . n 
A 1 74  ASP 74  67  67  ASP ASP A . n 
A 1 75  ALA 75  68  68  ALA ALA A . n 
A 1 76  ALA 76  69  69  ALA ALA A . n 
A 1 77  GLU 77  70  70  GLU GLU A . n 
A 1 78  PRO 78  71  71  PRO PRO A . n 
A 1 79  VAL 79  72  72  VAL VAL A . n 
A 1 80  ILE 80  73  73  ILE ILE A . n 
A 1 81  LEU 81  74  74  LEU LEU A . n 
A 1 82  ASN 82  75  75  ASN ASN A . n 
A 1 83  ALA 83  76  76  ALA ALA A . n 
A 1 84  GLY 84  77  77  GLY GLY A . n 
A 1 85  GLY 85  78  78  GLY GLY A . n 
A 1 86  LEU 86  79  79  LEU LEU A . n 
A 1 87  THR 87  80  80  THR THR A . n 
A 1 88  HIS 88  81  81  HIS HIS A . n 
A 1 89  THR 89  82  82  THR THR A . n 
A 1 90  SER 90  83  83  SER SER A . n 
A 1 91  VAL 91  84  84  VAL VAL A . n 
A 1 92  ALA 92  85  85  ALA ALA A . n 
A 1 93  LEU 93  86  86  LEU LEU A . n 
A 1 94  ARG 94  87  87  ARG ARG A . n 
A 1 95  ASP 95  88  88  ASP ASP A . n 
A 1 96  ALA 96  89  89  ALA ALA A . n 
A 1 97  CYS 97  90  90  CYS CYS A . n 
A 1 98  ALA 98  91  91  ALA ALA A . n 
A 1 99  GLU 99  92  92  GLU GLU A . n 
A 1 100 LEU 100 93  93  LEU LEU A . n 
A 1 101 SER 101 94  94  SER SER A . n 
A 1 102 ALA 102 95  95  ALA ALA A . n 
A 1 103 PRO 103 96  96  PRO PRO A . n 
A 1 104 LEU 104 97  97  LEU LEU A . n 
A 1 105 ILE 105 98  98  ILE ILE A . n 
A 1 106 GLU 106 99  99  GLU GLU A . n 
A 1 107 VAL 107 100 100 VAL VAL A . n 
A 1 108 HIS 108 101 101 HIS HIS A . n 
A 1 109 ILE 109 102 102 ILE ILE A . n 
A 1 110 SER 110 103 103 SER SER A . n 
A 1 111 ASN 111 104 104 ASN ASN A . n 
A 1 112 VAL 112 105 105 VAL VAL A . n 
A 1 113 HIS 113 106 106 HIS HIS A . n 
A 1 114 ALA 114 107 107 ALA ALA A . n 
A 1 115 ARG 115 108 108 ARG ARG A . n 
A 1 116 GLU 116 109 109 GLU GLU A . n 
A 1 117 GLU 117 110 110 GLU GLU A . n 
A 1 118 PHE 118 111 111 PHE PHE A . n 
A 1 119 ARG 119 112 112 ARG ARG A . n 
A 1 120 ARG 120 113 113 ARG ARG A . n 
A 1 121 HIS 121 114 114 HIS HIS A . n 
A 1 122 SER 122 115 115 SER SER A . n 
A 1 123 TYR 123 116 116 TYR TYR A . n 
A 1 124 LEU 124 117 117 LEU LEU A . n 
A 1 125 SER 125 118 118 SER SER A . n 
A 1 126 PRO 126 119 119 PRO PRO A . n 
A 1 127 ILE 127 120 120 ILE ILE A . n 
A 1 128 ALA 128 121 121 ALA ALA A . n 
A 1 129 THR 129 122 122 THR THR A . n 
A 1 130 GLY 130 123 123 GLY GLY A . n 
A 1 131 VAL 131 124 124 VAL VAL A . n 
A 1 132 ILE 132 125 125 ILE ILE A . n 
A 1 133 VAL 133 126 126 VAL VAL A . n 
A 1 134 GLY 134 127 127 GLY GLY A . n 
A 1 135 LEU 135 128 128 LEU LEU A . n 
A 1 136 GLY 136 129 129 GLY GLY A . n 
A 1 137 ILE 137 130 130 ILE ILE A . n 
A 1 138 GLN 138 131 131 GLN GLN A . n 
A 1 139 GLY 139 132 132 GLY GLY A . n 
A 1 140 TYR 140 133 133 TYR TYR A . n 
A 1 141 LEU 141 134 134 LEU LEU A . n 
A 1 142 LEU 142 135 135 LEU LEU A . n 
A 1 143 ALA 143 136 136 ALA ALA A . n 
A 1 144 LEU 144 137 137 LEU LEU A . n 
A 1 145 ARG 145 138 138 ARG ARG A . n 
A 1 146 TYR 146 139 139 TYR TYR A . n 
A 1 147 LEU 147 140 140 LEU LEU A . n 
A 1 148 ALA 148 141 141 ALA ALA A . n 
A 1 149 GLU 149 142 142 GLU GLU A . n 
A 1 150 HIS 150 143 143 HIS HIS A . n 
A 1 151 VAL 151 144 ?   ?   ?   A . n 
A 1 152 GLY 152 145 ?   ?   ?   A . n 
A 1 153 THR 153 146 ?   ?   ?   A . n 
# 
loop_
_pdbx_nonpoly_scheme.asym_id 
_pdbx_nonpoly_scheme.entity_id 
_pdbx_nonpoly_scheme.mon_id 
_pdbx_nonpoly_scheme.ndb_seq_num 
_pdbx_nonpoly_scheme.pdb_seq_num 
_pdbx_nonpoly_scheme.auth_seq_num 
_pdbx_nonpoly_scheme.pdb_mon_id 
_pdbx_nonpoly_scheme.auth_mon_id 
_pdbx_nonpoly_scheme.pdb_strand_id 
_pdbx_nonpoly_scheme.pdb_ins_code 
B 2 CL  1  201 1  CL  CL  A . 
C 3 KIJ 1  202 1  KIJ KIJ A . 
D 4 HOH 1  301 1  HOH HOH A . 
D 4 HOH 2  302 3  HOH HOH A . 
D 4 HOH 3  303 4  HOH HOH A . 
D 4 HOH 4  304 5  HOH HOH A . 
D 4 HOH 5  305 6  HOH HOH A . 
D 4 HOH 6  306 7  HOH HOH A . 
D 4 HOH 7  307 8  HOH HOH A . 
D 4 HOH 8  308 9  HOH HOH A . 
D 4 HOH 9  309 10 HOH HOH A . 
D 4 HOH 10 310 13 HOH HOH A . 
D 4 HOH 11 311 14 HOH HOH A . 
D 4 HOH 12 312 15 HOH HOH A . 
D 4 HOH 13 313 17 HOH HOH A . 
D 4 HOH 14 314 18 HOH HOH A . 
D 4 HOH 15 315 20 HOH HOH A . 
D 4 HOH 16 316 22 HOH HOH A . 
D 4 HOH 17 317 23 HOH HOH A . 
D 4 HOH 18 318 25 HOH HOH A . 
D 4 HOH 19 319 27 HOH HOH A . 
D 4 HOH 20 320 29 HOH HOH A . 
D 4 HOH 21 321 32 HOH HOH A . 
D 4 HOH 22 322 34 HOH HOH A . 
D 4 HOH 23 323 35 HOH HOH A . 
D 4 HOH 24 324 37 HOH HOH A . 
D 4 HOH 25 325 38 HOH HOH A . 
D 4 HOH 26 326 44 HOH HOH A . 
D 4 HOH 27 327 45 HOH HOH A . 
D 4 HOH 28 328 49 HOH HOH A . 
D 4 HOH 29 329 2  HOH HOH A . 
D 4 HOH 30 330 3  HOH HOH A . 
# 
loop_
_pdbx_unobs_or_zero_occ_atoms.id 
_pdbx_unobs_or_zero_occ_atoms.PDB_model_num 
_pdbx_unobs_or_zero_occ_atoms.polymer_flag 
_pdbx_unobs_or_zero_occ_atoms.occupancy_flag 
_pdbx_unobs_or_zero_occ_atoms.auth_asym_id 
_pdbx_unobs_or_zero_occ_atoms.auth_comp_id 
_pdbx_unobs_or_zero_occ_atoms.auth_seq_id 
_pdbx_unobs_or_zero_occ_atoms.PDB_ins_code 
_pdbx_unobs_or_zero_occ_atoms.auth_atom_id 
_pdbx_unobs_or_zero_occ_atoms.label_alt_id 
_pdbx_unobs_or_zero_occ_atoms.label_asym_id 
_pdbx_unobs_or_zero_occ_atoms.label_comp_id 
_pdbx_unobs_or_zero_occ_atoms.label_seq_id 
_pdbx_unobs_or_zero_occ_atoms.label_atom_id 
1 1 Y 1 A GLU 2 ? CG  ? A GLU 9 CG  
2 1 Y 1 A GLU 2 ? CD  ? A GLU 9 CD  
3 1 Y 1 A GLU 2 ? OE1 ? A GLU 9 OE1 
4 1 Y 1 A GLU 2 ? OE2 ? A GLU 9 OE2 
# 
loop_
_software.pdbx_ordinal 
_software.name 
_software.version 
_software.date 
_software.type 
_software.contact_author 
_software.contact_author_email 
_software.classification 
_software.location 
_software.language 
_software.citation_id 
1 REFMAC      5.6.0117 ?                program 'Garib N. Murshudov' garib@ysbl.york.ac.uk    refinement        
http://www.ccp4.ac.uk/dist/html/refmac5.html Fortran_77 ? 
2 PDB_EXTRACT 3.11     'April 22, 2011' package PDB                  deposit@deposit.rcsb.org 'data extraction' 
http://sw-tools.pdb.org/apps/PDB_EXTRACT/    C++        ? 
3 DNA         .        ?                ?       ?                    ?                        'data collection' ? ?          ? 
4 MOSFLM      .        ?                ?       ?                    ?                        'data reduction'  ? ?          ? 
5 SCALA       .        ?                ?       ?                    ?                        'data scaling'    ? ?          ? 
6 AMoRE       .        ?                ?       ?                    ?                        phasing           ? ?          ? 
# 
_cell.length_a           126.980 
_cell.length_b           126.980 
_cell.length_c           126.980 
_cell.angle_alpha        90.000 
_cell.angle_beta         90.000 
_cell.angle_gamma        90.000 
_cell.entry_id           4KIJ 
_cell.pdbx_unique_axis   ? 
_cell.Z_PDB              48 
_cell.length_a_esd       ? 
_cell.length_b_esd       ? 
_cell.length_c_esd       ? 
_cell.angle_alpha_esd    ? 
_cell.angle_beta_esd     ? 
_cell.angle_gamma_esd    ? 
# 
_symmetry.space_group_name_H-M             'F 2 3' 
_symmetry.entry_id                         4KIJ 
_symmetry.pdbx_full_space_group_name_H-M   ? 
_symmetry.Int_Tables_number                196 
_symmetry.cell_setting                     ? 
_symmetry.space_group_name_Hall            ? 
# 
_exptl.crystals_number   1 
_exptl.entry_id          4KIJ 
_exptl.method            'X-RAY DIFFRACTION' 
# 
_exptl_crystal.id                    1 
_exptl_crystal.density_Matthews      2.57 
_exptl_crystal.density_meas          ? 
_exptl_crystal.density_percent_sol   52.13 
_exptl_crystal.description           ? 
_exptl_crystal.F_000                 ? 
_exptl_crystal.preparation           ? 
# 
_exptl_crystal_grow.crystal_id      1 
_exptl_crystal_grow.method          'VAPOR DIFFUSION, HANGING DROP' 
_exptl_crystal_grow.pH              7.5 
_exptl_crystal_grow.temp            298 
_exptl_crystal_grow.temp_details    ? 
_exptl_crystal_grow.pdbx_details    '0.1 M Hepes, 25% PEG 6000, pH 7.5, VAPOR DIFFUSION, HANGING DROP, temperature 298K' 
_exptl_crystal_grow.pdbx_pH_range   ? 
# 
_diffrn.id                     1 
_diffrn.ambient_temp           100 
_diffrn.ambient_temp_details   ? 
_diffrn.crystal_id             1 
# 
_diffrn_detector.diffrn_id              1 
_diffrn_detector.detector               CCD 
_diffrn_detector.type                   'MAR CCD 165 mm' 
_diffrn_detector.pdbx_collection_date   2009-06-15 
_diffrn_detector.details                ? 
# 
_diffrn_radiation.diffrn_id                        1 
_diffrn_radiation.wavelength_id                    1 
_diffrn_radiation.pdbx_diffrn_protocol             'SINGLE WAVELENGTH' 
_diffrn_radiation.monochromator                    mirrors 
_diffrn_radiation.pdbx_monochromatic_or_laue_m_l   M 
_diffrn_radiation.pdbx_scattering_type             x-ray 
# 
_diffrn_radiation_wavelength.id           1 
_diffrn_radiation_wavelength.wavelength   0.97160 
_diffrn_radiation_wavelength.wt           1.0 
# 
_diffrn_source.diffrn_id                   1 
_diffrn_source.source                      SYNCHROTRON 
_diffrn_source.type                        'ESRF BEAMLINE ID23-1' 
_diffrn_source.pdbx_wavelength             ? 
_diffrn_source.pdbx_wavelength_list        0.97160 
_diffrn_source.pdbx_synchrotron_site       ESRF 
_diffrn_source.pdbx_synchrotron_beamline   ID23-1 
# 
_reflns.entry_id                     4KIJ 
_reflns.observed_criterion_sigma_F   2 
_reflns.observed_criterion_sigma_I   2 
_reflns.d_resolution_high            2.8 
_reflns.d_resolution_low             44.9 
_reflns.number_all                   4288 
_reflns.number_obs                   4286 
_reflns.percent_possible_obs         99.9 
_reflns.pdbx_netI_over_sigmaI        ? 
_reflns.B_iso_Wilson_estimate        ? 
_reflns.pdbx_redundancy              ? 
_reflns.R_free_details               ? 
_reflns.limit_h_max                  ? 
_reflns.limit_h_min                  ? 
_reflns.limit_k_max                  ? 
_reflns.limit_k_min                  ? 
_reflns.limit_l_max                  ? 
_reflns.limit_l_min                  ? 
_reflns.observed_criterion_F_max     ? 
_reflns.observed_criterion_F_min     ? 
_reflns.pdbx_chi_squared             ? 
_reflns.pdbx_scaling_rejects         ? 
_reflns.pdbx_Rmerge_I_obs            ? 
_reflns.pdbx_Rsym_value              ? 
_reflns.pdbx_ordinal                 1 
_reflns.pdbx_diffrn_id               1 
# 
_reflns_shell.d_res_high             2.8 
_reflns_shell.d_res_low              2.9 
_reflns_shell.percent_possible_obs   ? 
_reflns_shell.percent_possible_all   100 
_reflns_shell.Rmerge_I_obs           ? 
_reflns_shell.meanI_over_sigI_obs    ? 
_reflns_shell.pdbx_Rsym_value        ? 
_reflns_shell.pdbx_redundancy        ? 
_reflns_shell.number_unique_all      ? 
_reflns_shell.number_measured_all    ? 
_reflns_shell.number_measured_obs    ? 
_reflns_shell.number_unique_obs      ? 
_reflns_shell.pdbx_chi_squared       ? 
_reflns_shell.pdbx_ordinal           1 
_reflns_shell.pdbx_diffrn_id         1 
# 
_refine.entry_id                                 4KIJ 
_refine.ls_d_res_high                            2.8000 
_refine.ls_d_res_low                             25.9200 
_refine.pdbx_ls_sigma_F                          0.000 
_refine.pdbx_data_cutoff_high_absF               ? 
_refine.pdbx_data_cutoff_low_absF                ? 
_refine.ls_percent_reflns_obs                    99.6300 
_refine.ls_number_reflns_obs                     4281 
_refine.ls_number_reflns_all                     4286 
_refine.pdbx_ls_cross_valid_method               THROUGHOUT 
_refine.pdbx_R_Free_selection_details            RANDOM 
_refine.details                                  'HYDROGENS HAVE BEEN USED IF PRESENT IN THE INPUT U VALUES: REFINED INDIVIDUALLY' 
_refine.ls_R_factor_all                          ? 
_refine.ls_R_factor_obs                          0.1929 
_refine.ls_R_factor_R_work                       0.1901 
_refine.ls_wR_factor_R_work                      ? 
_refine.ls_R_factor_R_free                       0.2479 
_refine.ls_wR_factor_R_free                      ? 
_refine.ls_percent_reflns_R_free                 4.6000 
_refine.ls_number_reflns_R_free                  195 
_refine.ls_R_factor_R_free_error                 ? 
_refine.B_iso_mean                               26.1213 
_refine.solvent_model_param_bsol                 ? 
_refine.solvent_model_param_ksol                 ? 
_refine.pdbx_isotropic_thermal_model             ? 
_refine.aniso_B[1][1]                            ? 
_refine.aniso_B[2][2]                            ? 
_refine.aniso_B[3][3]                            ? 
_refine.aniso_B[1][2]                            ? 
_refine.aniso_B[1][3]                            ? 
_refine.aniso_B[2][3]                            ? 
_refine.correlation_coeff_Fo_to_Fc               0.9170 
_refine.correlation_coeff_Fo_to_Fc_free          0.8560 
_refine.overall_SU_R_Cruickshank_DPI             ? 
_refine.overall_SU_R_free                        ? 
_refine.pdbx_overall_ESU_R                       ? 
_refine.pdbx_overall_ESU_R_Free                  0.3710 
_refine.overall_SU_ML                            0.3330 
_refine.overall_SU_B                             17.2200 
_refine.solvent_model_details                    MASK 
_refine.pdbx_solvent_vdw_probe_radii             1.2000 
_refine.pdbx_solvent_ion_probe_radii             0.8000 
_refine.pdbx_solvent_shrinkage_radii             0.8000 
_refine.ls_number_parameters                     ? 
_refine.ls_number_restraints                     ? 
_refine.pdbx_starting_model                      ? 
_refine.pdbx_method_to_determine_struct          'MOLECULAR REPLACEMENT' 
_refine.pdbx_stereochemistry_target_values       'MAXIMUM LIKELIHOOD' 
_refine.pdbx_stereochem_target_val_spec_case     ? 
_refine.overall_FOM_work_R_set                   ? 
_refine.B_iso_max                                63.940 
_refine.B_iso_min                                2.000 
_refine.pdbx_overall_phase_error                 ? 
_refine.occupancy_max                            1.000 
_refine.occupancy_min                            0.500 
_refine.pdbx_ls_sigma_I                          ? 
_refine.ls_redundancy_reflns_obs                 ? 
_refine.ls_R_factor_R_free_error_details         ? 
_refine.pdbx_data_cutoff_high_rms_absF           ? 
_refine.overall_FOM_free_R_set                   ? 
_refine.pdbx_diffrn_id                           1 
_refine.pdbx_refine_id                           'X-RAY DIFFRACTION' 
_refine.pdbx_TLS_residual_ADP_flag               ? 
_refine.pdbx_overall_SU_R_free_Cruickshank_DPI   ? 
_refine.pdbx_overall_SU_R_Blow_DPI               ? 
_refine.pdbx_overall_SU_R_free_Blow_DPI          ? 
# 
_refine_hist.pdbx_refine_id                   'X-RAY DIFFRACTION' 
_refine_hist.cycle_id                         LAST 
_refine_hist.pdbx_number_atoms_protein        1077 
_refine_hist.pdbx_number_atoms_nucleic_acid   0 
_refine_hist.pdbx_number_atoms_ligand         22 
_refine_hist.number_atoms_solvent             30 
_refine_hist.number_atoms_total               1129 
_refine_hist.d_res_high                       2.8000 
_refine_hist.d_res_low                        25.9200 
# 
loop_
_refine_ls_restr.type 
_refine_ls_restr.number 
_refine_ls_restr.dev_ideal 
_refine_ls_restr.dev_ideal_target 
_refine_ls_restr.weight 
_refine_ls_restr.pdbx_restraint_function 
_refine_ls_restr.pdbx_refine_id 
r_bond_refined_d       1117 0.011  0.020  ? ? 'X-RAY DIFFRACTION' 
r_angle_refined_deg    1523 1.768  1.982  ? ? 'X-RAY DIFFRACTION' 
r_dihedral_angle_1_deg 141  7.613  5.000  ? ? 'X-RAY DIFFRACTION' 
r_dihedral_angle_2_deg 49   32.880 23.265 ? ? 'X-RAY DIFFRACTION' 
r_dihedral_angle_3_deg 174  18.601 15.000 ? ? 'X-RAY DIFFRACTION' 
r_dihedral_angle_4_deg 10   15.197 15.000 ? ? 'X-RAY DIFFRACTION' 
r_chiral_restr         178  0.084  0.200  ? ? 'X-RAY DIFFRACTION' 
r_gen_planes_refined   855  0.005  0.021  ? ? 'X-RAY DIFFRACTION' 
# 
_refine_ls_shell.d_res_high                       2.8000 
_refine_ls_shell.d_res_low                        2.8720 
_refine_ls_shell.pdbx_total_number_of_bins_used   20 
_refine_ls_shell.percent_reflns_obs               100.0000 
_refine_ls_shell.number_reflns_R_work             289 
_refine_ls_shell.R_factor_all                     ? 
_refine_ls_shell.R_factor_R_work                  0.2640 
_refine_ls_shell.R_factor_R_free                  0.2650 
_refine_ls_shell.percent_reflns_R_free            ? 
_refine_ls_shell.number_reflns_R_free             14 
_refine_ls_shell.R_factor_R_free_error            ? 
_refine_ls_shell.number_reflns_all                303 
_refine_ls_shell.number_reflns_obs                ? 
_refine_ls_shell.redundancy_reflns_obs            ? 
_refine_ls_shell.pdbx_refine_id                   'X-RAY DIFFRACTION' 
# 
_struct.entry_id                  4KIJ 
_struct.title                     
;Design and structural analysis of aromatic inhibitors of type II dehydroquinase dehydratase from Mycobacterium tuberculosis - compound 35c [3,4-dihydroxy-5-(3-nitrophenoxy)benzoic acid]
;
_struct.pdbx_model_details        ? 
_struct.pdbx_CASP_flag            ? 
_struct.pdbx_model_type_details   ? 
# 
_struct_keywords.entry_id        4KIJ 
_struct_keywords.pdbx_keywords   'Lyase/Lyase Inhibitor' 
_struct_keywords.text            'dehydratase, Lyase-Lyase Inhibitor complex' 
# 
loop_
_struct_asym.id 
_struct_asym.pdbx_blank_PDB_chainid_flag 
_struct_asym.pdbx_modified 
_struct_asym.entity_id 
_struct_asym.details 
A N N 1 ? 
B N N 2 ? 
C N N 3 ? 
D N N 4 ? 
# 
_struct_ref.id                         1 
_struct_ref.db_name                    UNP 
_struct_ref.db_code                    AROQ_MYCTU 
_struct_ref.pdbx_db_accession          P0A4Z6 
_struct_ref.entity_id                  1 
_struct_ref.pdbx_seq_one_letter_code   
;MSELIVNVINGPNLGRLGRREPAVYGGTTHDELVALIEREAAELGLKAVVRQSDSEAQLLDWIHQAADAAEPVILNAGGL
THTSVALRDACAELSAPLIEVHISNVHAREEFRRHSYLSPIATGVIVGLGIQGYLLALRYLAEHVGT
;
_struct_ref.pdbx_align_begin           1 
_struct_ref.pdbx_db_isoform            ? 
# 
_struct_ref_seq.align_id                      1 
_struct_ref_seq.ref_id                        1 
_struct_ref_seq.pdbx_PDB_id_code              4KIJ 
_struct_ref_seq.pdbx_strand_id                A 
_struct_ref_seq.seq_align_beg                 7 
_struct_ref_seq.pdbx_seq_align_beg_ins_code   ? 
_struct_ref_seq.seq_align_end                 153 
_struct_ref_seq.pdbx_seq_align_end_ins_code   ? 
_struct_ref_seq.pdbx_db_accession             P0A4Z6 
_struct_ref_seq.db_align_beg                  1 
_struct_ref_seq.pdbx_db_align_beg_ins_code    ? 
_struct_ref_seq.db_align_end                  147 
_struct_ref_seq.pdbx_db_align_end_ins_code    ? 
_struct_ref_seq.pdbx_auth_seq_align_beg       0 
_struct_ref_seq.pdbx_auth_seq_align_end       146 
# 
loop_
_struct_ref_seq_dif.align_id 
_struct_ref_seq_dif.pdbx_pdb_id_code 
_struct_ref_seq_dif.mon_id 
_struct_ref_seq_dif.pdbx_pdb_strand_id 
_struct_ref_seq_dif.seq_num 
_struct_ref_seq_dif.pdbx_pdb_ins_code 
_struct_ref_seq_dif.pdbx_seq_db_name 
_struct_ref_seq_dif.pdbx_seq_db_accession_code 
_struct_ref_seq_dif.db_mon_id 
_struct_ref_seq_dif.pdbx_seq_db_seq_num 
_struct_ref_seq_dif.details 
_struct_ref_seq_dif.pdbx_auth_seq_num 
_struct_ref_seq_dif.pdbx_ordinal 
1 4KIJ LEU A 1  ? UNP P0A4Z6 ?   ?  'expression tag' -6 1 
1 4KIJ TYR A 2  ? UNP P0A4Z6 ?   ?  'expression tag' -5 2 
1 4KIJ PHE A 3  ? UNP P0A4Z6 ?   ?  'expression tag' -4 3 
1 4KIJ GLN A 4  ? UNP P0A4Z6 ?   ?  'expression tag' -3 4 
1 4KIJ SER A 5  ? UNP P0A4Z6 ?   ?  'expression tag' -2 5 
1 4KIJ HIS A 6  ? UNP P0A4Z6 ?   ?  'expression tag' -1 6 
1 4KIJ ALA A 24 ? UNP P0A4Z6 GLY 18 conflict         17 7 
# 
_pdbx_struct_assembly.id                   1 
_pdbx_struct_assembly.details              author_and_software_defined_assembly 
_pdbx_struct_assembly.method_details       PISA 
_pdbx_struct_assembly.oligomeric_details   dodecameric 
_pdbx_struct_assembly.oligomeric_count     12 
# 
loop_
_pdbx_struct_assembly_prop.biol_id 
_pdbx_struct_assembly_prop.type 
_pdbx_struct_assembly_prop.value 
_pdbx_struct_assembly_prop.details 
1 'ABSA (A^2)' 27910 ? 
1 MORE         -118  ? 
1 'SSA (A^2)'  53650 ? 
# 
_pdbx_struct_assembly_gen.assembly_id       1 
_pdbx_struct_assembly_gen.oper_expression   1,2,3,4,5,6,7,8,9,10,11,12 
_pdbx_struct_assembly_gen.asym_id_list      A,B,C,D 
# 
loop_
_pdbx_struct_oper_list.id 
_pdbx_struct_oper_list.type 
_pdbx_struct_oper_list.name 
_pdbx_struct_oper_list.symmetry_operation 
_pdbx_struct_oper_list.matrix[1][1] 
_pdbx_struct_oper_list.matrix[1][2] 
_pdbx_struct_oper_list.matrix[1][3] 
_pdbx_struct_oper_list.vector[1] 
_pdbx_struct_oper_list.matrix[2][1] 
_pdbx_struct_oper_list.matrix[2][2] 
_pdbx_struct_oper_list.matrix[2][3] 
_pdbx_struct_oper_list.vector[2] 
_pdbx_struct_oper_list.matrix[3][1] 
_pdbx_struct_oper_list.matrix[3][2] 
_pdbx_struct_oper_list.matrix[3][3] 
_pdbx_struct_oper_list.vector[3] 
1  'identity operation'         1_555  x,y,z           1.0000000000  0.0000000000  0.0000000000  0.0000000000   0.0000000000  1.0000000000  0.0000000000  0.0000000000   0.0000000000  0.0000000000  1.0000000000  0.0000000000   
2  'crystal symmetry operation' 8_555  -z,x,-y         0.4794363100  0.4962565649  -0.7237888134 -31.8692482339 -0.5239086347 -0.4998048273 -0.6897208690 -9.0685735533  -0.7040316521 0.7098764374  0.0203685173  -43.5468145043 
3  'crystal symmetry operation' 11_555 y,-z,-x         0.4794363100  -0.5239086347 -0.7040316521 -20.1301649717 0.4962565649  -0.4998048273 0.7098764374  42.1956643576  -0.7237888134 -0.6897208690 0.0203685173  -28.4344057506 
4  'crystal symmetry operation' 16_545 x,-y-1/2,-z+1/2 -0.9849907015 -0.0896393782 -0.1475062707 -48.9556276029 -0.0896393782 -0.4646506555 0.8809452595  31.2085940597  -0.1475062707 0.8809452595  0.4496413570  -23.9468368375 
5  'crystal symmetry operation' 19_545 -z,-x-1/2,y+1/2 -0.3214283796 -0.5487171340 0.7717469169  -10.3283849269 -0.4197552286 0.8131127931  0.4033027819  -0.0833075003  -0.8488164377 -0.1943118438 -0.4916844135 -46.8152885291 
6  'crystal symmetry operation' 21_545 y,z-1/2,x+1/2   -0.4099610486 0.6625854808  0.6268272643  -28.7157422525 -0.9111806350 -0.3284088450 -0.2487920437 -11.6423485245 0.0410096220  -0.6731479118 0.7383698935  3.4092744251   
7  'crystal symmetry operation' 27_455 -x-1/2,y,-z+1/2 -0.6784118900 0.6419094210  -0.3573648035 -53.8818043154 0.6419094210  0.2812902341  -0.7133218764 9.4433060399   -0.3573648035 -0.7133218764 -0.6028783441 -31.5252100743 
8  'crystal symmetry operation' 29_455 z-1/2,x,y+1/2   -0.4099610486 -0.9111806350 0.0410096220  -22.5204313812 0.6625854808  -0.3284088450 -0.6731479118 17.4981296148  0.6268272643  -0.2487920437 0.7383698935  12.5859808824  
9  'crystal symmetry operation' 36_455 -y-1/2,-z,x+1/2 0.2519531182  0.2810783825  0.9260208254  -2.9780107512  0.9636412040  0.0151008792  -0.2667725499 28.6736754684  -0.0889677254 0.9595659989  -0.2670539974 -37.2880006466 
10 'crystal symmetry operation' 38_445 -x-1/2,-y-1/2,z 0.6634025914  -0.5522700428 0.5048710742  7.9211227149   -0.5522700428 -0.8166395786 -0.1676233830 3.8787027862   0.5048710742  -0.1676233830 -0.8467630128 -21.8549353725 
11 'crystal symmetry operation' 42_445 z-1/2,-x-1/2,-y 0.2519531182  0.9636412040  -0.0889677254 -30.1982446613 0.2810783825  0.0151008792  0.9595659989  36.1843543245  0.9260208254  -0.2667725499 -0.2670539974 0.4491398668   
12 'crystal symmetry operation' 46_445 -y-1/2,z-1/2,-x -0.3214283796 -0.4197552286 -0.8488164377 -43.0923912279 -0.5487171340 0.8131127931  -0.1943118438 -14.6963884158 0.7717469169  0.4033027819  -0.4916844135 -15.0138503121  
# 
_struct_biol.id        1 
_struct_biol.details   ? 
# 
loop_
_struct_conf.conf_type_id 
_struct_conf.id 
_struct_conf.pdbx_PDB_helix_id 
_struct_conf.beg_label_comp_id 
_struct_conf.beg_label_asym_id 
_struct_conf.beg_label_seq_id 
_struct_conf.pdbx_beg_PDB_ins_code 
_struct_conf.end_label_comp_id 
_struct_conf.end_label_asym_id 
_struct_conf.end_label_seq_id 
_struct_conf.pdbx_end_PDB_ins_code 
_struct_conf.beg_auth_comp_id 
_struct_conf.beg_auth_asym_id 
_struct_conf.beg_auth_seq_id 
_struct_conf.end_auth_comp_id 
_struct_conf.end_auth_asym_id 
_struct_conf.end_auth_seq_id 
_struct_conf.pdbx_PDB_helix_class 
_struct_conf.details 
_struct_conf.pdbx_PDB_helix_length 
HELX_P HELX_P1 1 ASN A 19  ? LEU A 23  ? ASN A 12  LEU A 16  5 ? 5  
HELX_P HELX_P2 2 THR A 35  ? GLY A 51  ? THR A 28  GLY A 44  1 ? 17 
HELX_P HELX_P3 3 SER A 61  ? ALA A 75  ? SER A 54  ALA A 68  1 ? 15 
HELX_P HELX_P4 4 GLY A 85  ? SER A 90  ? GLY A 78  SER A 83  1 ? 6  
HELX_P HELX_P5 5 SER A 90  ? LEU A 100 ? SER A 83  LEU A 93  1 ? 11 
HELX_P HELX_P6 6 ASN A 111 ? ARG A 115 ? ASN A 104 ARG A 108 5 ? 5  
HELX_P HELX_P7 7 GLU A 116 ? HIS A 121 ? GLU A 109 HIS A 114 5 ? 6  
HELX_P HELX_P8 8 LEU A 124 ? ALA A 128 ? LEU A 117 ALA A 121 5 ? 5  
HELX_P HELX_P9 9 ILE A 137 ? HIS A 150 ? ILE A 130 HIS A 143 1 ? 14 
# 
_struct_conf_type.id          HELX_P 
_struct_conf_type.criteria    ? 
_struct_conf_type.reference   ? 
# 
loop_
_struct_mon_prot_cis.pdbx_id 
_struct_mon_prot_cis.label_comp_id 
_struct_mon_prot_cis.label_seq_id 
_struct_mon_prot_cis.label_asym_id 
_struct_mon_prot_cis.label_alt_id 
_struct_mon_prot_cis.pdbx_PDB_ins_code 
_struct_mon_prot_cis.auth_comp_id 
_struct_mon_prot_cis.auth_seq_id 
_struct_mon_prot_cis.auth_asym_id 
_struct_mon_prot_cis.pdbx_label_comp_id_2 
_struct_mon_prot_cis.pdbx_label_seq_id_2 
_struct_mon_prot_cis.pdbx_label_asym_id_2 
_struct_mon_prot_cis.pdbx_PDB_ins_code_2 
_struct_mon_prot_cis.pdbx_auth_comp_id_2 
_struct_mon_prot_cis.pdbx_auth_seq_id_2 
_struct_mon_prot_cis.pdbx_auth_asym_id_2 
_struct_mon_prot_cis.pdbx_PDB_model_num 
_struct_mon_prot_cis.pdbx_omega_angle 
1 GLU 9  A . ? GLU 2  A LEU 10 A ? LEU 3  A 1 7.55  
2 GLU 27 A . ? GLU 20 A PRO 28 A ? PRO 21 A 1 22.39 
# 
_struct_sheet.id               A 
_struct_sheet.type             ? 
_struct_sheet.number_strands   5 
_struct_sheet.details          ? 
# 
loop_
_struct_sheet_order.sheet_id 
_struct_sheet_order.range_id_1 
_struct_sheet_order.range_id_2 
_struct_sheet_order.offset 
_struct_sheet_order.sense 
A 1 2 ? parallel 
A 2 3 ? parallel 
A 3 4 ? parallel 
A 4 5 ? parallel 
# 
loop_
_struct_sheet_range.sheet_id 
_struct_sheet_range.id 
_struct_sheet_range.beg_label_comp_id 
_struct_sheet_range.beg_label_asym_id 
_struct_sheet_range.beg_label_seq_id 
_struct_sheet_range.pdbx_beg_PDB_ins_code 
_struct_sheet_range.end_label_comp_id 
_struct_sheet_range.end_label_asym_id 
_struct_sheet_range.end_label_seq_id 
_struct_sheet_range.pdbx_end_PDB_ins_code 
_struct_sheet_range.beg_auth_comp_id 
_struct_sheet_range.beg_auth_asym_id 
_struct_sheet_range.beg_auth_seq_id 
_struct_sheet_range.end_auth_comp_id 
_struct_sheet_range.end_auth_asym_id 
_struct_sheet_range.end_auth_seq_id 
A 1 LYS A 53  ? GLN A 58  ? LYS A 46  GLN A 51  
A 2 ILE A 11  ? ASN A 16  ? ILE A 4   ASN A 9   
A 3 VAL A 79  ? ASN A 82  ? VAL A 72  ASN A 75  
A 4 LEU A 104 ? HIS A 108 ? LEU A 97  HIS A 101 
A 5 GLY A 130 ? VAL A 133 ? GLY A 123 VAL A 126 
# 
loop_
_pdbx_struct_sheet_hbond.sheet_id 
_pdbx_struct_sheet_hbond.range_id_1 
_pdbx_struct_sheet_hbond.range_id_2 
_pdbx_struct_sheet_hbond.range_1_label_atom_id 
_pdbx_struct_sheet_hbond.range_1_label_comp_id 
_pdbx_struct_sheet_hbond.range_1_label_asym_id 
_pdbx_struct_sheet_hbond.range_1_label_seq_id 
_pdbx_struct_sheet_hbond.range_1_PDB_ins_code 
_pdbx_struct_sheet_hbond.range_1_auth_atom_id 
_pdbx_struct_sheet_hbond.range_1_auth_comp_id 
_pdbx_struct_sheet_hbond.range_1_auth_asym_id 
_pdbx_struct_sheet_hbond.range_1_auth_seq_id 
_pdbx_struct_sheet_hbond.range_2_label_atom_id 
_pdbx_struct_sheet_hbond.range_2_label_comp_id 
_pdbx_struct_sheet_hbond.range_2_label_asym_id 
_pdbx_struct_sheet_hbond.range_2_label_seq_id 
_pdbx_struct_sheet_hbond.range_2_PDB_ins_code 
_pdbx_struct_sheet_hbond.range_2_auth_atom_id 
_pdbx_struct_sheet_hbond.range_2_auth_comp_id 
_pdbx_struct_sheet_hbond.range_2_auth_asym_id 
_pdbx_struct_sheet_hbond.range_2_auth_seq_id 
A 1 2 O ARG A 57  ? O ARG A 50  N VAL A 14  ? N VAL A 7   
A 2 3 N ILE A 15  ? N ILE A 8   O ILE A 80  ? O ILE A 73  
A 3 4 N LEU A 81  ? N LEU A 74  O VAL A 107 ? O VAL A 100 
A 4 5 N HIS A 108 ? N HIS A 101 O ILE A 132 ? O ILE A 125 
# 
loop_
_struct_site.id 
_struct_site.pdbx_evidence_code 
_struct_site.pdbx_auth_asym_id 
_struct_site.pdbx_auth_comp_id 
_struct_site.pdbx_auth_seq_id 
_struct_site.pdbx_auth_ins_code 
_struct_site.pdbx_num_residues 
_struct_site.details 
AC1 Software A CL  201 ? 2  'BINDING SITE FOR RESIDUE CL A 201'  
AC2 Software A KIJ 202 ? 12 'BINDING SITE FOR RESIDUE KIJ A 202' 
# 
loop_
_struct_site_gen.id 
_struct_site_gen.site_id 
_struct_site_gen.pdbx_num_res 
_struct_site_gen.label_comp_id 
_struct_site_gen.label_asym_id 
_struct_site_gen.label_seq_id 
_struct_site_gen.pdbx_auth_ins_code 
_struct_site_gen.auth_comp_id 
_struct_site_gen.auth_asym_id 
_struct_site_gen.auth_seq_id 
_struct_site_gen.label_atom_id 
_struct_site_gen.label_alt_id 
_struct_site_gen.symmetry 
_struct_site_gen.details 
1  AC1 2  HIS A 113 ? HIS A 106 . ? 1_555  ? 
2  AC1 2  HIS A 113 ? HIS A 106 . ? 38_445 ? 
3  AC2 12 ARG A 22  ? ARG A 15  . ? 1_555  ? 
4  AC2 12 LEU A 23  ? LEU A 16  . ? 1_555  ? 
5  AC2 12 GLU A 27  ? GLU A 20  . ? 1_555  ? 
6  AC2 12 TYR A 31  ? TYR A 24  . ? 1_555  ? 
7  AC2 12 ASN A 82  ? ASN A 75  . ? 1_555  ? 
8  AC2 12 GLY A 85  ? GLY A 78  . ? 1_555  ? 
9  AC2 12 HIS A 88  ? HIS A 81  . ? 1_555  ? 
10 AC2 12 ASP A 95  ? ASP A 88  . ? 21_545 ? 
11 AC2 12 HIS A 108 ? HIS A 101 . ? 1_555  ? 
12 AC2 12 ILE A 109 ? ILE A 102 . ? 1_555  ? 
13 AC2 12 SER A 110 ? SER A 103 . ? 1_555  ? 
14 AC2 12 ARG A 119 ? ARG A 112 . ? 1_555  ? 
# 
loop_
_pdbx_validate_torsion.id 
_pdbx_validate_torsion.PDB_model_num 
_pdbx_validate_torsion.auth_comp_id 
_pdbx_validate_torsion.auth_asym_id 
_pdbx_validate_torsion.auth_seq_id 
_pdbx_validate_torsion.PDB_ins_code 
_pdbx_validate_torsion.label_alt_id 
_pdbx_validate_torsion.phi 
_pdbx_validate_torsion.psi 
1 1 ASN A 12  ? ? 71.15   -16.84  
2 1 ALA A 17  ? ? 74.18   -60.85  
3 1 GLU A 20  ? ? 64.77   -141.60 
4 1 LEU A 93  ? ? -35.69  125.64  
5 1 ARG A 108 ? ? -132.55 -136.39 
# 
_pdbx_validate_peptide_omega.id               1 
_pdbx_validate_peptide_omega.PDB_model_num    1 
_pdbx_validate_peptide_omega.auth_comp_id_1   ARG 
_pdbx_validate_peptide_omega.auth_asym_id_1   A 
_pdbx_validate_peptide_omega.auth_seq_id_1    19 
_pdbx_validate_peptide_omega.PDB_ins_code_1   ? 
_pdbx_validate_peptide_omega.label_alt_id_1   ? 
_pdbx_validate_peptide_omega.auth_comp_id_2   GLU 
_pdbx_validate_peptide_omega.auth_asym_id_2   A 
_pdbx_validate_peptide_omega.auth_seq_id_2    20 
_pdbx_validate_peptide_omega.PDB_ins_code_2   ? 
_pdbx_validate_peptide_omega.label_alt_id_2   ? 
_pdbx_validate_peptide_omega.omega            -138.20 
# 
loop_
_pdbx_struct_special_symmetry.id 
_pdbx_struct_special_symmetry.PDB_model_num 
_pdbx_struct_special_symmetry.auth_asym_id 
_pdbx_struct_special_symmetry.auth_comp_id 
_pdbx_struct_special_symmetry.auth_seq_id 
_pdbx_struct_special_symmetry.PDB_ins_code 
_pdbx_struct_special_symmetry.label_asym_id 
_pdbx_struct_special_symmetry.label_comp_id 
_pdbx_struct_special_symmetry.label_seq_id 
1 1 A CL  201 ? B CL  . 
2 1 A HOH 313 ? D HOH . 
# 
loop_
_pdbx_unobs_or_zero_occ_residues.id 
_pdbx_unobs_or_zero_occ_residues.PDB_model_num 
_pdbx_unobs_or_zero_occ_residues.polymer_flag 
_pdbx_unobs_or_zero_occ_residues.occupancy_flag 
_pdbx_unobs_or_zero_occ_residues.auth_asym_id 
_pdbx_unobs_or_zero_occ_residues.auth_comp_id 
_pdbx_unobs_or_zero_occ_residues.auth_seq_id 
_pdbx_unobs_or_zero_occ_residues.PDB_ins_code 
_pdbx_unobs_or_zero_occ_residues.label_asym_id 
_pdbx_unobs_or_zero_occ_residues.label_comp_id 
_pdbx_unobs_or_zero_occ_residues.label_seq_id 
1  1 Y 1 A LEU -6  ? A LEU 1   
2  1 Y 1 A TYR -5  ? A TYR 2   
3  1 Y 1 A PHE -4  ? A PHE 3   
4  1 Y 1 A GLN -3  ? A GLN 4   
5  1 Y 1 A SER -2  ? A SER 5   
6  1 Y 1 A HIS -1  ? A HIS 6   
7  1 Y 1 A MET 0   ? A MET 7   
8  1 Y 1 A SER 1   ? A SER 8   
9  1 Y 1 A VAL 144 ? A VAL 151 
10 1 Y 1 A GLY 145 ? A GLY 152 
11 1 Y 1 A THR 146 ? A THR 153 
# 
loop_
_chem_comp_atom.comp_id 
_chem_comp_atom.atom_id 
_chem_comp_atom.type_symbol 
_chem_comp_atom.pdbx_aromatic_flag 
_chem_comp_atom.pdbx_stereo_config 
_chem_comp_atom.pdbx_ordinal 
ALA N    N  N N 1   
ALA CA   C  N S 2   
ALA C    C  N N 3   
ALA O    O  N N 4   
ALA CB   C  N N 5   
ALA OXT  O  N N 6   
ALA H    H  N N 7   
ALA H2   H  N N 8   
ALA HA   H  N N 9   
ALA HB1  H  N N 10  
ALA HB2  H  N N 11  
ALA HB3  H  N N 12  
ALA HXT  H  N N 13  
ARG N    N  N N 14  
ARG CA   C  N S 15  
ARG C    C  N N 16  
ARG O    O  N N 17  
ARG CB   C  N N 18  
ARG CG   C  N N 19  
ARG CD   C  N N 20  
ARG NE   N  N N 21  
ARG CZ   C  N N 22  
ARG NH1  N  N N 23  
ARG NH2  N  N N 24  
ARG OXT  O  N N 25  
ARG H    H  N N 26  
ARG H2   H  N N 27  
ARG HA   H  N N 28  
ARG HB2  H  N N 29  
ARG HB3  H  N N 30  
ARG HG2  H  N N 31  
ARG HG3  H  N N 32  
ARG HD2  H  N N 33  
ARG HD3  H  N N 34  
ARG HE   H  N N 35  
ARG HH11 H  N N 36  
ARG HH12 H  N N 37  
ARG HH21 H  N N 38  
ARG HH22 H  N N 39  
ARG HXT  H  N N 40  
ASN N    N  N N 41  
ASN CA   C  N S 42  
ASN C    C  N N 43  
ASN O    O  N N 44  
ASN CB   C  N N 45  
ASN CG   C  N N 46  
ASN OD1  O  N N 47  
ASN ND2  N  N N 48  
ASN OXT  O  N N 49  
ASN H    H  N N 50  
ASN H2   H  N N 51  
ASN HA   H  N N 52  
ASN HB2  H  N N 53  
ASN HB3  H  N N 54  
ASN HD21 H  N N 55  
ASN HD22 H  N N 56  
ASN HXT  H  N N 57  
ASP N    N  N N 58  
ASP CA   C  N S 59  
ASP C    C  N N 60  
ASP O    O  N N 61  
ASP CB   C  N N 62  
ASP CG   C  N N 63  
ASP OD1  O  N N 64  
ASP OD2  O  N N 65  
ASP OXT  O  N N 66  
ASP H    H  N N 67  
ASP H2   H  N N 68  
ASP HA   H  N N 69  
ASP HB2  H  N N 70  
ASP HB3  H  N N 71  
ASP HD2  H  N N 72  
ASP HXT  H  N N 73  
CL  CL   CL N N 74  
CYS N    N  N N 75  
CYS CA   C  N R 76  
CYS C    C  N N 77  
CYS O    O  N N 78  
CYS CB   C  N N 79  
CYS SG   S  N N 80  
CYS OXT  O  N N 81  
CYS H    H  N N 82  
CYS H2   H  N N 83  
CYS HA   H  N N 84  
CYS HB2  H  N N 85  
CYS HB3  H  N N 86  
CYS HG   H  N N 87  
CYS HXT  H  N N 88  
GLN N    N  N N 89  
GLN CA   C  N S 90  
GLN C    C  N N 91  
GLN O    O  N N 92  
GLN CB   C  N N 93  
GLN CG   C  N N 94  
GLN CD   C  N N 95  
GLN OE1  O  N N 96  
GLN NE2  N  N N 97  
GLN OXT  O  N N 98  
GLN H    H  N N 99  
GLN H2   H  N N 100 
GLN HA   H  N N 101 
GLN HB2  H  N N 102 
GLN HB3  H  N N 103 
GLN HG2  H  N N 104 
GLN HG3  H  N N 105 
GLN HE21 H  N N 106 
GLN HE22 H  N N 107 
GLN HXT  H  N N 108 
GLU N    N  N N 109 
GLU CA   C  N S 110 
GLU C    C  N N 111 
GLU O    O  N N 112 
GLU CB   C  N N 113 
GLU CG   C  N N 114 
GLU CD   C  N N 115 
GLU OE1  O  N N 116 
GLU OE2  O  N N 117 
GLU OXT  O  N N 118 
GLU H    H  N N 119 
GLU H2   H  N N 120 
GLU HA   H  N N 121 
GLU HB2  H  N N 122 
GLU HB3  H  N N 123 
GLU HG2  H  N N 124 
GLU HG3  H  N N 125 
GLU HE2  H  N N 126 
GLU HXT  H  N N 127 
GLY N    N  N N 128 
GLY CA   C  N N 129 
GLY C    C  N N 130 
GLY O    O  N N 131 
GLY OXT  O  N N 132 
GLY H    H  N N 133 
GLY H2   H  N N 134 
GLY HA2  H  N N 135 
GLY HA3  H  N N 136 
GLY HXT  H  N N 137 
HIS N    N  N N 138 
HIS CA   C  N S 139 
HIS C    C  N N 140 
HIS O    O  N N 141 
HIS CB   C  N N 142 
HIS CG   C  Y N 143 
HIS ND1  N  Y N 144 
HIS CD2  C  Y N 145 
HIS CE1  C  Y N 146 
HIS NE2  N  Y N 147 
HIS OXT  O  N N 148 
HIS H    H  N N 149 
HIS H2   H  N N 150 
HIS HA   H  N N 151 
HIS HB2  H  N N 152 
HIS HB3  H  N N 153 
HIS HD1  H  N N 154 
HIS HD2  H  N N 155 
HIS HE1  H  N N 156 
HIS HE2  H  N N 157 
HIS HXT  H  N N 158 
HOH O    O  N N 159 
HOH H1   H  N N 160 
HOH H2   H  N N 161 
ILE N    N  N N 162 
ILE CA   C  N S 163 
ILE C    C  N N 164 
ILE O    O  N N 165 
ILE CB   C  N S 166 
ILE CG1  C  N N 167 
ILE CG2  C  N N 168 
ILE CD1  C  N N 169 
ILE OXT  O  N N 170 
ILE H    H  N N 171 
ILE H2   H  N N 172 
ILE HA   H  N N 173 
ILE HB   H  N N 174 
ILE HG12 H  N N 175 
ILE HG13 H  N N 176 
ILE HG21 H  N N 177 
ILE HG22 H  N N 178 
ILE HG23 H  N N 179 
ILE HD11 H  N N 180 
ILE HD12 H  N N 181 
ILE HD13 H  N N 182 
ILE HXT  H  N N 183 
KIJ OAD  O  N N 184 
KIJ CAT  C  Y N 185 
KIJ CAP  C  Y N 186 
KIJ OAC  O  N N 187 
KIJ CAJ  C  Y N 188 
KIJ CAQ  C  Y N 189 
KIJ CAN  C  N N 190 
KIJ OAB  O  N N 191 
KIJ OAA  O  N N 192 
KIJ CAL  C  Y N 193 
KIJ CAS  C  Y N 194 
KIJ OAM  O  N N 195 
KIJ CAO  C  Y N 196 
KIJ CAK  C  Y N 197 
KIJ CAH  C  Y N 198 
KIJ CAG  C  Y N 199 
KIJ CAI  C  Y N 200 
KIJ CAR  C  Y N 201 
KIJ NAU  N  N N 202 
KIJ OAF  O  N N 203 
KIJ OAE  O  N N 204 
KIJ H1   H  N N 205 
KIJ H2   H  N N 206 
KIJ H3   H  N N 207 
KIJ H4   H  N N 208 
KIJ H5   H  N N 209 
KIJ H6   H  N N 210 
KIJ H7   H  N N 211 
KIJ H8   H  N N 212 
KIJ H9   H  N N 213 
LEU N    N  N N 214 
LEU CA   C  N S 215 
LEU C    C  N N 216 
LEU O    O  N N 217 
LEU CB   C  N N 218 
LEU CG   C  N N 219 
LEU CD1  C  N N 220 
LEU CD2  C  N N 221 
LEU OXT  O  N N 222 
LEU H    H  N N 223 
LEU H2   H  N N 224 
LEU HA   H  N N 225 
LEU HB2  H  N N 226 
LEU HB3  H  N N 227 
LEU HG   H  N N 228 
LEU HD11 H  N N 229 
LEU HD12 H  N N 230 
LEU HD13 H  N N 231 
LEU HD21 H  N N 232 
LEU HD22 H  N N 233 
LEU HD23 H  N N 234 
LEU HXT  H  N N 235 
LYS N    N  N N 236 
LYS CA   C  N S 237 
LYS C    C  N N 238 
LYS O    O  N N 239 
LYS CB   C  N N 240 
LYS CG   C  N N 241 
LYS CD   C  N N 242 
LYS CE   C  N N 243 
LYS NZ   N  N N 244 
LYS OXT  O  N N 245 
LYS H    H  N N 246 
LYS H2   H  N N 247 
LYS HA   H  N N 248 
LYS HB2  H  N N 249 
LYS HB3  H  N N 250 
LYS HG2  H  N N 251 
LYS HG3  H  N N 252 
LYS HD2  H  N N 253 
LYS HD3  H  N N 254 
LYS HE2  H  N N 255 
LYS HE3  H  N N 256 
LYS HZ1  H  N N 257 
LYS HZ2  H  N N 258 
LYS HZ3  H  N N 259 
LYS HXT  H  N N 260 
MET N    N  N N 261 
MET CA   C  N S 262 
MET C    C  N N 263 
MET O    O  N N 264 
MET CB   C  N N 265 
MET CG   C  N N 266 
MET SD   S  N N 267 
MET CE   C  N N 268 
MET OXT  O  N N 269 
MET H    H  N N 270 
MET H2   H  N N 271 
MET HA   H  N N 272 
MET HB2  H  N N 273 
MET HB3  H  N N 274 
MET HG2  H  N N 275 
MET HG3  H  N N 276 
MET HE1  H  N N 277 
MET HE2  H  N N 278 
MET HE3  H  N N 279 
MET HXT  H  N N 280 
PHE N    N  N N 281 
PHE CA   C  N S 282 
PHE C    C  N N 283 
PHE O    O  N N 284 
PHE CB   C  N N 285 
PHE CG   C  Y N 286 
PHE CD1  C  Y N 287 
PHE CD2  C  Y N 288 
PHE CE1  C  Y N 289 
PHE CE2  C  Y N 290 
PHE CZ   C  Y N 291 
PHE OXT  O  N N 292 
PHE H    H  N N 293 
PHE H2   H  N N 294 
PHE HA   H  N N 295 
PHE HB2  H  N N 296 
PHE HB3  H  N N 297 
PHE HD1  H  N N 298 
PHE HD2  H  N N 299 
PHE HE1  H  N N 300 
PHE HE2  H  N N 301 
PHE HZ   H  N N 302 
PHE HXT  H  N N 303 
PRO N    N  N N 304 
PRO CA   C  N S 305 
PRO C    C  N N 306 
PRO O    O  N N 307 
PRO CB   C  N N 308 
PRO CG   C  N N 309 
PRO CD   C  N N 310 
PRO OXT  O  N N 311 
PRO H    H  N N 312 
PRO HA   H  N N 313 
PRO HB2  H  N N 314 
PRO HB3  H  N N 315 
PRO HG2  H  N N 316 
PRO HG3  H  N N 317 
PRO HD2  H  N N 318 
PRO HD3  H  N N 319 
PRO HXT  H  N N 320 
SER N    N  N N 321 
SER CA   C  N S 322 
SER C    C  N N 323 
SER O    O  N N 324 
SER CB   C  N N 325 
SER OG   O  N N 326 
SER OXT  O  N N 327 
SER H    H  N N 328 
SER H2   H  N N 329 
SER HA   H  N N 330 
SER HB2  H  N N 331 
SER HB3  H  N N 332 
SER HG   H  N N 333 
SER HXT  H  N N 334 
THR N    N  N N 335 
THR CA   C  N S 336 
THR C    C  N N 337 
THR O    O  N N 338 
THR CB   C  N R 339 
THR OG1  O  N N 340 
THR CG2  C  N N 341 
THR OXT  O  N N 342 
THR H    H  N N 343 
THR H2   H  N N 344 
THR HA   H  N N 345 
THR HB   H  N N 346 
THR HG1  H  N N 347 
THR HG21 H  N N 348 
THR HG22 H  N N 349 
THR HG23 H  N N 350 
THR HXT  H  N N 351 
TRP N    N  N N 352 
TRP CA   C  N S 353 
TRP C    C  N N 354 
TRP O    O  N N 355 
TRP CB   C  N N 356 
TRP CG   C  Y N 357 
TRP CD1  C  Y N 358 
TRP CD2  C  Y N 359 
TRP NE1  N  Y N 360 
TRP CE2  C  Y N 361 
TRP CE3  C  Y N 362 
TRP CZ2  C  Y N 363 
TRP CZ3  C  Y N 364 
TRP CH2  C  Y N 365 
TRP OXT  O  N N 366 
TRP H    H  N N 367 
TRP H2   H  N N 368 
TRP HA   H  N N 369 
TRP HB2  H  N N 370 
TRP HB3  H  N N 371 
TRP HD1  H  N N 372 
TRP HE1  H  N N 373 
TRP HE3  H  N N 374 
TRP HZ2  H  N N 375 
TRP HZ3  H  N N 376 
TRP HH2  H  N N 377 
TRP HXT  H  N N 378 
TYR N    N  N N 379 
TYR CA   C  N S 380 
TYR C    C  N N 381 
TYR O    O  N N 382 
TYR CB   C  N N 383 
TYR CG   C  Y N 384 
TYR CD1  C  Y N 385 
TYR CD2  C  Y N 386 
TYR CE1  C  Y N 387 
TYR CE2  C  Y N 388 
TYR CZ   C  Y N 389 
TYR OH   O  N N 390 
TYR OXT  O  N N 391 
TYR H    H  N N 392 
TYR H2   H  N N 393 
TYR HA   H  N N 394 
TYR HB2  H  N N 395 
TYR HB3  H  N N 396 
TYR HD1  H  N N 397 
TYR HD2  H  N N 398 
TYR HE1  H  N N 399 
TYR HE2  H  N N 400 
TYR HH   H  N N 401 
TYR HXT  H  N N 402 
VAL N    N  N N 403 
VAL CA   C  N S 404 
VAL C    C  N N 405 
VAL O    O  N N 406 
VAL CB   C  N N 407 
VAL CG1  C  N N 408 
VAL CG2  C  N N 409 
VAL OXT  O  N N 410 
VAL H    H  N N 411 
VAL H2   H  N N 412 
VAL HA   H  N N 413 
VAL HB   H  N N 414 
VAL HG11 H  N N 415 
VAL HG12 H  N N 416 
VAL HG13 H  N N 417 
VAL HG21 H  N N 418 
VAL HG22 H  N N 419 
VAL HG23 H  N N 420 
VAL HXT  H  N N 421 
# 
loop_
_chem_comp_bond.comp_id 
_chem_comp_bond.atom_id_1 
_chem_comp_bond.atom_id_2 
_chem_comp_bond.value_order 
_chem_comp_bond.pdbx_aromatic_flag 
_chem_comp_bond.pdbx_stereo_config 
_chem_comp_bond.pdbx_ordinal 
ALA N   CA   sing N N 1   
ALA N   H    sing N N 2   
ALA N   H2   sing N N 3   
ALA CA  C    sing N N 4   
ALA CA  CB   sing N N 5   
ALA CA  HA   sing N N 6   
ALA C   O    doub N N 7   
ALA C   OXT  sing N N 8   
ALA CB  HB1  sing N N 9   
ALA CB  HB2  sing N N 10  
ALA CB  HB3  sing N N 11  
ALA OXT HXT  sing N N 12  
ARG N   CA   sing N N 13  
ARG N   H    sing N N 14  
ARG N   H2   sing N N 15  
ARG CA  C    sing N N 16  
ARG CA  CB   sing N N 17  
ARG CA  HA   sing N N 18  
ARG C   O    doub N N 19  
ARG C   OXT  sing N N 20  
ARG CB  CG   sing N N 21  
ARG CB  HB2  sing N N 22  
ARG CB  HB3  sing N N 23  
ARG CG  CD   sing N N 24  
ARG CG  HG2  sing N N 25  
ARG CG  HG3  sing N N 26  
ARG CD  NE   sing N N 27  
ARG CD  HD2  sing N N 28  
ARG CD  HD3  sing N N 29  
ARG NE  CZ   sing N N 30  
ARG NE  HE   sing N N 31  
ARG CZ  NH1  sing N N 32  
ARG CZ  NH2  doub N N 33  
ARG NH1 HH11 sing N N 34  
ARG NH1 HH12 sing N N 35  
ARG NH2 HH21 sing N N 36  
ARG NH2 HH22 sing N N 37  
ARG OXT HXT  sing N N 38  
ASN N   CA   sing N N 39  
ASN N   H    sing N N 40  
ASN N   H2   sing N N 41  
ASN CA  C    sing N N 42  
ASN CA  CB   sing N N 43  
ASN CA  HA   sing N N 44  
ASN C   O    doub N N 45  
ASN C   OXT  sing N N 46  
ASN CB  CG   sing N N 47  
ASN CB  HB2  sing N N 48  
ASN CB  HB3  sing N N 49  
ASN CG  OD1  doub N N 50  
ASN CG  ND2  sing N N 51  
ASN ND2 HD21 sing N N 52  
ASN ND2 HD22 sing N N 53  
ASN OXT HXT  sing N N 54  
ASP N   CA   sing N N 55  
ASP N   H    sing N N 56  
ASP N   H2   sing N N 57  
ASP CA  C    sing N N 58  
ASP CA  CB   sing N N 59  
ASP CA  HA   sing N N 60  
ASP C   O    doub N N 61  
ASP C   OXT  sing N N 62  
ASP CB  CG   sing N N 63  
ASP CB  HB2  sing N N 64  
ASP CB  HB3  sing N N 65  
ASP CG  OD1  doub N N 66  
ASP CG  OD2  sing N N 67  
ASP OD2 HD2  sing N N 68  
ASP OXT HXT  sing N N 69  
CYS N   CA   sing N N 70  
CYS N   H    sing N N 71  
CYS N   H2   sing N N 72  
CYS CA  C    sing N N 73  
CYS CA  CB   sing N N 74  
CYS CA  HA   sing N N 75  
CYS C   O    doub N N 76  
CYS C   OXT  sing N N 77  
CYS CB  SG   sing N N 78  
CYS CB  HB2  sing N N 79  
CYS CB  HB3  sing N N 80  
CYS SG  HG   sing N N 81  
CYS OXT HXT  sing N N 82  
GLN N   CA   sing N N 83  
GLN N   H    sing N N 84  
GLN N   H2   sing N N 85  
GLN CA  C    sing N N 86  
GLN CA  CB   sing N N 87  
GLN CA  HA   sing N N 88  
GLN C   O    doub N N 89  
GLN C   OXT  sing N N 90  
GLN CB  CG   sing N N 91  
GLN CB  HB2  sing N N 92  
GLN CB  HB3  sing N N 93  
GLN CG  CD   sing N N 94  
GLN CG  HG2  sing N N 95  
GLN CG  HG3  sing N N 96  
GLN CD  OE1  doub N N 97  
GLN CD  NE2  sing N N 98  
GLN NE2 HE21 sing N N 99  
GLN NE2 HE22 sing N N 100 
GLN OXT HXT  sing N N 101 
GLU N   CA   sing N N 102 
GLU N   H    sing N N 103 
GLU N   H2   sing N N 104 
GLU CA  C    sing N N 105 
GLU CA  CB   sing N N 106 
GLU CA  HA   sing N N 107 
GLU C   O    doub N N 108 
GLU C   OXT  sing N N 109 
GLU CB  CG   sing N N 110 
GLU CB  HB2  sing N N 111 
GLU CB  HB3  sing N N 112 
GLU CG  CD   sing N N 113 
GLU CG  HG2  sing N N 114 
GLU CG  HG3  sing N N 115 
GLU CD  OE1  doub N N 116 
GLU CD  OE2  sing N N 117 
GLU OE2 HE2  sing N N 118 
GLU OXT HXT  sing N N 119 
GLY N   CA   sing N N 120 
GLY N   H    sing N N 121 
GLY N   H2   sing N N 122 
GLY CA  C    sing N N 123 
GLY CA  HA2  sing N N 124 
GLY CA  HA3  sing N N 125 
GLY C   O    doub N N 126 
GLY C   OXT  sing N N 127 
GLY OXT HXT  sing N N 128 
HIS N   CA   sing N N 129 
HIS N   H    sing N N 130 
HIS N   H2   sing N N 131 
HIS CA  C    sing N N 132 
HIS CA  CB   sing N N 133 
HIS CA  HA   sing N N 134 
HIS C   O    doub N N 135 
HIS C   OXT  sing N N 136 
HIS CB  CG   sing N N 137 
HIS CB  HB2  sing N N 138 
HIS CB  HB3  sing N N 139 
HIS CG  ND1  sing Y N 140 
HIS CG  CD2  doub Y N 141 
HIS ND1 CE1  doub Y N 142 
HIS ND1 HD1  sing N N 143 
HIS CD2 NE2  sing Y N 144 
HIS CD2 HD2  sing N N 145 
HIS CE1 NE2  sing Y N 146 
HIS CE1 HE1  sing N N 147 
HIS NE2 HE2  sing N N 148 
HIS OXT HXT  sing N N 149 
HOH O   H1   sing N N 150 
HOH O   H2   sing N N 151 
ILE N   CA   sing N N 152 
ILE N   H    sing N N 153 
ILE N   H2   sing N N 154 
ILE CA  C    sing N N 155 
ILE CA  CB   sing N N 156 
ILE CA  HA   sing N N 157 
ILE C   O    doub N N 158 
ILE C   OXT  sing N N 159 
ILE CB  CG1  sing N N 160 
ILE CB  CG2  sing N N 161 
ILE CB  HB   sing N N 162 
ILE CG1 CD1  sing N N 163 
ILE CG1 HG12 sing N N 164 
ILE CG1 HG13 sing N N 165 
ILE CG2 HG21 sing N N 166 
ILE CG2 HG22 sing N N 167 
ILE CG2 HG23 sing N N 168 
ILE CD1 HD11 sing N N 169 
ILE CD1 HD12 sing N N 170 
ILE CD1 HD13 sing N N 171 
ILE OXT HXT  sing N N 172 
KIJ OAC CAP  sing N N 173 
KIJ OAD CAT  sing N N 174 
KIJ CAP CAT  doub Y N 175 
KIJ CAP CAJ  sing Y N 176 
KIJ CAT CAS  sing Y N 177 
KIJ CAH CAG  doub Y N 178 
KIJ CAH CAO  sing Y N 179 
KIJ CAG CAI  sing Y N 180 
KIJ CAJ CAQ  doub Y N 181 
KIJ CAS OAM  sing N N 182 
KIJ CAS CAL  doub Y N 183 
KIJ OAM CAO  sing N N 184 
KIJ CAO CAK  doub Y N 185 
KIJ CAI CAR  doub Y N 186 
KIJ CAQ CAL  sing Y N 187 
KIJ CAQ CAN  sing N N 188 
KIJ CAK CAR  sing Y N 189 
KIJ CAR NAU  sing N N 190 
KIJ OAA CAN  doub N N 191 
KIJ CAN OAB  sing N N 192 
KIJ NAU OAF  sing N N 193 
KIJ NAU OAE  doub N N 194 
KIJ OAD H1   sing N N 195 
KIJ OAC H2   sing N N 196 
KIJ CAJ H3   sing N N 197 
KIJ OAB H4   sing N N 198 
KIJ CAL H5   sing N N 199 
KIJ CAK H6   sing N N 200 
KIJ CAH H7   sing N N 201 
KIJ CAG H8   sing N N 202 
KIJ CAI H9   sing N N 203 
LEU N   CA   sing N N 204 
LEU N   H    sing N N 205 
LEU N   H2   sing N N 206 
LEU CA  C    sing N N 207 
LEU CA  CB   sing N N 208 
LEU CA  HA   sing N N 209 
LEU C   O    doub N N 210 
LEU C   OXT  sing N N 211 
LEU CB  CG   sing N N 212 
LEU CB  HB2  sing N N 213 
LEU CB  HB3  sing N N 214 
LEU CG  CD1  sing N N 215 
LEU CG  CD2  sing N N 216 
LEU CG  HG   sing N N 217 
LEU CD1 HD11 sing N N 218 
LEU CD1 HD12 sing N N 219 
LEU CD1 HD13 sing N N 220 
LEU CD2 HD21 sing N N 221 
LEU CD2 HD22 sing N N 222 
LEU CD2 HD23 sing N N 223 
LEU OXT HXT  sing N N 224 
LYS N   CA   sing N N 225 
LYS N   H    sing N N 226 
LYS N   H2   sing N N 227 
LYS CA  C    sing N N 228 
LYS CA  CB   sing N N 229 
LYS CA  HA   sing N N 230 
LYS C   O    doub N N 231 
LYS C   OXT  sing N N 232 
LYS CB  CG   sing N N 233 
LYS CB  HB2  sing N N 234 
LYS CB  HB3  sing N N 235 
LYS CG  CD   sing N N 236 
LYS CG  HG2  sing N N 237 
LYS CG  HG3  sing N N 238 
LYS CD  CE   sing N N 239 
LYS CD  HD2  sing N N 240 
LYS CD  HD3  sing N N 241 
LYS CE  NZ   sing N N 242 
LYS CE  HE2  sing N N 243 
LYS CE  HE3  sing N N 244 
LYS NZ  HZ1  sing N N 245 
LYS NZ  HZ2  sing N N 246 
LYS NZ  HZ3  sing N N 247 
LYS OXT HXT  sing N N 248 
MET N   CA   sing N N 249 
MET N   H    sing N N 250 
MET N   H2   sing N N 251 
MET CA  C    sing N N 252 
MET CA  CB   sing N N 253 
MET CA  HA   sing N N 254 
MET C   O    doub N N 255 
MET C   OXT  sing N N 256 
MET CB  CG   sing N N 257 
MET CB  HB2  sing N N 258 
MET CB  HB3  sing N N 259 
MET CG  SD   sing N N 260 
MET CG  HG2  sing N N 261 
MET CG  HG3  sing N N 262 
MET SD  CE   sing N N 263 
MET CE  HE1  sing N N 264 
MET CE  HE2  sing N N 265 
MET CE  HE3  sing N N 266 
MET OXT HXT  sing N N 267 
PHE N   CA   sing N N 268 
PHE N   H    sing N N 269 
PHE N   H2   sing N N 270 
PHE CA  C    sing N N 271 
PHE CA  CB   sing N N 272 
PHE CA  HA   sing N N 273 
PHE C   O    doub N N 274 
PHE C   OXT  sing N N 275 
PHE CB  CG   sing N N 276 
PHE CB  HB2  sing N N 277 
PHE CB  HB3  sing N N 278 
PHE CG  CD1  doub Y N 279 
PHE CG  CD2  sing Y N 280 
PHE CD1 CE1  sing Y N 281 
PHE CD1 HD1  sing N N 282 
PHE CD2 CE2  doub Y N 283 
PHE CD2 HD2  sing N N 284 
PHE CE1 CZ   doub Y N 285 
PHE CE1 HE1  sing N N 286 
PHE CE2 CZ   sing Y N 287 
PHE CE2 HE2  sing N N 288 
PHE CZ  HZ   sing N N 289 
PHE OXT HXT  sing N N 290 
PRO N   CA   sing N N 291 
PRO N   CD   sing N N 292 
PRO N   H    sing N N 293 
PRO CA  C    sing N N 294 
PRO CA  CB   sing N N 295 
PRO CA  HA   sing N N 296 
PRO C   O    doub N N 297 
PRO C   OXT  sing N N 298 
PRO CB  CG   sing N N 299 
PRO CB  HB2  sing N N 300 
PRO CB  HB3  sing N N 301 
PRO CG  CD   sing N N 302 
PRO CG  HG2  sing N N 303 
PRO CG  HG3  sing N N 304 
PRO CD  HD2  sing N N 305 
PRO CD  HD3  sing N N 306 
PRO OXT HXT  sing N N 307 
SER N   CA   sing N N 308 
SER N   H    sing N N 309 
SER N   H2   sing N N 310 
SER CA  C    sing N N 311 
SER CA  CB   sing N N 312 
SER CA  HA   sing N N 313 
SER C   O    doub N N 314 
SER C   OXT  sing N N 315 
SER CB  OG   sing N N 316 
SER CB  HB2  sing N N 317 
SER CB  HB3  sing N N 318 
SER OG  HG   sing N N 319 
SER OXT HXT  sing N N 320 
THR N   CA   sing N N 321 
THR N   H    sing N N 322 
THR N   H2   sing N N 323 
THR CA  C    sing N N 324 
THR CA  CB   sing N N 325 
THR CA  HA   sing N N 326 
THR C   O    doub N N 327 
THR C   OXT  sing N N 328 
THR CB  OG1  sing N N 329 
THR CB  CG2  sing N N 330 
THR CB  HB   sing N N 331 
THR OG1 HG1  sing N N 332 
THR CG2 HG21 sing N N 333 
THR CG2 HG22 sing N N 334 
THR CG2 HG23 sing N N 335 
THR OXT HXT  sing N N 336 
TRP N   CA   sing N N 337 
TRP N   H    sing N N 338 
TRP N   H2   sing N N 339 
TRP CA  C    sing N N 340 
TRP CA  CB   sing N N 341 
TRP CA  HA   sing N N 342 
TRP C   O    doub N N 343 
TRP C   OXT  sing N N 344 
TRP CB  CG   sing N N 345 
TRP CB  HB2  sing N N 346 
TRP CB  HB3  sing N N 347 
TRP CG  CD1  doub Y N 348 
TRP CG  CD2  sing Y N 349 
TRP CD1 NE1  sing Y N 350 
TRP CD1 HD1  sing N N 351 
TRP CD2 CE2  doub Y N 352 
TRP CD2 CE3  sing Y N 353 
TRP NE1 CE2  sing Y N 354 
TRP NE1 HE1  sing N N 355 
TRP CE2 CZ2  sing Y N 356 
TRP CE3 CZ3  doub Y N 357 
TRP CE3 HE3  sing N N 358 
TRP CZ2 CH2  doub Y N 359 
TRP CZ2 HZ2  sing N N 360 
TRP CZ3 CH2  sing Y N 361 
TRP CZ3 HZ3  sing N N 362 
TRP CH2 HH2  sing N N 363 
TRP OXT HXT  sing N N 364 
TYR N   CA   sing N N 365 
TYR N   H    sing N N 366 
TYR N   H2   sing N N 367 
TYR CA  C    sing N N 368 
TYR CA  CB   sing N N 369 
TYR CA  HA   sing N N 370 
TYR C   O    doub N N 371 
TYR C   OXT  sing N N 372 
TYR CB  CG   sing N N 373 
TYR CB  HB2  sing N N 374 
TYR CB  HB3  sing N N 375 
TYR CG  CD1  doub Y N 376 
TYR CG  CD2  sing Y N 377 
TYR CD1 CE1  sing Y N 378 
TYR CD1 HD1  sing N N 379 
TYR CD2 CE2  doub Y N 380 
TYR CD2 HD2  sing N N 381 
TYR CE1 CZ   doub Y N 382 
TYR CE1 HE1  sing N N 383 
TYR CE2 CZ   sing Y N 384 
TYR CE2 HE2  sing N N 385 
TYR CZ  OH   sing N N 386 
TYR OH  HH   sing N N 387 
TYR OXT HXT  sing N N 388 
VAL N   CA   sing N N 389 
VAL N   H    sing N N 390 
VAL N   H2   sing N N 391 
VAL CA  C    sing N N 392 
VAL CA  CB   sing N N 393 
VAL CA  HA   sing N N 394 
VAL C   O    doub N N 395 
VAL C   OXT  sing N N 396 
VAL CB  CG1  sing N N 397 
VAL CB  CG2  sing N N 398 
VAL CB  HB   sing N N 399 
VAL CG1 HG11 sing N N 400 
VAL CG1 HG12 sing N N 401 
VAL CG1 HG13 sing N N 402 
VAL CG2 HG21 sing N N 403 
VAL CG2 HG22 sing N N 404 
VAL CG2 HG23 sing N N 405 
VAL OXT HXT  sing N N 406 
# 
_atom_sites.entry_id                    4KIJ 
_atom_sites.fract_transf_matrix[1][1]   -0.00068221 
_atom_sites.fract_transf_matrix[1][2]   0.00407431 
_atom_sites.fract_transf_matrix[1][3]   0.00670449 
_atom_sites.fract_transf_matrix[2][1]   -0.00315781 
_atom_sites.fract_transf_matrix[2][2]   -0.00630317 
_atom_sites.fract_transf_matrix[2][3]   0.00350911 
_atom_sites.fract_transf_matrix[3][1]   0.00718182 
_atom_sites.fract_transf_matrix[3][2]   -0.00238445 
_atom_sites.fract_transf_matrix[3][3]   0.00217980 
_atom_sites.fract_transf_vector[1]      -0.181928 
_atom_sites.fract_transf_vector[2]      -0.186915 
_atom_sites.fract_transf_vector[3]      0.489094 
# 
loop_
_atom_type.symbol 
C  
CL 
N  
NA 
O  
S  
# 
loop_
_atom_site.group_PDB 
_atom_site.id 
_atom_site.type_symbol 
_atom_site.label_atom_id 
_atom_site.label_alt_id 
_atom_site.label_comp_id 
_atom_site.label_asym_id 
_atom_site.label_entity_id 
_atom_site.label_seq_id 
_atom_site.pdbx_PDB_ins_code 
_atom_site.Cartn_x 
_atom_site.Cartn_y 
_atom_site.Cartn_z 
_atom_site.occupancy 
_atom_site.B_iso_or_equiv 
_atom_site.pdbx_formal_charge 
_atom_site.auth_seq_id 
_atom_site.auth_comp_id 
_atom_site.auth_asym_id 
_atom_site.auth_atom_id 
_atom_site.pdbx_PDB_model_num 
ATOM   1    N  N   . GLU A 1 9   ? 12.396  7.297   4.784   1.00 29.99 ? 2   GLU A N   1 
ATOM   2    C  CA  . GLU A 1 9   ? 13.698  6.726   5.272   1.00 33.38 ? 2   GLU A CA  1 
ATOM   3    C  C   . GLU A 1 9   ? 14.338  7.462   6.507   1.00 34.79 ? 2   GLU A C   1 
ATOM   4    O  O   . GLU A 1 9   ? 14.559  8.689   6.445   1.00 35.79 ? 2   GLU A O   1 
ATOM   5    C  CB  . GLU A 1 9   ? 14.684  6.678   4.102   1.00 33.21 ? 2   GLU A CB  1 
ATOM   6    N  N   . LEU A 1 10  ? 14.676  6.750   7.601   1.00 31.99 ? 3   LEU A N   1 
ATOM   7    C  CA  . LEU A 1 10  ? 14.644  5.288   7.705   1.00 29.31 ? 3   LEU A CA  1 
ATOM   8    C  C   . LEU A 1 10  ? 13.260  4.669   7.668   1.00 27.46 ? 3   LEU A C   1 
ATOM   9    O  O   . LEU A 1 10  ? 13.115  3.588   7.111   1.00 29.11 ? 3   LEU A O   1 
ATOM   10   C  CB  . LEU A 1 10  ? 15.377  4.776   8.970   1.00 29.83 ? 3   LEU A CB  1 
ATOM   11   C  CG  . LEU A 1 10  ? 16.788  4.160   8.861   1.00 30.24 ? 3   LEU A CG  1 
ATOM   12   C  CD1 . LEU A 1 10  ? 17.890  5.189   9.111   1.00 30.30 ? 3   LEU A CD1 1 
ATOM   13   C  CD2 . LEU A 1 10  ? 16.980  2.955   9.780   1.00 28.74 ? 3   LEU A CD2 1 
ATOM   14   N  N   . ILE A 1 11  ? 12.253  5.320   8.254   1.00 24.87 ? 4   ILE A N   1 
ATOM   15   C  CA  . ILE A 1 11  ? 10.974  4.613   8.549   1.00 22.70 ? 4   ILE A CA  1 
ATOM   16   C  C   . ILE A 1 11  ? 9.873   4.729   7.500   1.00 20.89 ? 4   ILE A C   1 
ATOM   17   O  O   . ILE A 1 11  ? 9.419   5.843   7.158   1.00 19.56 ? 4   ILE A O   1 
ATOM   18   C  CB  . ILE A 1 11  ? 10.402  4.898   9.968   1.00 22.80 ? 4   ILE A CB  1 
ATOM   19   C  CG1 . ILE A 1 11  ? 11.545  4.932   11.022  1.00 22.68 ? 4   ILE A CG1 1 
ATOM   20   C  CG2 . ILE A 1 11  ? 9.303   3.880   10.281  1.00 22.04 ? 4   ILE A CG2 1 
ATOM   21   C  CD1 . ILE A 1 11  ? 11.180  4.511   12.439  1.00 22.07 ? 4   ILE A CD1 1 
ATOM   22   N  N   . VAL A 1 12  ? 9.444   3.558   7.021   1.00 19.39 ? 5   VAL A N   1 
ATOM   23   C  CA  . VAL A 1 12  ? 8.545   3.470   5.868   1.00 19.79 ? 5   VAL A CA  1 
ATOM   24   C  C   . VAL A 1 12  ? 7.295   2.660   6.189   1.00 19.54 ? 5   VAL A C   1 
ATOM   25   O  O   . VAL A 1 12  ? 7.364   1.442   6.378   1.00 20.51 ? 5   VAL A O   1 
ATOM   26   C  CB  . VAL A 1 12  ? 9.244   2.877   4.602   1.00 19.89 ? 5   VAL A CB  1 
ATOM   27   C  CG1 . VAL A 1 12  ? 8.249   2.711   3.456   1.00 19.43 ? 5   VAL A CG1 1 
ATOM   28   C  CG2 . VAL A 1 12  ? 10.442  3.726   4.166   1.00 19.19 ? 5   VAL A CG2 1 
ATOM   29   N  N   . ASN A 1 13  ? 6.156   3.347   6.220   1.00 18.47 ? 6   ASN A N   1 
ATOM   30   C  CA  . ASN A 1 13  ? 4.884   2.724   6.551   1.00 17.77 ? 6   ASN A CA  1 
ATOM   31   C  C   . ASN A 1 13  ? 4.232   1.983   5.394   1.00 16.98 ? 6   ASN A C   1 
ATOM   32   O  O   . ASN A 1 13  ? 3.862   2.599   4.400   1.00 16.89 ? 6   ASN A O   1 
ATOM   33   C  CB  . ASN A 1 13  ? 3.931   3.778   7.102   1.00 17.78 ? 6   ASN A CB  1 
ATOM   34   C  CG  . ASN A 1 13  ? 4.324   4.239   8.474   1.00 17.75 ? 6   ASN A CG  1 
ATOM   35   O  OD1 . ASN A 1 13  ? 4.563   3.428   9.360   1.00 18.11 ? 6   ASN A OD1 1 
ATOM   36   N  ND2 . ASN A 1 13  ? 4.385   5.541   8.662   1.00 18.05 ? 6   ASN A ND2 1 
ATOM   37   N  N   . VAL A 1 14  ? 4.082   0.669   5.531   1.00 16.40 ? 7   VAL A N   1 
ATOM   38   C  CA  . VAL A 1 14  ? 3.433   -0.127  4.489   1.00 16.46 ? 7   VAL A CA  1 
ATOM   39   C  C   . VAL A 1 14  ? 2.065   -0.636  4.953   1.00 17.14 ? 7   VAL A C   1 
ATOM   40   O  O   . VAL A 1 14  ? 1.967   -1.383  5.932   1.00 17.86 ? 7   VAL A O   1 
ATOM   41   C  CB  . VAL A 1 14  ? 4.319   -1.285  3.995   1.00 15.72 ? 7   VAL A CB  1 
ATOM   42   C  CG1 . VAL A 1 14  ? 3.615   -2.035  2.870   1.00 15.16 ? 7   VAL A CG1 1 
ATOM   43   C  CG2 . VAL A 1 14  ? 5.666   -0.751  3.524   1.00 15.04 ? 7   VAL A CG2 1 
ATOM   44   N  N   . ILE A 1 15  ? 1.016   -0.233  4.236   1.00 16.72 ? 8   ILE A N   1 
ATOM   45   C  CA  . ILE A 1 15  ? -0.337  -0.465  4.675   1.00 16.85 ? 8   ILE A CA  1 
ATOM   46   C  C   . ILE A 1 15  ? -1.189  -1.189  3.628   1.00 17.73 ? 8   ILE A C   1 
ATOM   47   O  O   . ILE A 1 15  ? -1.321  -0.742  2.474   1.00 17.76 ? 8   ILE A O   1 
ATOM   48   C  CB  . ILE A 1 15  ? -1.011  0.867   5.074   1.00 17.09 ? 8   ILE A CB  1 
ATOM   49   C  CG1 . ILE A 1 15  ? -0.273  1.533   6.242   1.00 17.38 ? 8   ILE A CG1 1 
ATOM   50   C  CG2 . ILE A 1 15  ? -2.467  0.664   5.465   1.00 17.35 ? 8   ILE A CG2 1 
ATOM   51   C  CD1 . ILE A 1 15  ? -1.013  2.714   6.838   1.00 17.10 ? 8   ILE A CD1 1 
ATOM   52   N  N   . ASN A 1 16  ? -1.791  -2.299  4.054   1.00 18.02 ? 9   ASN A N   1 
ATOM   53   C  CA  . ASN A 1 16  ? -2.814  -2.987  3.273   1.00 17.91 ? 9   ASN A CA  1 
ATOM   54   C  C   . ASN A 1 16  ? -4.219  -2.893  3.885   1.00 18.41 ? 9   ASN A C   1 
ATOM   55   O  O   . ASN A 1 16  ? -4.399  -3.033  5.109   1.00 18.18 ? 9   ASN A O   1 
ATOM   56   C  CB  . ASN A 1 16  ? -2.413  -4.444  3.067   1.00 17.89 ? 9   ASN A CB  1 
ATOM   57   C  CG  . ASN A 1 16  ? -1.103  -4.575  2.327   1.00 17.70 ? 9   ASN A CG  1 
ATOM   58   O  OD1 . ASN A 1 16  ? -0.794  -3.762  1.455   1.00 17.71 ? 9   ASN A OD1 1 
ATOM   59   N  ND2 . ASN A 1 16  ? -0.320  -5.587  2.676   1.00 17.20 ? 9   ASN A ND2 1 
ATOM   60   N  N   . GLY A 1 17  ? -5.206  -2.664  3.019   1.00 18.35 ? 10  GLY A N   1 
ATOM   61   C  CA  . GLY A 1 17  ? -6.608  -2.626  3.420   1.00 19.07 ? 10  GLY A CA  1 
ATOM   62   C  C   . GLY A 1 17  ? -7.360  -3.961  3.318   1.00 20.36 ? 10  GLY A C   1 
ATOM   63   O  O   . GLY A 1 17  ? -6.737  -5.047  3.247   1.00 20.32 ? 10  GLY A O   1 
ATOM   64   N  N   . PRO A 1 18  ? -8.710  -3.889  3.325   1.00 19.98 ? 11  PRO A N   1 
ATOM   65   C  CA  . PRO A 1 18  ? -9.667  -4.987  3.370   1.00 20.01 ? 11  PRO A CA  1 
ATOM   66   C  C   . PRO A 1 18  ? -9.315  -6.145  2.488   1.00 20.72 ? 11  PRO A C   1 
ATOM   67   O  O   . PRO A 1 18  ? -8.851  -5.963  1.367   1.00 20.87 ? 11  PRO A O   1 
ATOM   68   C  CB  . PRO A 1 18  ? -10.944 -4.345  2.850   1.00 20.13 ? 11  PRO A CB  1 
ATOM   69   C  CG  . PRO A 1 18  ? -10.866 -2.963  3.399   1.00 20.83 ? 11  PRO A CG  1 
ATOM   70   C  CD  . PRO A 1 18  ? -9.399  -2.586  3.346   1.00 20.33 ? 11  PRO A CD  1 
ATOM   71   N  N   . ASN A 1 19  ? -9.556  -7.338  3.017   1.00 22.12 ? 12  ASN A N   1 
ATOM   72   C  CA  . ASN A 1 19  ? -9.327  -8.616  2.331   1.00 22.19 ? 12  ASN A CA  1 
ATOM   73   C  C   . ASN A 1 19  ? -7.843  -8.994  2.144   1.00 22.27 ? 12  ASN A C   1 
ATOM   74   O  O   . ASN A 1 19  ? -7.531  -10.156 1.900   1.00 22.23 ? 12  ASN A O   1 
ATOM   75   C  CB  . ASN A 1 19  ? -10.123 -8.705  1.000   1.00 22.15 ? 12  ASN A CB  1 
ATOM   76   C  CG  . ASN A 1 19  ? -11.607 -8.343  1.159   1.00 22.66 ? 12  ASN A CG  1 
ATOM   77   O  OD1 . ASN A 1 19  ? -12.394 -9.064  1.804   1.00 22.98 ? 12  ASN A OD1 1 
ATOM   78   N  ND2 . ASN A 1 19  ? -12.000 -7.228  0.550   1.00 21.90 ? 12  ASN A ND2 1 
ATOM   79   N  N   . LEU A 1 20  ? -6.923  -8.042  2.281   1.00 22.51 ? 13  LEU A N   1 
ATOM   80   C  CA  . LEU A 1 20  ? -5.529  -8.330  1.917   1.00 23.50 ? 13  LEU A CA  1 
ATOM   81   C  C   . LEU A 1 20  ? -4.770  -9.218  2.910   1.00 25.10 ? 13  LEU A C   1 
ATOM   82   O  O   . LEU A 1 20  ? -3.573  -9.508  2.723   1.00 27.55 ? 13  LEU A O   1 
ATOM   83   C  CB  . LEU A 1 20  ? -4.745  -7.053  1.542   1.00 22.93 ? 13  LEU A CB  1 
ATOM   84   C  CG  . LEU A 1 20  ? -5.118  -6.430  0.175   1.00 22.66 ? 13  LEU A CG  1 
ATOM   85   C  CD1 . LEU A 1 20  ? -4.720  -4.957  0.084   1.00 21.49 ? 13  LEU A CD1 1 
ATOM   86   C  CD2 . LEU A 1 20  ? -4.587  -7.248  -1.008  1.00 21.91 ? 13  LEU A CD2 1 
ATOM   87   N  N   . GLY A 1 21  ? -5.468  -9.673  3.949   1.00 24.98 ? 14  GLY A N   1 
ATOM   88   C  CA  . GLY A 1 21  ? -4.918  -10.681 4.838   1.00 24.90 ? 14  GLY A CA  1 
ATOM   89   C  C   . GLY A 1 21  ? -5.015  -12.076 4.249   1.00 25.22 ? 14  GLY A C   1 
ATOM   90   O  O   . GLY A 1 21  ? -4.378  -13.000 4.745   1.00 24.82 ? 14  GLY A O   1 
ATOM   91   N  N   . ARG A 1 22  ? -5.804  -12.212 3.176   1.00 26.82 ? 15  ARG A N   1 
ATOM   92   C  CA  . ARG A 1 22  ? -6.127  -13.498 2.532   1.00 26.62 ? 15  ARG A CA  1 
ATOM   93   C  C   . ARG A 1 22  ? -5.184  -13.874 1.394   1.00 27.59 ? 15  ARG A C   1 
ATOM   94   O  O   . ARG A 1 22  ? -5.451  -14.839 0.664   1.00 27.73 ? 15  ARG A O   1 
ATOM   95   C  CB  . ARG A 1 22  ? -7.536  -13.440 1.955   1.00 26.30 ? 15  ARG A CB  1 
ATOM   96   C  CG  . ARG A 1 22  ? -8.596  -12.882 2.891   1.00 26.55 ? 15  ARG A CG  1 
ATOM   97   C  CD  . ARG A 1 22  ? -9.295  -13.977 3.667   1.00 25.85 ? 15  ARG A CD  1 
ATOM   98   N  NE  . ARG A 1 22  ? -10.099 -14.845 2.816   1.00 25.95 ? 15  ARG A NE  1 
ATOM   99   C  CZ  . ARG A 1 22  ? -10.546 -16.036 3.201   1.00 28.21 ? 15  ARG A CZ  1 
ATOM   100  N  NH1 . ARG A 1 22  ? -10.269 -16.485 4.421   1.00 28.91 ? 15  ARG A NH1 1 
ATOM   101  N  NH2 . ARG A 1 22  ? -11.274 -16.786 2.380   1.00 28.50 ? 15  ARG A NH2 1 
ATOM   102  N  N   . LEU A 1 23  ? -4.099  -13.110 1.237   1.00 28.93 ? 16  LEU A N   1 
ATOM   103  C  CA  . LEU A 1 23  ? -3.163  -13.288 0.121   1.00 30.72 ? 16  LEU A CA  1 
ATOM   104  C  C   . LEU A 1 23  ? -2.618  -14.700 0.070   1.00 32.43 ? 16  LEU A C   1 
ATOM   105  O  O   . LEU A 1 23  ? -2.296  -15.284 1.105   1.00 32.15 ? 16  LEU A O   1 
ATOM   106  C  CB  . LEU A 1 23  ? -2.006  -12.285 0.197   1.00 30.20 ? 16  LEU A CB  1 
ATOM   107  C  CG  . LEU A 1 23  ? -2.240  -10.852 -0.301  1.00 30.14 ? 16  LEU A CG  1 
ATOM   108  C  CD1 . LEU A 1 23  ? -0.994  -10.003 -0.138  1.00 29.58 ? 16  LEU A CD1 1 
ATOM   109  C  CD2 . LEU A 1 23  ? -2.685  -10.822 -1.756  1.00 30.89 ? 16  LEU A CD2 1 
ATOM   110  N  N   . ALA A 1 24  ? -2.554  -15.239 -1.144  1.00 35.11 ? 17  ALA A N   1 
ATOM   111  C  CA  . ALA A 1 24  ? -2.010  -16.582 -1.453  1.00 39.02 ? 17  ALA A CA  1 
ATOM   112  C  C   . ALA A 1 24  ? -2.860  -17.776 -1.074  1.00 38.88 ? 17  ALA A C   1 
ATOM   113  O  O   . ALA A 1 24  ? -3.199  -18.574 -1.942  1.00 39.15 ? 17  ALA A O   1 
ATOM   114  C  CB  . ALA A 1 24  ? -0.628  -16.770 -0.880  1.00 40.06 ? 17  ALA A CB  1 
ATOM   115  N  N   . ARG A 1 25  ? -3.148  -17.924 0.217   1.00 39.58 ? 18  ARG A N   1 
ATOM   116  C  CA  . ARG A 1 25  ? -3.978  -19.028 0.707   1.00 44.06 ? 18  ARG A CA  1 
ATOM   117  C  C   . ARG A 1 25  ? -5.374  -19.000 0.055   1.00 46.98 ? 18  ARG A C   1 
ATOM   118  O  O   . ARG A 1 25  ? -6.082  -20.015 0.001   1.00 46.99 ? 18  ARG A O   1 
ATOM   119  C  CB  . ARG A 1 25  ? -4.070  -18.992 2.235   1.00 42.20 ? 18  ARG A CB  1 
ATOM   120  C  CG  . ARG A 1 25  ? -4.816  -17.781 2.783   1.00 43.43 ? 18  ARG A CG  1 
ATOM   121  C  CD  . ARG A 1 25  ? -4.269  -17.324 4.143   1.00 44.09 ? 18  ARG A CD  1 
ATOM   122  N  NE  . ARG A 1 25  ? -5.292  -16.813 5.072   1.00 39.96 ? 18  ARG A NE  1 
ATOM   123  C  CZ  . ARG A 1 25  ? -6.513  -17.328 5.249   1.00 40.61 ? 18  ARG A CZ  1 
ATOM   124  N  NH1 . ARG A 1 25  ? -6.935  -18.410 4.589   1.00 40.21 ? 18  ARG A NH1 1 
ATOM   125  N  NH2 . ARG A 1 25  ? -7.329  -16.762 6.124   1.00 41.81 ? 18  ARG A NH2 1 
ATOM   126  N  N   . ARG A 1 26  ? -5.741  -17.823 -0.452  1.00 47.68 ? 19  ARG A N   1 
ATOM   127  C  CA  . ARG A 1 26  ? -6.986  -17.613 -1.175  1.00 49.48 ? 19  ARG A CA  1 
ATOM   128  C  C   . ARG A 1 26  ? -6.670  -16.597 -2.281  1.00 50.97 ? 19  ARG A C   1 
ATOM   129  O  O   . ARG A 1 26  ? -5.722  -15.822 -2.134  1.00 52.08 ? 19  ARG A O   1 
ATOM   130  C  CB  . ARG A 1 26  ? -8.062  -17.097 -0.222  1.00 50.06 ? 19  ARG A CB  1 
ATOM   131  C  CG  . ARG A 1 26  ? -8.163  -17.827 1.125   1.00 49.24 ? 19  ARG A CG  1 
ATOM   132  C  CD  . ARG A 1 26  ? -8.836  -19.193 1.032   1.00 49.28 ? 19  ARG A CD  1 
ATOM   133  N  NE  . ARG A 1 26  ? -10.010 -19.162 0.157   1.00 49.14 ? 19  ARG A NE  1 
ATOM   134  C  CZ  . ARG A 1 26  ? -10.858 -20.175 -0.016  1.00 48.95 ? 19  ARG A CZ  1 
ATOM   135  N  NH1 . ARG A 1 26  ? -10.685 -21.332 0.629   1.00 45.35 ? 19  ARG A NH1 1 
ATOM   136  N  NH2 . ARG A 1 26  ? -11.892 -20.019 -0.841  1.00 47.27 ? 19  ARG A NH2 1 
ATOM   137  N  N   . GLU A 1 27  ? -7.513  -16.545 -3.321  1.00 50.01 ? 20  GLU A N   1 
ATOM   138  C  CA  . GLU A 1 27  ? -7.064  -16.413 -4.734  1.00 50.69 ? 20  GLU A CA  1 
ATOM   139  C  C   . GLU A 1 27  ? -6.287  -17.763 -4.957  1.00 53.51 ? 20  GLU A C   1 
ATOM   140  O  O   . GLU A 1 27  ? -6.736  -18.766 -4.363  1.00 55.09 ? 20  GLU A O   1 
ATOM   141  C  CB  . GLU A 1 27  ? -6.465  -15.027 -5.131  1.00 47.15 ? 20  GLU A CB  1 
ATOM   142  C  CG  . GLU A 1 27  ? -4.954  -14.799 -5.109  1.00 50.84 ? 20  GLU A CG  1 
ATOM   143  C  CD  . GLU A 1 27  ? -4.402  -14.097 -3.858  1.00 52.48 ? 20  GLU A CD  1 
ATOM   144  O  OE1 . GLU A 1 27  ? -3.431  -14.624 -3.278  1.00 52.01 ? 20  GLU A OE1 1 
ATOM   145  O  OE2 . GLU A 1 27  ? -4.905  -13.023 -3.443  1.00 51.32 ? 20  GLU A OE2 1 
ATOM   146  N  N   . PRO A 1 28  ? -5.136  -17.845 -5.687  1.00 49.84 ? 21  PRO A N   1 
ATOM   147  C  CA  . PRO A 1 28  ? -4.035  -17.006 -6.148  1.00 48.45 ? 21  PRO A CA  1 
ATOM   148  C  C   . PRO A 1 28  ? -3.897  -16.708 -7.656  1.00 46.98 ? 21  PRO A C   1 
ATOM   149  O  O   . PRO A 1 28  ? -2.802  -16.324 -8.097  1.00 44.15 ? 21  PRO A O   1 
ATOM   150  C  CB  . PRO A 1 28  ? -2.821  -17.846 -5.720  1.00 48.42 ? 21  PRO A CB  1 
ATOM   151  C  CG  . PRO A 1 28  ? -3.290  -19.275 -5.843  1.00 46.92 ? 21  PRO A CG  1 
ATOM   152  C  CD  . PRO A 1 28  ? -4.798  -19.262 -5.933  1.00 47.12 ? 21  PRO A CD  1 
ATOM   153  N  N   . ALA A 1 29  ? -4.955  -16.882 -8.447  1.00 45.72 ? 22  ALA A N   1 
ATOM   154  C  CA  . ALA A 1 29  ? -4.853  -16.556 -9.877  1.00 42.73 ? 22  ALA A CA  1 
ATOM   155  C  C   . ALA A 1 29  ? -4.525  -15.064 -10.038 1.00 42.40 ? 22  ALA A C   1 
ATOM   156  O  O   . ALA A 1 29  ? -3.624  -14.689 -10.806 1.00 40.72 ? 22  ALA A O   1 
ATOM   157  C  CB  . ALA A 1 29  ? -6.135  -16.913 -10.621 1.00 37.96 ? 22  ALA A CB  1 
ATOM   158  N  N   . VAL A 1 30  ? -5.209  -14.245 -9.234  1.00 40.00 ? 23  VAL A N   1 
ATOM   159  C  CA  . VAL A 1 30  ? -5.408  -12.824 -9.513  1.00 36.40 ? 23  VAL A CA  1 
ATOM   160  C  C   . VAL A 1 30  ? -4.428  -11.907 -8.803  1.00 34.41 ? 23  VAL A C   1 
ATOM   161  O  O   . VAL A 1 30  ? -3.897  -10.988 -9.413  1.00 33.39 ? 23  VAL A O   1 
ATOM   162  C  CB  . VAL A 1 30  ? -6.877  -12.433 -9.227  1.00 35.91 ? 23  VAL A CB  1 
ATOM   163  C  CG1 . VAL A 1 30  ? -7.437  -13.235 -8.066  1.00 36.03 ? 23  VAL A CG1 1 
ATOM   164  C  CG2 . VAL A 1 30  ? -7.022  -10.943 -8.989  1.00 36.58 ? 23  VAL A CG2 1 
ATOM   165  N  N   . TYR A 1 31  ? -4.193  -12.173 -7.523  1.00 35.39 ? 24  TYR A N   1 
ATOM   166  C  CA  . TYR A 1 31  ? -3.215  -11.424 -6.721  1.00 35.56 ? 24  TYR A CA  1 
ATOM   167  C  C   . TYR A 1 31  ? -1.988  -12.255 -6.285  1.00 36.52 ? 24  TYR A C   1 
ATOM   168  O  O   . TYR A 1 31  ? -1.246  -11.824 -5.402  1.00 38.74 ? 24  TYR A O   1 
ATOM   169  C  CB  . TYR A 1 31  ? -3.869  -10.775 -5.485  1.00 33.16 ? 24  TYR A CB  1 
ATOM   170  C  CG  . TYR A 1 31  ? -5.224  -10.114 -5.724  1.00 32.29 ? 24  TYR A CG  1 
ATOM   171  C  CD1 . TYR A 1 31  ? -6.399  -10.675 -5.210  1.00 30.96 ? 24  TYR A CD1 1 
ATOM   172  C  CD2 . TYR A 1 31  ? -5.329  -8.914  -6.441  1.00 31.63 ? 24  TYR A CD2 1 
ATOM   173  C  CE1 . TYR A 1 31  ? -7.634  -10.066 -5.417  1.00 30.72 ? 24  TYR A CE1 1 
ATOM   174  C  CE2 . TYR A 1 31  ? -6.563  -8.300  -6.653  1.00 30.22 ? 24  TYR A CE2 1 
ATOM   175  C  CZ  . TYR A 1 31  ? -7.714  -8.876  -6.138  1.00 29.92 ? 24  TYR A CZ  1 
ATOM   176  O  OH  . TYR A 1 31  ? -8.944  -8.279  -6.344  1.00 28.25 ? 24  TYR A OH  1 
ATOM   177  N  N   . GLY A 1 32  ? -1.792  -13.436 -6.880  1.00 35.73 ? 25  GLY A N   1 
ATOM   178  C  CA  . GLY A 1 32  ? -0.543  -14.209 -6.722  1.00 35.23 ? 25  GLY A CA  1 
ATOM   179  C  C   . GLY A 1 32  ? -0.447  -15.212 -5.576  1.00 35.87 ? 25  GLY A C   1 
ATOM   180  O  O   . GLY A 1 32  ? -1.154  -15.107 -4.571  1.00 35.52 ? 25  GLY A O   1 
ATOM   181  N  N   . GLY A 1 33  ? 0.450   -16.186 -5.715  1.00 34.44 ? 26  GLY A N   1 
ATOM   182  C  CA  . GLY A 1 33  ? 0.601   -17.225 -4.701  1.00 33.16 ? 26  GLY A CA  1 
ATOM   183  C  C   . GLY A 1 33  ? 1.343   -16.877 -3.417  1.00 32.45 ? 26  GLY A C   1 
ATOM   184  O  O   . GLY A 1 33  ? 1.678   -17.785 -2.664  1.00 32.05 ? 26  GLY A O   1 
ATOM   185  N  N   . THR A 1 34  ? 1.588   -15.588 -3.148  1.00 32.52 ? 27  THR A N   1 
ATOM   186  C  CA  . THR A 1 34  ? 2.386   -15.164 -1.972  1.00 34.02 ? 27  THR A CA  1 
ATOM   187  C  C   . THR A 1 34  ? 1.513   -14.736 -0.785  1.00 36.11 ? 27  THR A C   1 
ATOM   188  O  O   . THR A 1 34  ? 0.698   -13.818 -0.920  1.00 37.73 ? 27  THR A O   1 
ATOM   189  C  CB  . THR A 1 34  ? 3.370   -14.012 -2.308  1.00 34.45 ? 27  THR A CB  1 
ATOM   190  O  OG1 . THR A 1 34  ? 4.367   -14.470 -3.227  1.00 34.65 ? 27  THR A OG1 1 
ATOM   191  C  CG2 . THR A 1 34  ? 4.070   -13.476 -1.044  1.00 33.32 ? 27  THR A CG2 1 
ATOM   192  N  N   . THR A 1 35  ? 1.695   -15.392 0.374   1.00 36.71 ? 28  THR A N   1 
ATOM   193  C  CA  . THR A 1 35  ? 0.851   -15.141 1.564   1.00 34.55 ? 28  THR A CA  1 
ATOM   194  C  C   . THR A 1 35  ? 1.230   -13.807 2.175   1.00 33.83 ? 28  THR A C   1 
ATOM   195  O  O   . THR A 1 35  ? 2.242   -13.201 1.780   1.00 33.47 ? 28  THR A O   1 
ATOM   196  C  CB  . THR A 1 35  ? 0.925   -16.270 2.628   1.00 34.17 ? 28  THR A CB  1 
ATOM   197  O  OG1 . THR A 1 35  ? 2.236   -16.313 3.187   1.00 35.21 ? 28  THR A OG1 1 
ATOM   198  C  CG2 . THR A 1 35  ? 0.593   -17.648 2.038   1.00 33.76 ? 28  THR A CG2 1 
ATOM   199  N  N   . HIS A 1 36  ? 0.424   -13.334 3.121   1.00 32.71 ? 29  HIS A N   1 
ATOM   200  C  CA  . HIS A 1 36  ? 0.685   -12.019 3.702   1.00 32.54 ? 29  HIS A CA  1 
ATOM   201  C  C   . HIS A 1 36  ? 1.990   -11.990 4.457   1.00 32.35 ? 29  HIS A C   1 
ATOM   202  O  O   . HIS A 1 36  ? 2.808   -11.091 4.258   1.00 31.49 ? 29  HIS A O   1 
ATOM   203  C  CB  . HIS A 1 36  ? -0.470  -11.554 4.575   1.00 31.86 ? 29  HIS A CB  1 
ATOM   204  C  CG  . HIS A 1 36  ? -0.365  -10.111 4.975   1.00 32.32 ? 29  HIS A CG  1 
ATOM   205  N  ND1 . HIS A 1 36  ? 0.180   -9.722  6.149   1.00 31.84 ? 29  HIS A ND1 1 
ATOM   206  C  CD2 . HIS A 1 36  ? -0.735  -8.942  4.297   1.00 32.42 ? 29  HIS A CD2 1 
ATOM   207  C  CE1 . HIS A 1 36  ? 0.157   -8.373  6.224   1.00 31.53 ? 29  HIS A CE1 1 
ATOM   208  N  NE2 . HIS A 1 36  ? -0.401  -7.896  5.088   1.00 32.01 ? 29  HIS A NE2 1 
ATOM   209  N  N   . ASP A 1 37  ? 2.207   -13.000 5.296   1.00 31.30 ? 30  ASP A N   1 
ATOM   210  C  CA  . ASP A 1 37  ? 3.358   -13.039 6.181   1.00 32.55 ? 30  ASP A CA  1 
ATOM   211  C  C   . ASP A 1 37  ? 4.637   -13.080 5.393   1.00 33.02 ? 30  ASP A C   1 
ATOM   212  O  O   . ASP A 1 37  ? 5.642   -12.471 5.764   1.00 34.32 ? 30  ASP A O   1 
ATOM   213  C  CB  . ASP A 1 37  ? 3.278   -14.261 7.082   1.00 33.44 ? 30  ASP A CB  1 
ATOM   214  C  CG  . ASP A 1 37  ? 2.143   -14.171 8.071   1.00 33.52 ? 30  ASP A CG  1 
ATOM   215  O  OD1 . ASP A 1 37  ? 1.034   -13.744 7.685   1.00 34.30 ? 30  ASP A OD1 1 
ATOM   216  O  OD2 . ASP A 1 37  ? 2.361   -14.519 9.242   1.00 33.93 ? 30  ASP A OD2 1 
ATOM   217  N  N   . GLU A 1 38  ? 4.575   -13.817 4.296   1.00 33.00 ? 31  GLU A N   1 
ATOM   218  C  CA  . GLU A 1 38  ? 5.671   -13.965 3.357   1.00 32.51 ? 31  GLU A CA  1 
ATOM   219  C  C   . GLU A 1 38  ? 5.974   -12.630 2.723   1.00 29.95 ? 31  GLU A C   1 
ATOM   220  O  O   . GLU A 1 38  ? 7.109   -12.378 2.321   1.00 29.87 ? 31  GLU A O   1 
ATOM   221  C  CB  . GLU A 1 38  ? 5.234   -14.928 2.270   1.00 36.04 ? 31  GLU A CB  1 
ATOM   222  C  CG  . GLU A 1 38  ? 6.301   -15.785 1.635   1.00 38.44 ? 31  GLU A CG  1 
ATOM   223  C  CD  . GLU A 1 38  ? 5.673   -16.967 0.906   1.00 43.18 ? 31  GLU A CD  1 
ATOM   224  O  OE1 . GLU A 1 38  ? 4.427   -16.970 0.706   1.00 40.64 ? 31  GLU A OE1 1 
ATOM   225  O  OE2 . GLU A 1 38  ? 6.422   -17.904 0.541   1.00 49.08 ? 31  GLU A OE2 1 
ATOM   226  N  N   . LEU A 1 39  ? 4.942   -11.792 2.619   1.00 26.98 ? 32  LEU A N   1 
ATOM   227  C  CA  . LEU A 1 39  ? 5.085   -10.479 2.010   1.00 25.22 ? 32  LEU A CA  1 
ATOM   228  C  C   . LEU A 1 39  ? 5.816   -9.531  2.959   1.00 25.12 ? 32  LEU A C   1 
ATOM   229  O  O   . LEU A 1 39  ? 6.696   -8.752  2.532   1.00 24.23 ? 32  LEU A O   1 
ATOM   230  C  CB  . LEU A 1 39  ? 3.723   -9.919  1.600   1.00 23.95 ? 32  LEU A CB  1 
ATOM   231  C  CG  . LEU A 1 39  ? 3.726   -8.473  1.096   1.00 23.59 ? 32  LEU A CG  1 
ATOM   232  C  CD1 . LEU A 1 39  ? 4.663   -8.297  -0.103  1.00 23.77 ? 32  LEU A CD1 1 
ATOM   233  C  CD2 . LEU A 1 39  ? 2.309   -7.995  0.788   1.00 22.64 ? 32  LEU A CD2 1 
ATOM   234  N  N   . VAL A 1 40  ? 5.444   -9.614  4.239   1.00 24.01 ? 33  VAL A N   1 
ATOM   235  C  CA  . VAL A 1 40  ? 6.121   -8.894  5.309   1.00 23.68 ? 33  VAL A CA  1 
ATOM   236  C  C   . VAL A 1 40  ? 7.617   -9.275  5.338   1.00 24.54 ? 33  VAL A C   1 
ATOM   237  O  O   . VAL A 1 40  ? 8.496   -8.399  5.455   1.00 23.44 ? 33  VAL A O   1 
ATOM   238  C  CB  . VAL A 1 40  ? 5.444   -9.181  6.669   1.00 23.17 ? 33  VAL A CB  1 
ATOM   239  C  CG1 . VAL A 1 40  ? 5.938   -8.230  7.747   1.00 22.97 ? 33  VAL A CG1 1 
ATOM   240  C  CG2 . VAL A 1 40  ? 3.942   -9.058  6.541   1.00 22.81 ? 33  VAL A CG2 1 
ATOM   241  N  N   . ALA A 1 41  ? 7.901   -10.578 5.215   1.00 25.06 ? 34  ALA A N   1 
ATOM   242  C  CA  . ALA A 1 41  ? 9.281   -11.067 5.127   1.00 26.28 ? 34  ALA A CA  1 
ATOM   243  C  C   . ALA A 1 41  ? 10.016  -10.468 3.914   1.00 26.62 ? 34  ALA A C   1 
ATOM   244  O  O   . ALA A 1 41  ? 11.145  -9.977  4.036   1.00 27.69 ? 34  ALA A O   1 
ATOM   245  C  CB  . ALA A 1 41  ? 9.308   -12.590 5.084   1.00 26.31 ? 34  ALA A CB  1 
ATOM   246  N  N   . LEU A 1 42  ? 9.365   -10.506 2.755   1.00 27.05 ? 35  LEU A N   1 
ATOM   247  C  CA  . LEU A 1 42  ? 9.906   -9.915  1.531   1.00 27.00 ? 35  LEU A CA  1 
ATOM   248  C  C   . LEU A 1 42  ? 10.249  -8.450  1.711   1.00 26.76 ? 35  LEU A C   1 
ATOM   249  O  O   . LEU A 1 42  ? 11.380  -8.060  1.477   1.00 27.11 ? 35  LEU A O   1 
ATOM   250  C  CB  . LEU A 1 42  ? 8.922   -10.067 0.374   1.00 27.13 ? 35  LEU A CB  1 
ATOM   251  C  CG  . LEU A 1 42  ? 8.771   -11.430 -0.294  1.00 27.65 ? 35  LEU A CG  1 
ATOM   252  C  CD1 . LEU A 1 42  ? 7.981   -11.245 -1.586  1.00 27.08 ? 35  LEU A CD1 1 
ATOM   253  C  CD2 . LEU A 1 42  ? 10.131  -12.070 -0.553  1.00 26.53 ? 35  LEU A CD2 1 
ATOM   254  N  N   . ILE A 1 43  ? 9.264   -7.648  2.117   1.00 27.02 ? 36  ILE A N   1 
ATOM   255  C  CA  . ILE A 1 43  ? 9.461   -6.216  2.391   1.00 27.98 ? 36  ILE A CA  1 
ATOM   256  C  C   . ILE A 1 43  ? 10.578  -5.973  3.436   1.00 29.49 ? 36  ILE A C   1 
ATOM   257  O  O   . ILE A 1 43  ? 11.532  -5.249  3.152   1.00 29.74 ? 36  ILE A O   1 
ATOM   258  C  CB  . ILE A 1 43  ? 8.119   -5.542  2.798   1.00 28.26 ? 36  ILE A CB  1 
ATOM   259  C  CG1 . ILE A 1 43  ? 7.133   -5.555  1.620   1.00 28.19 ? 36  ILE A CG1 1 
ATOM   260  C  CG2 . ILE A 1 43  ? 8.322   -4.126  3.313   1.00 26.70 ? 36  ILE A CG2 1 
ATOM   261  C  CD1 . ILE A 1 43  ? 5.695   -5.242  1.995   1.00 28.26 ? 36  ILE A CD1 1 
ATOM   262  N  N   . GLU A 1 44  ? 10.472  -6.597  4.618   1.00 31.09 ? 37  GLU A N   1 
ATOM   263  C  CA  . GLU A 1 44  ? 11.492  -6.488  5.682   1.00 32.43 ? 37  GLU A CA  1 
ATOM   264  C  C   . GLU A 1 44  ? 12.922  -6.798  5.239   1.00 34.87 ? 37  GLU A C   1 
ATOM   265  O  O   . GLU A 1 44  ? 13.867  -6.152  5.713   1.00 36.65 ? 37  GLU A O   1 
ATOM   266  C  CB  . GLU A 1 44  ? 11.142  -7.381  6.870   1.00 32.28 ? 37  GLU A CB  1 
ATOM   267  C  CG  . GLU A 1 44  ? 10.815  -6.621  8.144   1.00 31.73 ? 37  GLU A CG  1 
ATOM   268  C  CD  . GLU A 1 44  ? 9.637   -7.210  8.893   1.00 31.67 ? 37  GLU A CD  1 
ATOM   269  O  OE1 . GLU A 1 44  ? 9.514   -8.465  8.948   1.00 30.93 ? 37  GLU A OE1 1 
ATOM   270  O  OE2 . GLU A 1 44  ? 8.830   -6.406  9.416   1.00 31.28 ? 37  GLU A OE2 1 
ATOM   271  N  N   . ARG A 1 45  ? 13.080  -7.781  4.349   1.00 35.69 ? 38  ARG A N   1 
ATOM   272  C  CA  . ARG A 1 45  ? 14.401  -8.128  3.820   1.00 37.77 ? 38  ARG A CA  1 
ATOM   273  C  C   . ARG A 1 45  ? 14.930  -7.107  2.808   1.00 37.27 ? 38  ARG A C   1 
ATOM   274  O  O   . ARG A 1 45  ? 16.107  -6.760  2.857   1.00 39.76 ? 38  ARG A O   1 
ATOM   275  C  CB  . ARG A 1 45  ? 14.417  -9.543  3.230   1.00 39.69 ? 38  ARG A CB  1 
ATOM   276  C  CG  . ARG A 1 45  ? 15.794  -9.979  2.744   1.00 40.96 ? 38  ARG A CG  1 
ATOM   277  C  CD  . ARG A 1 45  ? 15.811  -11.449 2.393   1.00 43.36 ? 38  ARG A CD  1 
ATOM   278  N  NE  . ARG A 1 45  ? 14.940  -11.737 1.258   1.00 45.32 ? 38  ARG A NE  1 
ATOM   279  C  CZ  . ARG A 1 45  ? 14.849  -12.923 0.656   1.00 47.09 ? 38  ARG A CZ  1 
ATOM   280  N  NH1 . ARG A 1 45  ? 15.587  -13.951 1.074   1.00 47.17 ? 38  ARG A NH1 1 
ATOM   281  N  NH2 . ARG A 1 45  ? 14.018  -13.082 -0.369  1.00 44.86 ? 38  ARG A NH2 1 
ATOM   282  N  N   . GLU A 1 46  ? 14.067  -6.642  1.907   1.00 34.77 ? 39  GLU A N   1 
ATOM   283  C  CA  . GLU A 1 46  ? 14.391  -5.568  0.978   1.00 36.92 ? 39  GLU A CA  1 
ATOM   284  C  C   . GLU A 1 46  ? 14.697  -4.227  1.668   1.00 37.47 ? 39  GLU A C   1 
ATOM   285  O  O   . GLU A 1 46  ? 15.547  -3.462  1.199   1.00 37.15 ? 39  GLU A O   1 
ATOM   286  C  CB  . GLU A 1 46  ? 13.245  -5.372  -0.017  1.00 41.12 ? 39  GLU A CB  1 
ATOM   287  C  CG  . GLU A 1 46  ? 13.514  -4.353  -1.125  1.00 43.46 ? 39  GLU A CG  1 
ATOM   288  C  CD  . GLU A 1 46  ? 14.246  -4.953  -2.319  1.00 47.39 ? 39  GLU A CD  1 
ATOM   289  O  OE1 . GLU A 1 46  ? 14.194  -6.196  -2.495  1.00 48.61 ? 39  GLU A OE1 1 
ATOM   290  O  OE2 . GLU A 1 46  ? 14.869  -4.183  -3.093  1.00 50.34 ? 39  GLU A OE2 1 
ATOM   291  N  N   . ALA A 1 47  ? 13.998  -3.933  2.765   1.00 36.71 ? 40  ALA A N   1 
ATOM   292  C  CA  . ALA A 1 47  ? 14.301  -2.743  3.573   1.00 36.78 ? 40  ALA A CA  1 
ATOM   293  C  C   . ALA A 1 47  ? 15.641  -2.875  4.296   1.00 36.82 ? 40  ALA A C   1 
ATOM   294  O  O   . ALA A 1 47  ? 16.334  -1.886  4.497   1.00 36.81 ? 40  ALA A O   1 
ATOM   295  C  CB  . ALA A 1 47  ? 13.184  -2.456  4.564   1.00 37.14 ? 40  ALA A CB  1 
ATOM   296  N  N   . ALA A 1 48  ? 15.997  -4.101  4.672   1.00 37.90 ? 41  ALA A N   1 
ATOM   297  C  CA  . ALA A 1 48  ? 17.292  -4.402  5.281   1.00 38.94 ? 41  ALA A CA  1 
ATOM   298  C  C   . ALA A 1 48  ? 18.439  -3.905  4.407   1.00 38.32 ? 41  ALA A C   1 
ATOM   299  O  O   . ALA A 1 48  ? 19.198  -3.006  4.793   1.00 36.84 ? 41  ALA A O   1 
ATOM   300  C  CB  . ALA A 1 48  ? 17.426  -5.900  5.526   1.00 38.38 ? 41  ALA A CB  1 
ATOM   301  N  N   . GLU A 1 49  ? 18.536  -4.492  3.222   1.00 38.56 ? 42  GLU A N   1 
ATOM   302  C  CA  . GLU A 1 49  ? 19.576  -4.146  2.274   1.00 41.24 ? 42  GLU A CA  1 
ATOM   303  C  C   . GLU A 1 49  ? 19.535  -2.668  1.895   1.00 39.86 ? 42  GLU A C   1 
ATOM   304  O  O   . GLU A 1 49  ? 20.579  -2.063  1.638   1.00 41.55 ? 42  GLU A O   1 
ATOM   305  C  CB  . GLU A 1 49  ? 19.470  -5.016  1.018   1.00 46.54 ? 42  GLU A CB  1 
ATOM   306  C  CG  . GLU A 1 49  ? 18.108  -4.949  0.340   1.00 53.46 ? 42  GLU A CG  1 
ATOM   307  C  CD  . GLU A 1 49  ? 18.167  -5.167  -1.165  1.00 60.74 ? 42  GLU A CD  1 
ATOM   308  O  OE1 . GLU A 1 49  ? 18.412  -6.323  -1.588  1.00 62.61 ? 42  GLU A OE1 1 
ATOM   309  O  OE2 . GLU A 1 49  ? 17.943  -4.184  -1.924  1.00 63.94 ? 42  GLU A OE2 1 
ATOM   310  N  N   . LEU A 1 50  ? 18.337  -2.085  1.862   1.00 36.54 ? 43  LEU A N   1 
ATOM   311  C  CA  . LEU A 1 50  ? 18.194  -0.675  1.492   1.00 32.41 ? 43  LEU A CA  1 
ATOM   312  C  C   . LEU A 1 50  ? 18.601  0.258   2.620   1.00 30.94 ? 43  LEU A C   1 
ATOM   313  O  O   . LEU A 1 50  ? 18.829  1.450   2.389   1.00 29.71 ? 43  LEU A O   1 
ATOM   314  C  CB  . LEU A 1 50  ? 16.756  -0.361  1.071   1.00 30.66 ? 43  LEU A CB  1 
ATOM   315  C  CG  . LEU A 1 50  ? 16.325  -0.661  -0.358  1.00 30.13 ? 43  LEU A CG  1 
ATOM   316  C  CD1 . LEU A 1 50  ? 14.807  -0.662  -0.446  1.00 29.79 ? 43  LEU A CD1 1 
ATOM   317  C  CD2 . LEU A 1 50  ? 16.928  0.331   -1.342  1.00 29.83 ? 43  LEU A CD2 1 
ATOM   318  N  N   . GLY A 1 51  ? 18.685  -0.287  3.833   1.00 29.74 ? 44  GLY A N   1 
ATOM   319  C  CA  . GLY A 1 51  ? 18.855  0.527   5.030   1.00 29.80 ? 44  GLY A CA  1 
ATOM   320  C  C   . GLY A 1 51  ? 17.613  1.380   5.264   1.00 29.87 ? 44  GLY A C   1 
ATOM   321  O  O   . GLY A 1 51  ? 17.680  2.612   5.243   1.00 30.21 ? 44  GLY A O   1 
ATOM   322  N  N   . LEU A 1 52  ? 16.473  0.708   5.430   1.00 28.99 ? 45  LEU A N   1 
ATOM   323  C  CA  . LEU A 1 52  ? 15.209  1.314   5.850   1.00 28.14 ? 45  LEU A CA  1 
ATOM   324  C  C   . LEU A 1 52  ? 14.566  0.384   6.871   1.00 28.62 ? 45  LEU A C   1 
ATOM   325  O  O   . LEU A 1 52  ? 14.914  -0.808  6.956   1.00 28.05 ? 45  LEU A O   1 
ATOM   326  C  CB  . LEU A 1 52  ? 14.225  1.436   4.688   1.00 27.75 ? 45  LEU A CB  1 
ATOM   327  C  CG  . LEU A 1 52  ? 14.617  1.878   3.283   1.00 29.10 ? 45  LEU A CG  1 
ATOM   328  C  CD1 . LEU A 1 52  ? 13.463  1.662   2.303   1.00 28.97 ? 45  LEU A CD1 1 
ATOM   329  C  CD2 . LEU A 1 52  ? 15.091  3.324   3.272   1.00 29.42 ? 45  LEU A CD2 1 
ATOM   330  N  N   . LYS A 1 53  ? 13.613  0.917   7.632   1.00 28.54 ? 46  LYS A N   1 
ATOM   331  C  CA  . LYS A 1 53  ? 12.739  0.068   8.440   1.00 29.95 ? 46  LYS A CA  1 
ATOM   332  C  C   . LYS A 1 53  ? 11.356  0.011   7.773   1.00 30.35 ? 46  LYS A C   1 
ATOM   333  O  O   . LYS A 1 53  ? 10.804  1.040   7.359   1.00 31.95 ? 46  LYS A O   1 
ATOM   334  C  CB  . LYS A 1 53  ? 12.658  0.538   9.908   1.00 30.22 ? 46  LYS A CB  1 
ATOM   335  C  CG  . LYS A 1 53  ? 12.139  -0.523  10.869  1.00 30.61 ? 46  LYS A CG  1 
ATOM   336  C  CD  . LYS A 1 53  ? 12.385  -0.142  12.315  1.00 33.26 ? 46  LYS A CD  1 
ATOM   337  C  CE  . LYS A 1 53  ? 11.707  -1.123  13.274  1.00 35.78 ? 46  LYS A CE  1 
ATOM   338  N  NZ  . LYS A 1 53  ? 12.166  -0.972  14.695  1.00 35.69 ? 46  LYS A NZ  1 
ATOM   339  N  N   . ALA A 1 54  ? 10.815  -1.191  7.629   1.00 28.54 ? 47  ALA A N   1 
ATOM   340  C  CA  . ALA A 1 54  ? 9.501   -1.320  7.068   1.00 27.56 ? 47  ALA A CA  1 
ATOM   341  C  C   . ALA A 1 54  ? 8.576   -1.698  8.187   1.00 28.00 ? 47  ALA A C   1 
ATOM   342  O  O   . ALA A 1 54  ? 8.692   -2.780  8.762   1.00 29.74 ? 47  ALA A O   1 
ATOM   343  C  CB  . ALA A 1 54  ? 9.485   -2.374  5.989   1.00 27.71 ? 47  ALA A CB  1 
ATOM   344  N  N   . VAL A 1 55  ? 7.673   -0.789  8.517   1.00 26.67 ? 48  VAL A N   1 
ATOM   345  C  CA  . VAL A 1 55  ? 6.581   -1.115  9.394   1.00 25.33 ? 48  VAL A CA  1 
ATOM   346  C  C   . VAL A 1 55  ? 5.372   -1.467  8.531   1.00 25.59 ? 48  VAL A C   1 
ATOM   347  O  O   . VAL A 1 55  ? 4.676   -0.591  8.032   1.00 27.59 ? 48  VAL A O   1 
ATOM   348  C  CB  . VAL A 1 55  ? 6.302   0.043   10.336  1.00 24.77 ? 48  VAL A CB  1 
ATOM   349  C  CG1 . VAL A 1 55  ? 5.172   -0.316  11.281  1.00 25.13 ? 48  VAL A CG1 1 
ATOM   350  C  CG2 . VAL A 1 55  ? 7.573   0.373   11.103  1.00 24.94 ? 48  VAL A CG2 1 
ATOM   351  N  N   . VAL A 1 56  ? 5.152   -2.760  8.334   1.00 24.89 ? 49  VAL A N   1 
ATOM   352  C  CA  . VAL A 1 56  ? 4.124   -3.260  7.428   1.00 25.19 ? 49  VAL A CA  1 
ATOM   353  C  C   . VAL A 1 56  ? 2.880   -3.731  8.196   1.00 26.16 ? 49  VAL A C   1 
ATOM   354  O  O   . VAL A 1 56  ? 2.940   -4.747  8.896   1.00 26.52 ? 49  VAL A O   1 
ATOM   355  C  CB  . VAL A 1 56  ? 4.675   -4.436  6.596   1.00 24.56 ? 49  VAL A CB  1 
ATOM   356  C  CG1 . VAL A 1 56  ? 3.674   -4.900  5.543   1.00 23.80 ? 49  VAL A CG1 1 
ATOM   357  C  CG2 . VAL A 1 56  ? 5.990   -4.039  5.951   1.00 25.44 ? 49  VAL A CG2 1 
ATOM   358  N  N   . ARG A 1 57  ? 1.757   -3.017  8.050   1.00 26.16 ? 50  ARG A N   1 
ATOM   359  C  CA  . ARG A 1 57  ? 0.493   -3.398  8.713   1.00 25.12 ? 50  ARG A CA  1 
ATOM   360  C  C   . ARG A 1 57  ? -0.662  -3.684  7.740   1.00 23.85 ? 50  ARG A C   1 
ATOM   361  O  O   . ARG A 1 57  ? -0.688  -3.111  6.651   1.00 24.44 ? 50  ARG A O   1 
ATOM   362  C  CB  . ARG A 1 57  ? 0.080   -2.308  9.684   1.00 26.12 ? 50  ARG A CB  1 
ATOM   363  C  CG  . ARG A 1 57  ? 1.114   -1.966  10.743  1.00 27.84 ? 50  ARG A CG  1 
ATOM   364  C  CD  . ARG A 1 57  ? 0.470   -0.994  11.713  1.00 29.98 ? 50  ARG A CD  1 
ATOM   365  N  NE  . ARG A 1 57  ? 1.387   -0.088  12.388  1.00 32.65 ? 50  ARG A NE  1 
ATOM   366  C  CZ  . ARG A 1 57  ? 1.867   1.037   11.859  1.00 35.91 ? 50  ARG A CZ  1 
ATOM   367  N  NH1 . ARG A 1 57  ? 1.554   1.408   10.610  1.00 35.75 ? 50  ARG A NH1 1 
ATOM   368  N  NH2 . ARG A 1 57  ? 2.692   1.791   12.582  1.00 38.30 ? 50  ARG A NH2 1 
ATOM   369  N  N   . GLN A 1 58  ? -1.591  -4.571  8.132   1.00 22.16 ? 51  GLN A N   1 
ATOM   370  C  CA  . GLN A 1 58  ? -2.842  -4.836  7.372   1.00 21.12 ? 51  GLN A CA  1 
ATOM   371  C  C   . GLN A 1 58  ? -4.093  -4.787  8.255   1.00 20.84 ? 51  GLN A C   1 
ATOM   372  O  O   . GLN A 1 58  ? -4.098  -5.287  9.384   1.00 19.80 ? 51  GLN A O   1 
ATOM   373  C  CB  . GLN A 1 58  ? -2.803  -6.187  6.647   1.00 21.09 ? 51  GLN A CB  1 
ATOM   374  C  CG  . GLN A 1 58  ? -3.918  -6.421  5.613   1.00 22.04 ? 51  GLN A CG  1 
ATOM   375  C  CD  . GLN A 1 58  ? -5.261  -6.873  6.206   1.00 22.16 ? 51  GLN A CD  1 
ATOM   376  O  OE1 . GLN A 1 58  ? -5.291  -7.594  7.186   1.00 22.11 ? 51  GLN A OE1 1 
ATOM   377  N  NE2 . GLN A 1 58  ? -6.371  -6.445  5.602   1.00 21.89 ? 51  GLN A NE2 1 
ATOM   378  N  N   . SER A 1 59  ? -5.165  -4.199  7.727   1.00 21.20 ? 52  SER A N   1 
ATOM   379  C  CA  . SER A 1 59  ? -6.446  -4.222  8.424   1.00 21.25 ? 52  SER A CA  1 
ATOM   380  C  C   . SER A 1 59  ? -7.666  -4.234  7.498   1.00 21.05 ? 52  SER A C   1 
ATOM   381  O  O   . SER A 1 59  ? -7.641  -3.619  6.433   1.00 21.24 ? 52  SER A O   1 
ATOM   382  C  CB  . SER A 1 59  ? -6.549  -3.050  9.393   1.00 21.05 ? 52  SER A CB  1 
ATOM   383  O  OG  . SER A 1 59  ? -7.478  -3.365  10.423  1.00 22.33 ? 52  SER A OG  1 
ATOM   384  N  N   . ASP A 1 60  ? -8.725  -4.924  7.934   1.00 19.93 ? 53  ASP A N   1 
ATOM   385  C  CA  . ASP A 1 60  ? -10.028 -4.913  7.260   1.00 19.58 ? 53  ASP A CA  1 
ATOM   386  C  C   . ASP A 1 60  ? -10.995 -3.841  7.757   1.00 19.27 ? 53  ASP A C   1 
ATOM   387  O  O   . ASP A 1 60  ? -12.163 -3.835  7.370   1.00 18.68 ? 53  ASP A O   1 
ATOM   388  C  CB  . ASP A 1 60  ? -10.698 -6.263  7.419   1.00 19.56 ? 53  ASP A CB  1 
ATOM   389  C  CG  . ASP A 1 60  ? -10.267 -7.237  6.378   1.00 19.95 ? 53  ASP A CG  1 
ATOM   390  O  OD1 . ASP A 1 60  ? -9.157  -7.085  5.807   1.00 20.80 ? 53  ASP A OD1 1 
ATOM   391  O  OD2 . ASP A 1 60  ? -11.051 -8.160  6.125   1.00 20.46 ? 53  ASP A OD2 1 
ATOM   392  N  N   . SER A 1 61  ? -10.493 -2.951  8.612   1.00 19.31 ? 54  SER A N   1 
ATOM   393  C  CA  . SER A 1 61  ? -11.259 -1.855  9.225   1.00 18.84 ? 54  SER A CA  1 
ATOM   394  C  C   . SER A 1 61  ? -10.819 -0.472  8.710   1.00 18.40 ? 54  SER A C   1 
ATOM   395  O  O   . SER A 1 61  ? -9.631  -0.125  8.758   1.00 18.13 ? 54  SER A O   1 
ATOM   396  C  CB  . SER A 1 61  ? -11.113 -1.930  10.760  1.00 18.67 ? 54  SER A CB  1 
ATOM   397  O  OG  . SER A 1 61  ? -10.968 -0.650  11.368  1.00 18.20 ? 54  SER A OG  1 
ATOM   398  N  N   . GLU A 1 62  ? -11.774 0.328   8.239   1.00 18.15 ? 55  GLU A N   1 
ATOM   399  C  CA  . GLU A 1 62  ? -11.465 1.719   7.830   1.00 18.21 ? 55  GLU A CA  1 
ATOM   400  C  C   . GLU A 1 62  ? -10.946 2.632   8.967   1.00 18.51 ? 55  GLU A C   1 
ATOM   401  O  O   . GLU A 1 62  ? -10.116 3.499   8.727   1.00 18.17 ? 55  GLU A O   1 
ATOM   402  C  CB  . GLU A 1 62  ? -12.652 2.378   7.134   1.00 17.16 ? 55  GLU A CB  1 
ATOM   403  C  CG  . GLU A 1 62  ? -12.217 3.463   6.182   1.00 17.00 ? 55  GLU A CG  1 
ATOM   404  C  CD  . GLU A 1 62  ? -13.384 4.179   5.547   1.00 17.16 ? 55  GLU A CD  1 
ATOM   405  O  OE1 . GLU A 1 62  ? -14.423 4.330   6.215   1.00 17.45 ? 55  GLU A OE1 1 
ATOM   406  O  OE2 . GLU A 1 62  ? -13.262 4.614   4.387   1.00 16.97 ? 55  GLU A OE2 1 
ATOM   407  N  N   . ALA A 1 63  ? -11.429 2.422   10.189  1.00 19.00 ? 56  ALA A N   1 
ATOM   408  C  CA  . ALA A 1 63  ? -11.037 3.259   11.306  1.00 20.12 ? 56  ALA A CA  1 
ATOM   409  C  C   . ALA A 1 63  ? -9.601  2.933   11.707  1.00 20.91 ? 56  ALA A C   1 
ATOM   410  O  O   . ALA A 1 63  ? -8.819  3.840   12.072  1.00 22.01 ? 56  ALA A O   1 
ATOM   411  C  CB  . ALA A 1 63  ? -12.001 3.100   12.483  1.00 19.72 ? 56  ALA A CB  1 
ATOM   412  N  N   . GLN A 1 64  ? -9.256  1.646   11.632  1.00 20.43 ? 57  GLN A N   1 
ATOM   413  C  CA  . GLN A 1 64  ? -7.894  1.213   11.916  1.00 20.24 ? 57  GLN A CA  1 
ATOM   414  C  C   . GLN A 1 64  ? -6.934  1.860   10.908  1.00 19.59 ? 57  GLN A C   1 
ATOM   415  O  O   . GLN A 1 64  ? -6.070  2.647   11.277  1.00 19.83 ? 57  GLN A O   1 
ATOM   416  C  CB  . GLN A 1 64  ? -7.790  -0.308  11.857  1.00 20.59 ? 57  GLN A CB  1 
ATOM   417  C  CG  . GLN A 1 64  ? -6.397  -0.818  12.183  1.00 21.23 ? 57  GLN A CG  1 
ATOM   418  C  CD  . GLN A 1 64  ? -6.080  -0.652  13.652  1.00 21.87 ? 57  GLN A CD  1 
ATOM   419  O  OE1 . GLN A 1 64  ? -6.501  -1.465  14.481  1.00 21.79 ? 57  GLN A OE1 1 
ATOM   420  N  NE2 . GLN A 1 64  ? -5.347  0.412   13.988  1.00 21.67 ? 57  GLN A NE2 1 
ATOM   421  N  N   . LEU A 1 65  ? -7.120  1.548   9.632   1.00 18.72 ? 58  LEU A N   1 
ATOM   422  C  CA  . LEU A 1 65  ? -6.363  2.185   8.573   1.00 18.37 ? 58  LEU A CA  1 
ATOM   423  C  C   . LEU A 1 65  ? -6.278  3.683   8.787   1.00 18.75 ? 58  LEU A C   1 
ATOM   424  O  O   . LEU A 1 65  ? -5.179  4.238   8.733   1.00 18.66 ? 58  LEU A O   1 
ATOM   425  C  CB  . LEU A 1 65  ? -6.944  1.854   7.195   1.00 17.86 ? 58  LEU A CB  1 
ATOM   426  C  CG  . LEU A 1 65  ? -6.942  0.364   6.801   1.00 17.75 ? 58  LEU A CG  1 
ATOM   427  C  CD1 . LEU A 1 65  ? -7.466  0.154   5.395   1.00 17.43 ? 58  LEU A CD1 1 
ATOM   428  C  CD2 . LEU A 1 65  ? -5.568  -0.280  6.944   1.00 17.67 ? 58  LEU A CD2 1 
ATOM   429  N  N   . LEU A 1 66  ? -7.418  4.332   9.064   1.00 19.30 ? 59  LEU A N   1 
ATOM   430  C  CA  . LEU A 1 66  ? -7.436  5.789   9.302   1.00 19.24 ? 59  LEU A CA  1 
ATOM   431  C  C   . LEU A 1 66  ? -6.403  6.144   10.347  1.00 19.86 ? 59  LEU A C   1 
ATOM   432  O  O   . LEU A 1 66  ? -5.528  6.977   10.094  1.00 19.55 ? 59  LEU A O   1 
ATOM   433  C  CB  . LEU A 1 66  ? -8.817  6.316   9.727   1.00 18.70 ? 59  LEU A CB  1 
ATOM   434  C  CG  . LEU A 1 66  ? -9.842  6.413   8.593   1.00 18.71 ? 59  LEU A CG  1 
ATOM   435  C  CD1 . LEU A 1 66  ? -11.079 7.210   8.979   1.00 18.37 ? 59  LEU A CD1 1 
ATOM   436  C  CD2 . LEU A 1 66  ? -9.216  6.951   7.312   1.00 18.82 ? 59  LEU A CD2 1 
ATOM   437  N  N   . ASP A 1 67  ? -6.494  5.477   11.504  1.00 20.37 ? 60  ASP A N   1 
ATOM   438  C  CA  . ASP A 1 67  ? -5.581  5.705   12.618  1.00 20.01 ? 60  ASP A CA  1 
ATOM   439  C  C   . ASP A 1 67  ? -4.122  5.610   12.192  1.00 19.69 ? 60  ASP A C   1 
ATOM   440  O  O   . ASP A 1 67  ? -3.345  6.524   12.498  1.00 20.18 ? 60  ASP A O   1 
ATOM   441  C  CB  . ASP A 1 67  ? -5.880  4.756   13.772  1.00 20.69 ? 60  ASP A CB  1 
ATOM   442  C  CG  . ASP A 1 67  ? -4.989  5.004   14.978  1.00 22.05 ? 60  ASP A CG  1 
ATOM   443  O  OD1 . ASP A 1 67  ? -4.716  6.182   15.337  1.00 21.33 ? 60  ASP A OD1 1 
ATOM   444  O  OD2 . ASP A 1 67  ? -4.562  3.992   15.585  1.00 23.44 ? 60  ASP A OD2 1 
ATOM   445  N  N   . TRP A 1 68  ? -3.758  4.550   11.459  1.00 18.91 ? 61  TRP A N   1 
ATOM   446  C  CA  . TRP A 1 68  ? -2.368  4.376   10.975  1.00 18.40 ? 61  TRP A CA  1 
ATOM   447  C  C   . TRP A 1 68  ? -1.897  5.488   10.090  1.00 17.83 ? 61  TRP A C   1 
ATOM   448  O  O   . TRP A 1 68  ? -0.715  5.849   10.134  1.00 17.52 ? 61  TRP A O   1 
ATOM   449  C  CB  . TRP A 1 68  ? -2.152  3.044   10.254  1.00 18.48 ? 61  TRP A CB  1 
ATOM   450  C  CG  . TRP A 1 68  ? -2.277  1.820   11.120  1.00 19.00 ? 61  TRP A CG  1 
ATOM   451  C  CD1 . TRP A 1 68  ? -2.048  1.708   12.498  1.00 19.61 ? 61  TRP A CD1 1 
ATOM   452  C  CD2 . TRP A 1 68  ? -2.633  0.476   10.687  1.00 19.15 ? 61  TRP A CD2 1 
ATOM   453  N  NE1 . TRP A 1 68  ? -2.266  0.423   12.934  1.00 19.51 ? 61  TRP A NE1 1 
ATOM   454  C  CE2 . TRP A 1 68  ? -2.618  -0.367  11.898  1.00 19.53 ? 61  TRP A CE2 1 
ATOM   455  C  CE3 . TRP A 1 68  ? -2.972  -0.095  9.471   1.00 19.08 ? 61  TRP A CE3 1 
ATOM   456  C  CZ2 . TRP A 1 68  ? -2.919  -1.714  11.854  1.00 19.68 ? 61  TRP A CZ2 1 
ATOM   457  C  CZ3 . TRP A 1 68  ? -3.277  -1.453  9.438   1.00 19.39 ? 61  TRP A CZ3 1 
ATOM   458  C  CH2 . TRP A 1 68  ? -3.250  -2.243  10.601  1.00 20.14 ? 61  TRP A CH2 1 
ATOM   459  N  N   . ILE A 1 69  ? -2.804  6.025   9.267   1.00 17.20 ? 62  ILE A N   1 
ATOM   460  C  CA  . ILE A 1 69  ? -2.503  7.195   8.432   1.00 16.92 ? 62  ILE A CA  1 
ATOM   461  C  C   . ILE A 1 69  ? -2.279  8.434   9.320   1.00 17.41 ? 62  ILE A C   1 
ATOM   462  O  O   . ILE A 1 69  ? -1.264  9.124   9.203   1.00 17.72 ? 62  ILE A O   1 
ATOM   463  C  CB  . ILE A 1 69  ? -3.604  7.450   7.391   1.00 16.46 ? 62  ILE A CB  1 
ATOM   464  C  CG1 . ILE A 1 69  ? -3.690  6.277   6.402   1.00 16.35 ? 62  ILE A CG1 1 
ATOM   465  C  CG2 . ILE A 1 69  ? -3.398  8.785   6.689   1.00 16.15 ? 62  ILE A CG2 1 
ATOM   466  C  CD1 . ILE A 1 69  ? -2.711  6.342   5.252   1.00 16.22 ? 62  ILE A CD1 1 
ATOM   467  N  N   . HIS A 1 70  ? -3.215  8.688   10.230  1.00 17.51 ? 63  HIS A N   1 
ATOM   468  C  CA  . HIS A 1 70  ? -3.080  9.753   11.209  1.00 17.12 ? 63  HIS A CA  1 
ATOM   469  C  C   . HIS A 1 70  ? -1.713  9.757   11.826  1.00 17.74 ? 63  HIS A C   1 
ATOM   470  O  O   . HIS A 1 70  ? -1.036  10.795  11.831  1.00 17.63 ? 63  HIS A O   1 
ATOM   471  C  CB  . HIS A 1 70  ? -4.195  9.643   12.239  1.00 15.99 ? 63  HIS A CB  1 
ATOM   472  C  CG  . HIS A 1 70  ? -5.565  9.778   11.629  0.60 15.47 ? 63  HIS A CG  1 
ATOM   473  N  ND1 . HIS A 1 70  ? -6.658  9.228   12.170  0.60 15.19 ? 63  HIS A ND1 1 
ATOM   474  C  CD2 . HIS A 1 70  ? -5.984  10.422  10.465  0.60 15.23 ? 63  HIS A CD2 1 
ATOM   475  C  CE1 . HIS A 1 70  ? -7.726  9.514   11.408  0.60 15.03 ? 63  HIS A CE1 1 
ATOM   476  N  NE2 . HIS A 1 70  ? -7.312  10.244  10.364  0.60 15.14 ? 63  HIS A NE2 1 
ATOM   477  N  N   . GLN A 1 71  ? -1.277  8.585   12.296  1.00 18.40 ? 64  GLN A N   1 
ATOM   478  C  CA  . GLN A 1 71  ? 0.020   8.439   12.958  1.00 19.03 ? 64  GLN A CA  1 
ATOM   479  C  C   . GLN A 1 71  ? 1.169   8.775   12.005  1.00 19.52 ? 64  GLN A C   1 
ATOM   480  O  O   . GLN A 1 71  ? 2.114   9.474   12.398  1.00 20.44 ? 64  GLN A O   1 
ATOM   481  C  CB  . GLN A 1 71  ? 0.203   7.024   13.516  1.00 19.26 ? 64  GLN A CB  1 
ATOM   482  C  CG  . GLN A 1 71  ? -0.822  6.562   14.554  1.00 19.24 ? 64  GLN A CG  1 
ATOM   483  C  CD  . GLN A 1 71  ? -0.612  5.092   14.938  1.00 19.81 ? 64  GLN A CD  1 
ATOM   484  O  OE1 . GLN A 1 71  ? 0.394   4.712   15.543  1.00 19.82 ? 64  GLN A OE1 1 
ATOM   485  N  NE2 . GLN A 1 71  ? -1.564  4.259   14.576  1.00 20.61 ? 64  GLN A NE2 1 
ATOM   486  N  N   . ALA A 1 72  ? 1.079   8.287   10.765  1.00 19.06 ? 65  ALA A N   1 
ATOM   487  C  CA  . ALA A 1 72  ? 2.085   8.572   9.733   1.00 19.65 ? 65  ALA A CA  1 
ATOM   488  C  C   . ALA A 1 72  ? 2.155   10.040  9.376   1.00 20.72 ? 65  ALA A C   1 
ATOM   489  O  O   . ALA A 1 72  ? 3.245   10.549  9.107   1.00 21.70 ? 65  ALA A O   1 
ATOM   490  C  CB  . ALA A 1 72  ? 1.822   7.765   8.478   1.00 19.42 ? 65  ALA A CB  1 
ATOM   491  N  N   . ALA A 1 73  ? 0.997   10.711  9.335   1.00 21.53 ? 66  ALA A N   1 
ATOM   492  C  CA  . ALA A 1 73  ? 0.933   12.154  9.093   1.00 21.86 ? 66  ALA A CA  1 
ATOM   493  C  C   . ALA A 1 73  ? 1.726   12.848  10.205  1.00 23.93 ? 66  ALA A C   1 
ATOM   494  O  O   . ALA A 1 73  ? 2.699   13.567  9.925   1.00 24.01 ? 66  ALA A O   1 
ATOM   495  C  CB  . ALA A 1 73  ? -0.507  12.638  9.049   1.00 20.41 ? 66  ALA A CB  1 
ATOM   496  N  N   . ASP A 1 74  ? 1.325   12.579  11.459  1.00 25.37 ? 67  ASP A N   1 
ATOM   497  C  CA  . ASP A 1 74  ? 2.017   13.048  12.663  1.00 25.83 ? 67  ASP A CA  1 
ATOM   498  C  C   . ASP A 1 74  ? 3.527   12.817  12.619  1.00 26.50 ? 67  ASP A C   1 
ATOM   499  O  O   . ASP A 1 74  ? 4.299   13.757  12.719  1.00 29.30 ? 67  ASP A O   1 
ATOM   500  C  CB  . ASP A 1 74  ? 1.473   12.334  13.898  1.00 26.98 ? 67  ASP A CB  1 
ATOM   501  C  CG  . ASP A 1 74  ? 0.102   12.813  14.305  1.00 28.25 ? 67  ASP A CG  1 
ATOM   502  O  OD1 . ASP A 1 74  ? -0.282  13.971  13.974  1.00 29.68 ? 67  ASP A OD1 1 
ATOM   503  O  OD2 . ASP A 1 74  ? -0.589  12.009  14.974  1.00 27.27 ? 67  ASP A OD2 1 
ATOM   504  N  N   . ALA A 1 75  ? 3.952   11.567  12.478  1.00 24.90 ? 68  ALA A N   1 
ATOM   505  C  CA  . ALA A 1 75  ? 5.362   11.249  12.473  1.00 22.96 ? 68  ALA A CA  1 
ATOM   506  C  C   . ALA A 1 75  ? 6.057   11.709  11.189  1.00 23.69 ? 68  ALA A C   1 
ATOM   507  O  O   . ALA A 1 75  ? 7.262   11.489  11.027  1.00 24.99 ? 68  ALA A O   1 
ATOM   508  C  CB  . ALA A 1 75  ? 5.532   9.755   12.646  1.00 22.59 ? 68  ALA A CB  1 
ATOM   509  N  N   . ALA A 1 76  ? 5.316   12.336  10.271  1.00 22.53 ? 69  ALA A N   1 
ATOM   510  C  CA  . ALA A 1 76  ? 5.838   12.675  8.934   1.00 21.70 ? 69  ALA A CA  1 
ATOM   511  C  C   . ALA A 1 76  ? 6.668   11.554  8.289   1.00 21.51 ? 69  ALA A C   1 
ATOM   512  O  O   . ALA A 1 76  ? 7.738   11.805  7.766   1.00 21.81 ? 69  ALA A O   1 
ATOM   513  C  CB  . ALA A 1 76  ? 6.628   13.967  8.968   1.00 20.50 ? 69  ALA A CB  1 
ATOM   514  N  N   . GLU A 1 77  ? 6.155   10.327  8.327   1.00 21.61 ? 70  GLU A N   1 
ATOM   515  C  CA  . GLU A 1 77  ? 6.822   9.167   7.760   1.00 21.88 ? 70  GLU A CA  1 
ATOM   516  C  C   . GLU A 1 77  ? 6.077   8.789   6.495   1.00 22.48 ? 70  GLU A C   1 
ATOM   517  O  O   . GLU A 1 77  ? 4.849   8.884   6.466   1.00 24.21 ? 70  GLU A O   1 
ATOM   518  C  CB  . GLU A 1 77  ? 6.759   7.998   8.740   1.00 22.48 ? 70  GLU A CB  1 
ATOM   519  C  CG  . GLU A 1 77  ? 7.464   8.227   10.071  1.00 23.90 ? 70  GLU A CG  1 
ATOM   520  C  CD  . GLU A 1 77  ? 7.365   7.028   11.005  1.00 25.76 ? 70  GLU A CD  1 
ATOM   521  O  OE1 . GLU A 1 77  ? 6.385   6.256   10.898  1.00 27.94 ? 70  GLU A OE1 1 
ATOM   522  O  OE2 . GLU A 1 77  ? 8.266   6.838   11.854  1.00 26.55 ? 70  GLU A OE2 1 
ATOM   523  N  N   . PRO A 1 78  ? 6.797   8.359   5.435   1.00 22.34 ? 71  PRO A N   1 
ATOM   524  C  CA  . PRO A 1 78  ? 6.142   7.954   4.162   1.00 21.67 ? 71  PRO A CA  1 
ATOM   525  C  C   . PRO A 1 78  ? 5.224   6.744   4.276   1.00 21.11 ? 71  PRO A C   1 
ATOM   526  O  O   . PRO A 1 78  ? 5.383   5.942   5.195   1.00 20.55 ? 71  PRO A O   1 
ATOM   527  C  CB  . PRO A 1 78  ? 7.313   7.625   3.238   1.00 21.21 ? 71  PRO A CB  1 
ATOM   528  C  CG  . PRO A 1 78  ? 8.487   7.471   4.147   1.00 22.12 ? 71  PRO A CG  1 
ATOM   529  C  CD  . PRO A 1 78  ? 8.259   8.404   5.293   1.00 21.94 ? 71  PRO A CD  1 
ATOM   530  N  N   . VAL A 1 79  ? 4.275   6.629   3.339   1.00 20.80 ? 72  VAL A N   1 
ATOM   531  C  CA  . VAL A 1 79  ? 3.327   5.493   3.274   1.00 19.16 ? 72  VAL A CA  1 
ATOM   532  C  C   . VAL A 1 79  ? 3.333   4.829   1.902   1.00 18.97 ? 72  VAL A C   1 
ATOM   533  O  O   . VAL A 1 79  ? 3.510   5.504   0.869   1.00 19.52 ? 72  VAL A O   1 
ATOM   534  C  CB  . VAL A 1 79  ? 1.885   5.935   3.585   1.00 18.72 ? 72  VAL A CB  1 
ATOM   535  C  CG1 . VAL A 1 79  ? 0.915   4.767   3.456   1.00 17.97 ? 72  VAL A CG1 1 
ATOM   536  C  CG2 . VAL A 1 79  ? 1.814   6.573   4.969   1.00 18.73 ? 72  VAL A CG2 1 
ATOM   537  N  N   . ILE A 1 80  ? 3.164   3.503   1.907   1.00 17.91 ? 73  ILE A N   1 
ATOM   538  C  CA  . ILE A 1 80  ? 2.829   2.712   0.705   1.00 16.68 ? 73  ILE A CA  1 
ATOM   539  C  C   . ILE A 1 80  ? 1.477   2.069   0.978   1.00 16.16 ? 73  ILE A C   1 
ATOM   540  O  O   . ILE A 1 80  ? 1.308   1.358   1.968   1.00 16.24 ? 73  ILE A O   1 
ATOM   541  C  CB  . ILE A 1 80  ? 3.867   1.618   0.429   1.00 16.11 ? 73  ILE A CB  1 
ATOM   542  C  CG1 . ILE A 1 80  ? 5.226   2.256   0.176   1.00 16.15 ? 73  ILE A CG1 1 
ATOM   543  C  CG2 . ILE A 1 80  ? 3.440   0.739   -0.737  1.00 15.54 ? 73  ILE A CG2 1 
ATOM   544  C  CD1 . ILE A 1 80  ? 6.374   1.296   0.360   1.00 16.19 ? 73  ILE A CD1 1 
ATOM   545  N  N   . LEU A 1 81  ? 0.512   2.329   0.113   1.00 15.34 ? 74  LEU A N   1 
ATOM   546  C  CA  . LEU A 1 81  ? -0.859  1.982   0.430   1.00 15.32 ? 74  LEU A CA  1 
ATOM   547  C  C   . LEU A 1 81  ? -1.501  1.056   -0.605  1.00 16.06 ? 74  LEU A C   1 
ATOM   548  O  O   . LEU A 1 81  ? -1.582  1.365   -1.805  1.00 16.77 ? 74  LEU A O   1 
ATOM   549  C  CB  . LEU A 1 81  ? -1.678  3.262   0.635   1.00 14.46 ? 74  LEU A CB  1 
ATOM   550  C  CG  . LEU A 1 81  ? -3.142  3.168   1.054   1.00 14.33 ? 74  LEU A CG  1 
ATOM   551  C  CD1 . LEU A 1 81  ? -3.379  2.224   2.229   1.00 14.19 ? 74  LEU A CD1 1 
ATOM   552  C  CD2 . LEU A 1 81  ? -3.633  4.553   1.402   1.00 14.29 ? 74  LEU A CD2 1 
ATOM   553  N  N   . ASN A 1 82  ? -1.930  -0.107  -0.147  1.00 16.51 ? 75  ASN A N   1 
ATOM   554  C  CA  . ASN A 1 82  ? -2.802  -0.933  -0.955  1.00 16.44 ? 75  ASN A CA  1 
ATOM   555  C  C   . ASN A 1 82  ? -4.112  -0.978  -0.185  1.00 16.32 ? 75  ASN A C   1 
ATOM   556  O  O   . ASN A 1 82  ? -4.269  -1.761  0.747   1.00 17.03 ? 75  ASN A O   1 
ATOM   557  C  CB  . ASN A 1 82  ? -2.204  -2.324  -1.187  1.00 16.26 ? 75  ASN A CB  1 
ATOM   558  C  CG  . ASN A 1 82  ? -2.952  -3.115  -2.244  1.00 16.37 ? 75  ASN A CG  1 
ATOM   559  O  OD1 . ASN A 1 82  ? -4.042  -2.738  -2.677  1.00 16.65 ? 75  ASN A OD1 1 
ATOM   560  N  ND2 . ASN A 1 82  ? -2.372  -4.221  -2.665  1.00 16.10 ? 75  ASN A ND2 1 
ATOM   561  N  N   . ALA A 1 83  ? -5.035  -0.096  -0.542  1.00 15.73 ? 76  ALA A N   1 
ATOM   562  C  CA  . ALA A 1 83  ? -6.224  0.075   0.257   1.00 15.92 ? 76  ALA A CA  1 
ATOM   563  C  C   . ALA A 1 83  ? -7.369  -0.860  -0.159  1.00 16.83 ? 76  ALA A C   1 
ATOM   564  O  O   . ALA A 1 83  ? -8.522  -0.674  0.263   1.00 17.85 ? 76  ALA A O   1 
ATOM   565  C  CB  . ALA A 1 83  ? -6.667  1.528   0.224   1.00 15.75 ? 76  ALA A CB  1 
ATOM   566  N  N   . GLY A 1 84  ? -7.072  -1.869  -0.968  1.00 16.89 ? 77  GLY A N   1 
ATOM   567  C  CA  . GLY A 1 84  ? -8.137  -2.692  -1.524  1.00 17.65 ? 77  GLY A CA  1 
ATOM   568  C  C   . GLY A 1 84  ? -9.327  -1.893  -2.082  1.00 18.52 ? 77  GLY A C   1 
ATOM   569  O  O   . GLY A 1 84  ? -9.139  -0.885  -2.815  1.00 17.68 ? 77  GLY A O   1 
ATOM   570  N  N   . GLY A 1 85  ? -10.546 -2.338  -1.732  1.00 18.37 ? 78  GLY A N   1 
ATOM   571  C  CA  . GLY A 1 85  ? -11.790 -1.753  -2.261  1.00 18.04 ? 78  GLY A CA  1 
ATOM   572  C  C   . GLY A 1 85  ? -12.006 -0.280  -1.926  1.00 18.17 ? 78  GLY A C   1 
ATOM   573  O  O   . GLY A 1 85  ? -12.664 0.455   -2.685  1.00 18.58 ? 78  GLY A O   1 
ATOM   574  N  N   . LEU A 1 86  ? -11.435 0.147   -0.797  1.00 17.85 ? 79  LEU A N   1 
ATOM   575  C  CA  . LEU A 1 86  ? -11.556 1.517   -0.302  1.00 17.47 ? 79  LEU A CA  1 
ATOM   576  C  C   . LEU A 1 86  ? -10.917 2.543   -1.244  1.00 17.75 ? 79  LEU A C   1 
ATOM   577  O  O   . LEU A 1 86  ? -11.258 3.743   -1.218  1.00 17.74 ? 79  LEU A O   1 
ATOM   578  C  CB  . LEU A 1 86  ? -10.990 1.615   1.116   1.00 16.78 ? 79  LEU A CB  1 
ATOM   579  C  CG  . LEU A 1 86  ? -11.697 0.701   2.126   1.00 16.64 ? 79  LEU A CG  1 
ATOM   580  C  CD1 . LEU A 1 86  ? -10.959 0.651   3.451   1.00 16.63 ? 79  LEU A CD1 1 
ATOM   581  C  CD2 . LEU A 1 86  ? -13.146 1.110   2.337   1.00 16.40 ? 79  LEU A CD2 1 
ATOM   582  N  N   . THR A 1 87  ? -10.003 2.055   -2.086  1.00 17.80 ? 80  THR A N   1 
ATOM   583  C  CA  . THR A 1 87  ? -9.420  2.827   -3.188  1.00 17.75 ? 80  THR A CA  1 
ATOM   584  C  C   . THR A 1 87  ? -10.467 3.506   -4.084  1.00 17.81 ? 80  THR A C   1 
ATOM   585  O  O   . THR A 1 87  ? -10.296 4.660   -4.497  1.00 16.76 ? 80  THR A O   1 
ATOM   586  C  CB  . THR A 1 87  ? -8.580  1.908   -4.082  1.00 17.60 ? 80  THR A CB  1 
ATOM   587  O  OG1 . THR A 1 87  ? -7.643  1.193   -3.280  1.00 17.42 ? 80  THR A OG1 1 
ATOM   588  C  CG2 . THR A 1 87  ? -7.833  2.711   -5.144  1.00 18.61 ? 80  THR A CG2 1 
ATOM   589  N  N   . HIS A 1 88  ? -11.539 2.774   -4.383  1.00 18.85 ? 81  HIS A N   1 
ATOM   590  C  CA  . HIS A 1 88  ? -12.565 3.233   -5.324  1.00 19.83 ? 81  HIS A CA  1 
ATOM   591  C  C   . HIS A 1 88  ? -13.739 3.873   -4.652  1.00 21.31 ? 81  HIS A C   1 
ATOM   592  O  O   . HIS A 1 88  ? -14.581 4.465   -5.335  1.00 21.93 ? 81  HIS A O   1 
ATOM   593  C  CB  . HIS A 1 88  ? -13.069 2.077   -6.164  1.00 18.95 ? 81  HIS A CB  1 
ATOM   594  C  CG  . HIS A 1 88  ? -12.017 1.058   -6.480  1.00 18.82 ? 81  HIS A CG  1 
ATOM   595  N  ND1 . HIS A 1 88  ? -10.951 1.334   -7.260  1.00 19.22 ? 81  HIS A ND1 1 
ATOM   596  C  CD2 . HIS A 1 88  ? -11.890 -0.267  -6.095  1.00 18.50 ? 81  HIS A CD2 1 
ATOM   597  C  CE1 . HIS A 1 88  ? -10.179 0.235   -7.369  1.00 18.68 ? 81  HIS A CE1 1 
ATOM   598  N  NE2 . HIS A 1 88  ? -10.756 -0.745  -6.658  1.00 18.45 ? 81  HIS A NE2 1 
ATOM   599  N  N   . THR A 1 89  ? -13.799 3.782   -3.318  1.00 22.12 ? 82  THR A N   1 
ATOM   600  C  CA  . THR A 1 89  ? -15.032 4.057   -2.570  1.00 22.42 ? 82  THR A CA  1 
ATOM   601  C  C   . THR A 1 89  ? -14.932 5.070   -1.422  1.00 22.89 ? 82  THR A C   1 
ATOM   602  O  O   . THR A 1 89  ? -15.899 5.773   -1.136  1.00 23.18 ? 82  THR A O   1 
ATOM   603  C  CB  . THR A 1 89  ? -15.573 2.753   -1.973  1.00 22.92 ? 82  THR A CB  1 
ATOM   604  O  OG1 . THR A 1 89  ? -14.628 2.242   -1.020  1.00 22.74 ? 82  THR A OG1 1 
ATOM   605  C  CG2 . THR A 1 89  ? -15.821 1.714   -3.080  1.00 22.90 ? 82  THR A CG2 1 
ATOM   606  N  N   . SER A 1 90  ? -13.782 5.129   -0.754  1.00 22.92 ? 83  SER A N   1 
ATOM   607  C  CA  . SER A 1 90  ? -13.624 5.955   0.439   1.00 22.69 ? 83  SER A CA  1 
ATOM   608  C  C   . SER A 1 90  ? -13.000 7.342   0.188   1.00 23.08 ? 83  SER A C   1 
ATOM   609  O  O   . SER A 1 90  ? -11.879 7.445   -0.354  1.00 24.14 ? 83  SER A O   1 
ATOM   610  C  CB  . SER A 1 90  ? -12.805 5.192   1.469   1.00 22.47 ? 83  SER A CB  1 
ATOM   611  O  OG  . SER A 1 90  ? -12.436 6.036   2.540   1.00 23.26 ? 83  SER A OG  1 
ATOM   612  N  N   . VAL A 1 91  ? -13.737 8.387   0.588   1.00 22.37 ? 84  VAL A N   1 
ATOM   613  C  CA  . VAL A 1 91  ? -13.269 9.780   0.579   1.00 22.54 ? 84  VAL A CA  1 
ATOM   614  C  C   . VAL A 1 91  ? -12.607 10.092  1.922   1.00 24.21 ? 84  VAL A C   1 
ATOM   615  O  O   . VAL A 1 91  ? -11.724 10.972  2.020   1.00 24.64 ? 84  VAL A O   1 
ATOM   616  C  CB  . VAL A 1 91  ? -14.428 10.783  0.375   1.00 22.01 ? 84  VAL A CB  1 
ATOM   617  C  CG1 . VAL A 1 91  ? -13.937 12.218  0.532   1.00 21.35 ? 84  VAL A CG1 1 
ATOM   618  C  CG2 . VAL A 1 91  ? -15.066 10.608  -0.991  1.00 22.15 ? 84  VAL A CG2 1 
ATOM   619  N  N   . ALA A 1 92  ? -13.061 9.386   2.964   1.00 24.11 ? 85  ALA A N   1 
ATOM   620  C  CA  . ALA A 1 92  ? -12.452 9.475   4.300   1.00 23.21 ? 85  ALA A CA  1 
ATOM   621  C  C   . ALA A 1 92  ? -10.945 9.088   4.260   1.00 22.41 ? 85  ALA A C   1 
ATOM   622  O  O   . ALA A 1 92  ? -10.087 9.818   4.774   1.00 23.35 ? 85  ALA A O   1 
ATOM   623  C  CB  . ALA A 1 92  ? -13.233 8.630   5.313   1.00 22.14 ? 85  ALA A CB  1 
ATOM   624  N  N   . LEU A 1 93  ? -10.637 7.961   3.628   1.00 19.81 ? 86  LEU A N   1 
ATOM   625  C  CA  . LEU A 1 93  ? -9.264  7.559   3.421   1.00 19.13 ? 86  LEU A CA  1 
ATOM   626  C  C   . LEU A 1 93  ? -8.472  8.648   2.657   1.00 19.51 ? 86  LEU A C   1 
ATOM   627  O  O   . LEU A 1 93  ? -7.533  9.246   3.208   1.00 20.07 ? 86  LEU A O   1 
ATOM   628  C  CB  . LEU A 1 93  ? -9.236  6.220   2.668   1.00 18.44 ? 86  LEU A CB  1 
ATOM   629  C  CG  . LEU A 1 93  ? -8.025  5.308   2.825   1.00 17.47 ? 86  LEU A CG  1 
ATOM   630  C  CD1 . LEU A 1 93  ? -7.551  5.226   4.266   1.00 17.44 ? 86  LEU A CD1 1 
ATOM   631  C  CD2 . LEU A 1 93  ? -8.377  3.941   2.304   1.00 17.10 ? 86  LEU A CD2 1 
ATOM   632  N  N   . ARG A 1 94  ? -8.869  8.905   1.406   1.00 18.40 ? 87  ARG A N   1 
ATOM   633  C  CA  . ARG A 1 94  ? -8.271  9.931   0.560   1.00 17.51 ? 87  ARG A CA  1 
ATOM   634  C  C   . ARG A 1 94  ? -7.847  11.189  1.320   1.00 17.47 ? 87  ARG A C   1 
ATOM   635  O  O   . ARG A 1 94  ? -6.728  11.698  1.123   1.00 16.75 ? 87  ARG A O   1 
ATOM   636  C  CB  . ARG A 1 94  ? -9.267  10.331  -0.527  1.00 16.90 ? 87  ARG A CB  1 
ATOM   637  C  CG  . ARG A 1 94  ? -8.771  11.460  -1.405  1.00 16.40 ? 87  ARG A CG  1 
ATOM   638  C  CD  . ARG A 1 94  ? -9.900  12.242  -2.042  1.00 16.14 ? 87  ARG A CD  1 
ATOM   639  N  NE  . ARG A 1 94  ? -9.352  13.451  -2.648  1.00 16.08 ? 87  ARG A NE  1 
ATOM   640  C  CZ  . ARG A 1 94  ? -9.002  13.570  -3.925  1.00 15.65 ? 87  ARG A CZ  1 
ATOM   641  N  NH1 . ARG A 1 94  ? -9.159  12.569  -4.775  1.00 15.71 ? 87  ARG A NH1 1 
ATOM   642  N  NH2 . ARG A 1 94  ? -8.493  14.704  -4.353  1.00 15.67 ? 87  ARG A NH2 1 
ATOM   643  N  N   . ASP A 1 95  ? -8.756  11.676  2.167   1.00 17.87 ? 88  ASP A N   1 
ATOM   644  C  CA  . ASP A 1 95  ? -8.569  12.928  2.886   1.00 19.41 ? 88  ASP A CA  1 
ATOM   645  C  C   . ASP A 1 95  ? -7.582  12.778  4.049   1.00 20.72 ? 88  ASP A C   1 
ATOM   646  O  O   . ASP A 1 95  ? -6.869  13.736  4.406   1.00 21.87 ? 88  ASP A O   1 
ATOM   647  C  CB  . ASP A 1 95  ? -9.912  13.502  3.366   1.00 19.64 ? 88  ASP A CB  1 
ATOM   648  C  CG  . ASP A 1 95  ? -10.626 14.349  2.290   1.00 20.79 ? 88  ASP A CG  1 
ATOM   649  O  OD1 . ASP A 1 95  ? -10.010 14.648  1.225   1.00 21.28 ? 88  ASP A OD1 1 
ATOM   650  O  OD2 . ASP A 1 95  ? -11.811 14.726  2.509   1.00 20.96 ? 88  ASP A OD2 1 
ATOM   651  N  N   . ALA A 1 96  ? -7.525  11.586  4.640   1.00 20.03 ? 89  ALA A N   1 
ATOM   652  C  CA  . ALA A 1 96  ? -6.538  11.341  5.671   1.00 20.07 ? 89  ALA A CA  1 
ATOM   653  C  C   . ALA A 1 96  ? -5.161  11.335  5.042   1.00 20.09 ? 89  ALA A C   1 
ATOM   654  O  O   . ALA A 1 96  ? -4.241  11.968  5.558   1.00 20.50 ? 89  ALA A O   1 
ATOM   655  C  CB  . ALA A 1 96  ? -6.806  10.033  6.380   1.00 20.60 ? 89  ALA A CB  1 
ATOM   656  N  N   . CYS A 1 97  ? -5.023  10.607  3.933   1.00 19.82 ? 90  CYS A N   1 
ATOM   657  C  CA  . CYS A 1 97  ? -3.795  10.616  3.116   1.00 19.29 ? 90  CYS A CA  1 
ATOM   658  C  C   . CYS A 1 97  ? -3.376  12.006  2.672   1.00 20.00 ? 90  CYS A C   1 
ATOM   659  O  O   . CYS A 1 97  ? -2.203  12.351  2.777   1.00 19.74 ? 90  CYS A O   1 
ATOM   660  C  CB  . CYS A 1 97  ? -4.000  9.789   1.871   1.00 18.01 ? 90  CYS A CB  1 
ATOM   661  S  SG  . CYS A 1 97  ? -4.078  8.043   2.219   1.00 16.30 ? 90  CYS A SG  1 
ATOM   662  N  N   . ALA A 1 98  ? -4.340  12.781  2.159   1.00 20.73 ? 91  ALA A N   1 
ATOM   663  C  CA  . ALA A 1 98  ? -4.115  14.165  1.712   1.00 21.23 ? 91  ALA A CA  1 
ATOM   664  C  C   . ALA A 1 98  ? -3.255  14.964  2.684   1.00 21.30 ? 91  ALA A C   1 
ATOM   665  O  O   . ALA A 1 98  ? -2.451  15.787  2.266   1.00 20.78 ? 91  ALA A O   1 
ATOM   666  C  CB  . ALA A 1 98  ? -5.443  14.878  1.479   1.00 20.81 ? 91  ALA A CB  1 
ATOM   667  N  N   . GLU A 1 99  ? -3.437  14.688  3.976   1.00 23.09 ? 92  GLU A N   1 
ATOM   668  C  CA  . GLU A 1 99  ? -2.709  15.318  5.089   1.00 24.11 ? 92  GLU A CA  1 
ATOM   669  C  C   . GLU A 1 99  ? -1.207  14.928  5.183   1.00 24.93 ? 92  GLU A C   1 
ATOM   670  O  O   . GLU A 1 99  ? -0.352  15.787  5.451   1.00 24.77 ? 92  GLU A O   1 
ATOM   671  C  CB  . GLU A 1 99  ? -3.424  14.964  6.380   1.00 25.14 ? 92  GLU A CB  1 
ATOM   672  C  CG  . GLU A 1 99  ? -3.056  15.795  7.581   1.00 29.25 ? 92  GLU A CG  1 
ATOM   673  C  CD  . GLU A 1 99  ? -3.643  15.245  8.879   1.00 32.46 ? 92  GLU A CD  1 
ATOM   674  O  OE1 . GLU A 1 99  ? -3.565  15.977  9.888   1.00 33.35 ? 92  GLU A OE1 1 
ATOM   675  O  OE2 . GLU A 1 99  ? -4.166  14.093  8.904   1.00 33.25 ? 92  GLU A OE2 1 
ATOM   676  N  N   . LEU A 1 100 ? -0.886  13.651  4.953   1.00 24.83 ? 93  LEU A N   1 
ATOM   677  C  CA  . LEU A 1 100 ? 0.502   13.182  4.949   1.00 25.19 ? 93  LEU A CA  1 
ATOM   678  C  C   . LEU A 1 100 ? 1.459   14.235  4.368   1.00 26.92 ? 93  LEU A C   1 
ATOM   679  O  O   . LEU A 1 100 ? 1.258   14.728  3.245   1.00 27.79 ? 93  LEU A O   1 
ATOM   680  C  CB  . LEU A 1 100 ? 0.637   11.867  4.156   1.00 24.50 ? 93  LEU A CB  1 
ATOM   681  C  CG  . LEU A 1 100 ? -0.135  10.585  4.523   1.00 23.99 ? 93  LEU A CG  1 
ATOM   682  C  CD1 . LEU A 1 100 ? -0.100  9.590   3.369   1.00 23.33 ? 93  LEU A CD1 1 
ATOM   683  C  CD2 . LEU A 1 100 ? 0.379   9.931   5.797   1.00 22.62 ? 93  LEU A CD2 1 
ATOM   684  N  N   . SER A 1 101 ? 2.496   14.588  5.129   1.00 28.37 ? 94  SER A N   1 
ATOM   685  C  CA  . SER A 1 101 ? 3.560   15.454  4.596   1.00 28.47 ? 94  SER A CA  1 
ATOM   686  C  C   . SER A 1 101 ? 4.518   14.651  3.707   1.00 28.01 ? 94  SER A C   1 
ATOM   687  O  O   . SER A 1 101 ? 5.009   15.169  2.704   1.00 28.67 ? 94  SER A O   1 
ATOM   688  C  CB  . SER A 1 101 ? 4.339   16.138  5.722   1.00 29.41 ? 94  SER A CB  1 
ATOM   689  O  OG  . SER A 1 101 ? 5.407   15.321  6.190   1.00 31.06 ? 94  SER A OG  1 
ATOM   690  N  N   . ALA A 1 102 ? 4.772   13.392  4.080   1.00 26.40 ? 95  ALA A N   1 
ATOM   691  C  CA  . ALA A 1 102 ? 5.720   12.539  3.367   1.00 25.06 ? 95  ALA A CA  1 
ATOM   692  C  C   . ALA A 1 102 ? 5.120   11.930  2.069   1.00 24.59 ? 95  ALA A C   1 
ATOM   693  O  O   . ALA A 1 102 ? 3.897   11.956  1.884   1.00 24.11 ? 95  ALA A O   1 
ATOM   694  C  CB  . ALA A 1 102 ? 6.219   11.467  4.310   1.00 23.90 ? 95  ALA A CB  1 
ATOM   695  N  N   . PRO A 1 103 ? 5.971   11.383  1.157   1.00 24.59 ? 96  PRO A N   1 
ATOM   696  C  CA  . PRO A 1 103 ? 5.348   10.811  -0.043  1.00 23.69 ? 96  PRO A CA  1 
ATOM   697  C  C   . PRO A 1 103 ? 4.466   9.621   0.291   1.00 22.78 ? 96  PRO A C   1 
ATOM   698  O  O   . PRO A 1 103 ? 4.721   8.872   1.251   1.00 22.42 ? 96  PRO A O   1 
ATOM   699  C  CB  . PRO A 1 103 ? 6.543   10.346  -0.910  1.00 23.72 ? 96  PRO A CB  1 
ATOM   700  C  CG  . PRO A 1 103 ? 7.767   10.937  -0.290  1.00 24.03 ? 96  PRO A CG  1 
ATOM   701  C  CD  . PRO A 1 103 ? 7.426   11.125  1.173   1.00 24.99 ? 96  PRO A CD  1 
ATOM   702  N  N   . LEU A 1 104 ? 3.424   9.477   -0.513  1.00 21.59 ? 97  LEU A N   1 
ATOM   703  C  CA  . LEU A 1 104 ? 2.522   8.346   -0.458  1.00 19.99 ? 97  LEU A CA  1 
ATOM   704  C  C   . LEU A 1 104 ? 2.609   7.715   -1.832  1.00 19.00 ? 97  LEU A C   1 
ATOM   705  O  O   . LEU A 1 104 ? 2.491   8.422   -2.848  1.00 18.79 ? 97  LEU A O   1 
ATOM   706  C  CB  . LEU A 1 104 ? 1.108   8.862   -0.173  1.00 19.66 ? 97  LEU A CB  1 
ATOM   707  C  CG  . LEU A 1 104 ? -0.138  8.104   -0.609  1.00 19.47 ? 97  LEU A CG  1 
ATOM   708  C  CD1 . LEU A 1 104 ? -0.623  7.183   0.501   1.00 19.25 ? 97  LEU A CD1 1 
ATOM   709  C  CD2 . LEU A 1 104 ? -1.195  9.132   -0.970  1.00 19.28 ? 97  LEU A CD2 1 
ATOM   710  N  N   . ILE A 1 105 ? 2.855   6.409   -1.876  1.00 17.97 ? 98  ILE A N   1 
ATOM   711  C  CA  . ILE A 1 105 ? 2.744   5.667   -3.139  1.00 18.29 ? 98  ILE A CA  1 
ATOM   712  C  C   . ILE A 1 105 ? 1.535   4.728   -3.068  1.00 18.54 ? 98  ILE A C   1 
ATOM   713  O  O   . ILE A 1 105 ? 1.351   3.999   -2.080  1.00 18.75 ? 98  ILE A O   1 
ATOM   714  C  CB  . ILE A 1 105 ? 4.021   4.849   -3.509  1.00 18.27 ? 98  ILE A CB  1 
ATOM   715  C  CG1 . ILE A 1 105 ? 5.288   5.387   -2.802  1.00 17.92 ? 98  ILE A CG1 1 
ATOM   716  C  CG2 . ILE A 1 105 ? 4.171   4.748   -5.028  1.00 17.76 ? 98  ILE A CG2 1 
ATOM   717  C  CD1 . ILE A 1 105 ? 6.054   6.438   -3.568  1.00 17.31 ? 98  ILE A CD1 1 
ATOM   718  N  N   . GLU A 1 106 ? 0.711   4.755   -4.111  1.00 18.55 ? 99  GLU A N   1 
ATOM   719  C  CA  . GLU A 1 106 ? -0.464  3.905   -4.193  1.00 18.88 ? 99  GLU A CA  1 
ATOM   720  C  C   . GLU A 1 106 ? -0.066  2.614   -4.916  1.00 18.85 ? 99  GLU A C   1 
ATOM   721  O  O   . GLU A 1 106 ? 0.488   2.665   -6.013  1.00 18.60 ? 99  GLU A O   1 
ATOM   722  C  CB  . GLU A 1 106 ? -1.587  4.646   -4.939  1.00 19.33 ? 99  GLU A CB  1 
ATOM   723  C  CG  . GLU A 1 106 ? -2.944  3.949   -4.900  1.00 20.20 ? 99  GLU A CG  1 
ATOM   724  C  CD  . GLU A 1 106 ? -3.855  4.320   -6.063  1.00 21.03 ? 99  GLU A CD  1 
ATOM   725  O  OE1 . GLU A 1 106 ? -3.600  5.331   -6.736  1.00 21.90 ? 99  GLU A OE1 1 
ATOM   726  O  OE2 . GLU A 1 106 ? -4.848  3.607   -6.322  1.00 22.10 ? 99  GLU A OE2 1 
ATOM   727  N  N   . VAL A 1 107 ? -0.327  1.458   -4.306  1.00 18.99 ? 100 VAL A N   1 
ATOM   728  C  CA  . VAL A 1 107 ? 0.048   0.181   -4.933  1.00 19.62 ? 100 VAL A CA  1 
ATOM   729  C  C   . VAL A 1 107 ? -1.129  -0.769  -5.166  1.00 19.98 ? 100 VAL A C   1 
ATOM   730  O  O   . VAL A 1 107 ? -1.912  -1.044  -4.252  1.00 19.77 ? 100 VAL A O   1 
ATOM   731  C  CB  . VAL A 1 107 ? 1.139   -0.560  -4.139  1.00 19.82 ? 100 VAL A CB  1 
ATOM   732  C  CG1 . VAL A 1 107 ? 1.306   -1.972  -4.679  1.00 20.36 ? 100 VAL A CG1 1 
ATOM   733  C  CG2 . VAL A 1 107 ? 2.470   0.188   -4.196  1.00 19.71 ? 100 VAL A CG2 1 
ATOM   734  N  N   . HIS A 1 108 ? -1.240  -1.254  -6.403  1.00 20.68 ? 101 HIS A N   1 
ATOM   735  C  CA  . HIS A 1 108 ? -2.172  -2.326  -6.765  1.00 21.28 ? 101 HIS A CA  1 
ATOM   736  C  C   . HIS A 1 108 ? -1.459  -3.548  -7.331  1.00 20.90 ? 101 HIS A C   1 
ATOM   737  O  O   . HIS A 1 108 ? -0.586  -3.427  -8.197  1.00 21.20 ? 101 HIS A O   1 
ATOM   738  C  CB  . HIS A 1 108 ? -3.267  -1.793  -7.676  1.00 21.87 ? 101 HIS A CB  1 
ATOM   739  C  CG  . HIS A 1 108 ? -4.103  -0.723  -7.030  1.00 23.09 ? 101 HIS A CG  1 
ATOM   740  N  ND1 . HIS A 1 108 ? -5.019  -0.998  -6.070  1.00 24.88 ? 101 HIS A ND1 1 
ATOM   741  C  CD2 . HIS A 1 108 ? -4.116  0.661   -7.198  1.00 23.33 ? 101 HIS A CD2 1 
ATOM   742  C  CE1 . HIS A 1 108 ? -5.601  0.151   -5.656  1.00 23.61 ? 101 HIS A CE1 1 
ATOM   743  N  NE2 . HIS A 1 108 ? -5.047  1.166   -6.345  1.00 23.14 ? 101 HIS A NE2 1 
ATOM   744  N  N   . ILE A 1 109 ? -1.807  -4.725  -6.795  1.00 20.15 ? 102 ILE A N   1 
ATOM   745  C  CA  . ILE A 1 109 ? -1.128  -6.004  -7.078  1.00 19.99 ? 102 ILE A CA  1 
ATOM   746  C  C   . ILE A 1 109 ? -1.556  -6.506  -8.450  1.00 19.80 ? 102 ILE A C   1 
ATOM   747  O  O   . ILE A 1 109 ? -0.728  -6.999  -9.226  1.00 19.68 ? 102 ILE A O   1 
ATOM   748  C  CB  . ILE A 1 109 ? -1.445  -7.093  -5.995  1.00 20.01 ? 102 ILE A CB  1 
ATOM   749  C  CG1 . ILE A 1 109 ? -0.824  -6.734  -4.642  1.00 20.17 ? 102 ILE A CG1 1 
ATOM   750  C  CG2 . ILE A 1 109 ? -0.941  -8.465  -6.420  1.00 20.25 ? 102 ILE A CG2 1 
ATOM   751  C  CD1 . ILE A 1 109 ? -1.188  -7.676  -3.512  1.00 20.17 ? 102 ILE A CD1 1 
ATOM   752  N  N   . SER A 1 110 ? -2.864  -6.394  -8.708  1.00 18.93 ? 103 SER A N   1 
ATOM   753  C  CA  . SER A 1 110 ? -3.459  -6.681  -10.000 1.00 18.90 ? 103 SER A CA  1 
ATOM   754  C  C   . SER A 1 110 ? -3.529  -5.399  -10.849 1.00 19.11 ? 103 SER A C   1 
ATOM   755  O  O   . SER A 1 110 ? -3.609  -4.292  -10.304 1.00 19.05 ? 103 SER A O   1 
ATOM   756  C  CB  . SER A 1 110 ? -4.857  -7.271  -9.800  1.00 19.07 ? 103 SER A CB  1 
ATOM   757  O  OG  . SER A 1 110 ? -5.747  -6.328  -9.232  1.00 18.63 ? 103 SER A OG  1 
ATOM   758  N  N   . ASN A 1 111 ? -3.489  -5.537  -12.174 1.00 19.00 ? 104 ASN A N   1 
ATOM   759  C  CA  . ASN A 1 111 ? -3.731  -4.389  -13.058 1.00 19.25 ? 104 ASN A CA  1 
ATOM   760  C  C   . ASN A 1 111 ? -5.211  -4.002  -12.963 1.00 19.83 ? 104 ASN A C   1 
ATOM   761  O  O   . ASN A 1 111 ? -6.087  -4.780  -13.381 1.00 20.23 ? 104 ASN A O   1 
ATOM   762  C  CB  . ASN A 1 111 ? -3.316  -4.698  -14.508 1.00 18.67 ? 104 ASN A CB  1 
ATOM   763  C  CG  . ASN A 1 111 ? -3.510  -3.518  -15.441 1.00 19.28 ? 104 ASN A CG  1 
ATOM   764  O  OD1 . ASN A 1 111 ? -4.156  -2.524  -15.080 1.00 19.74 ? 104 ASN A OD1 1 
ATOM   765  N  ND2 . ASN A 1 111 ? -2.958  -3.616  -16.657 1.00 18.76 ? 104 ASN A ND2 1 
ATOM   766  N  N   . VAL A 1 112 ? -5.482  -2.826  -12.376 1.00 19.71 ? 105 VAL A N   1 
ATOM   767  C  CA  . VAL A 1 112 ? -6.857  -2.324  -12.173 1.00 19.79 ? 105 VAL A CA  1 
ATOM   768  C  C   . VAL A 1 112 ? -7.553  -1.965  -13.481 1.00 20.16 ? 105 VAL A C   1 
ATOM   769  O  O   . VAL A 1 112 ? -8.786  -1.979  -13.599 1.00 20.27 ? 105 VAL A O   1 
ATOM   770  C  CB  . VAL A 1 112 ? -6.901  -1.074  -11.268 1.00 20.27 ? 105 VAL A CB  1 
ATOM   771  C  CG1 . VAL A 1 112 ? -7.293  -1.464  -9.853  1.00 21.72 ? 105 VAL A CG1 1 
ATOM   772  C  CG2 . VAL A 1 112 ? -5.578  -0.319  -11.282 1.00 19.59 ? 105 VAL A CG2 1 
ATOM   773  N  N   . HIS A 1 113 ? -6.736  -1.665  -14.474 1.00 20.04 ? 106 HIS A N   1 
ATOM   774  C  CA  . HIS A 1 113 ? -7.221  -1.112  -15.712 1.00 19.67 ? 106 HIS A CA  1 
ATOM   775  C  C   . HIS A 1 113 ? -7.661  -2.159  -16.678 1.00 19.41 ? 106 HIS A C   1 
ATOM   776  O  O   . HIS A 1 113 ? -8.249  -1.833  -17.723 1.00 18.56 ? 106 HIS A O   1 
ATOM   777  C  CB  . HIS A 1 113 ? -6.143  -0.198  -16.273 1.00 19.15 ? 106 HIS A CB  1 
ATOM   778  C  CG  . HIS A 1 113 ? -5.874  0.990   -15.391 1.00 18.33 ? 106 HIS A CG  1 
ATOM   779  N  ND1 . HIS A 1 113 ? -6.680  2.078   -15.377 1.00 18.06 ? 106 HIS A ND1 1 
ATOM   780  C  CD2 . HIS A 1 113 ? -4.884  1.218   -14.437 1.00 18.00 ? 106 HIS A CD2 1 
ATOM   781  C  CE1 . HIS A 1 113 ? -6.219  2.964   -14.471 1.00 18.02 ? 106 HIS A CE1 1 
ATOM   782  N  NE2 . HIS A 1 113 ? -5.112  2.443   -13.902 1.00 17.70 ? 106 HIS A NE2 1 
ATOM   783  N  N   . ALA A 1 114 ? -7.390  -3.419  -16.326 1.00 20.15 ? 107 ALA A N   1 
ATOM   784  C  CA  . ALA A 1 114 ? -7.783  -4.588  -17.151 1.00 21.67 ? 107 ALA A CA  1 
ATOM   785  C  C   . ALA A 1 114 ? -8.901  -5.429  -16.501 1.00 22.28 ? 107 ALA A C   1 
ATOM   786  O  O   . ALA A 1 114 ? -8.953  -6.641  -16.674 1.00 21.69 ? 107 ALA A O   1 
ATOM   787  C  CB  . ALA A 1 114 ? -6.567  -5.446  -17.514 1.00 19.47 ? 107 ALA A CB  1 
ATOM   788  N  N   . ARG A 1 115 ? -9.793  -4.762  -15.767 1.00 23.87 ? 108 ARG A N   1 
ATOM   789  C  CA  . ARG A 1 115 ? -10.876 -5.438  -15.040 1.00 25.33 ? 108 ARG A CA  1 
ATOM   790  C  C   . ARG A 1 115 ? -12.278 -4.791  -15.236 1.00 25.56 ? 108 ARG A C   1 
ATOM   791  O  O   . ARG A 1 115 ? -12.646 -4.467  -16.359 1.00 25.87 ? 108 ARG A O   1 
ATOM   792  C  CB  . ARG A 1 115 ? -10.496 -5.589  -13.563 1.00 25.23 ? 108 ARG A CB  1 
ATOM   793  C  CG  . ARG A 1 115 ? -9.504  -6.713  -13.326 1.00 25.68 ? 108 ARG A CG  1 
ATOM   794  C  CD  . ARG A 1 115 ? -8.906  -6.651  -11.936 1.00 26.06 ? 108 ARG A CD  1 
ATOM   795  N  NE  . ARG A 1 115 ? -9.768  -7.291  -10.954 1.00 26.02 ? 108 ARG A NE  1 
ATOM   796  C  CZ  . ARG A 1 115 ? -9.468  -7.421  -9.668  1.00 26.69 ? 108 ARG A CZ  1 
ATOM   797  N  NH1 . ARG A 1 115 ? -8.324  -6.950  -9.187  1.00 27.01 ? 108 ARG A NH1 1 
ATOM   798  N  NH2 . ARG A 1 115 ? -10.315 -8.029  -8.857  1.00 27.18 ? 108 ARG A NH2 1 
ATOM   799  N  N   . GLU A 1 116 ? -13.063 -4.636  -14.173 1.00 24.79 ? 109 GLU A N   1 
ATOM   800  C  CA  . GLU A 1 116 ? -14.374 -3.983  -14.280 1.00 25.49 ? 109 GLU A CA  1 
ATOM   801  C  C   . GLU A 1 116 ? -14.188 -2.481  -14.462 1.00 25.97 ? 109 GLU A C   1 
ATOM   802  O  O   . GLU A 1 116 ? -13.267 -1.914  -13.889 1.00 27.28 ? 109 GLU A O   1 
ATOM   803  C  CB  . GLU A 1 116 ? -15.209 -4.247  -13.031 1.00 25.12 ? 109 GLU A CB  1 
ATOM   804  C  CG  . GLU A 1 116 ? -15.338 -5.722  -12.647 1.00 25.65 ? 109 GLU A CG  1 
ATOM   805  C  CD  . GLU A 1 116 ? -14.374 -6.154  -11.551 1.00 26.05 ? 109 GLU A CD  1 
ATOM   806  O  OE1 . GLU A 1 116 ? -13.558 -5.328  -11.110 1.00 26.61 ? 109 GLU A OE1 1 
ATOM   807  O  OE2 . GLU A 1 116 ? -14.434 -7.324  -11.113 1.00 26.13 ? 109 GLU A OE2 1 
ATOM   808  N  N   . GLU A 1 117 ? -15.034 -1.819  -15.247 1.00 25.96 ? 110 GLU A N   1 
ATOM   809  C  CA  . GLU A 1 117 ? -14.769 -0.408  -15.520 1.00 26.06 ? 110 GLU A CA  1 
ATOM   810  C  C   . GLU A 1 117 ? -14.751 0.404   -14.237 1.00 25.72 ? 110 GLU A C   1 
ATOM   811  O  O   . GLU A 1 117 ? -14.169 1.484   -14.202 1.00 25.70 ? 110 GLU A O   1 
ATOM   812  C  CB  . GLU A 1 117 ? -15.740 0.192   -16.548 1.00 27.85 ? 110 GLU A CB  1 
ATOM   813  C  CG  . GLU A 1 117 ? -15.884 1.730   -16.524 1.00 30.16 ? 110 GLU A CG  1 
ATOM   814  C  CD  . GLU A 1 117 ? -14.647 2.513   -17.022 1.00 32.64 ? 110 GLU A CD  1 
ATOM   815  O  OE1 . GLU A 1 117 ? -14.015 2.111   -18.025 1.00 33.45 ? 110 GLU A OE1 1 
ATOM   816  O  OE2 . GLU A 1 117 ? -14.296 3.563   -16.422 1.00 33.29 ? 110 GLU A OE2 1 
ATOM   817  N  N   . PHE A 1 118 ? -15.356 -0.113  -13.173 1.00 25.39 ? 111 PHE A N   1 
ATOM   818  C  CA  . PHE A 1 118 ? -15.451 0.677   -11.945 1.00 25.68 ? 111 PHE A CA  1 
ATOM   819  C  C   . PHE A 1 118 ? -14.126 0.728   -11.177 1.00 26.55 ? 111 PHE A C   1 
ATOM   820  O  O   . PHE A 1 118 ? -13.794 1.750   -10.565 1.00 27.26 ? 111 PHE A O   1 
ATOM   821  C  CB  . PHE A 1 118 ? -16.632 0.237   -11.065 1.00 25.37 ? 111 PHE A CB  1 
ATOM   822  C  CG  . PHE A 1 118 ? -16.476 -1.129  -10.464 1.00 25.47 ? 111 PHE A CG  1 
ATOM   823  C  CD1 . PHE A 1 118 ? -15.586 -1.351  -9.417  1.00 26.25 ? 111 PHE A CD1 1 
ATOM   824  C  CD2 . PHE A 1 118 ? -17.244 -2.186  -10.926 1.00 25.56 ? 111 PHE A CD2 1 
ATOM   825  C  CE1 . PHE A 1 118 ? -15.449 -2.610  -8.867  1.00 27.31 ? 111 PHE A CE1 1 
ATOM   826  C  CE2 . PHE A 1 118 ? -17.126 -3.450  -10.378 1.00 25.39 ? 111 PHE A CE2 1 
ATOM   827  C  CZ  . PHE A 1 118 ? -16.222 -3.665  -9.352  1.00 27.39 ? 111 PHE A CZ  1 
ATOM   828  N  N   . ARG A 1 119 ? -13.373 -0.370  -11.246 1.00 27.37 ? 112 ARG A N   1 
ATOM   829  C  CA  . ARG A 1 119 ? -12.042 -0.517  -10.621 1.00 28.13 ? 112 ARG A CA  1 
ATOM   830  C  C   . ARG A 1 119 ? -10.990 0.478   -11.189 1.00 29.84 ? 112 ARG A C   1 
ATOM   831  O  O   . ARG A 1 119 ? -9.852  0.537   -10.701 1.00 31.52 ? 112 ARG A O   1 
ATOM   832  C  CB  . ARG A 1 119 ? -11.551 -1.978  -10.778 1.00 26.44 ? 112 ARG A CB  1 
ATOM   833  C  CG  . ARG A 1 119 ? -10.873 -2.566  -9.552  1.00 25.63 ? 112 ARG A CG  1 
ATOM   834  C  CD  . ARG A 1 119 ? -10.684 -4.085  -9.588  1.00 25.34 ? 112 ARG A CD  1 
ATOM   835  N  NE  . ARG A 1 119 ? -11.918 -4.835  -9.305  1.00 25.70 ? 112 ARG A NE  1 
ATOM   836  C  CZ  . ARG A 1 119 ? -12.436 -5.085  -8.094  1.00 25.33 ? 112 ARG A CZ  1 
ATOM   837  N  NH1 . ARG A 1 119 ? -11.847 -4.650  -6.981  1.00 24.15 ? 112 ARG A NH1 1 
ATOM   838  N  NH2 . ARG A 1 119 ? -13.565 -5.785  -7.995  1.00 23.95 ? 112 ARG A NH2 1 
ATOM   839  N  N   . ARG A 1 120 ? -11.372 1.259   -12.200 1.00 30.21 ? 113 ARG A N   1 
ATOM   840  C  CA  . ARG A 1 120 ? -10.441 2.158   -12.879 1.00 31.19 ? 113 ARG A CA  1 
ATOM   841  C  C   . ARG A 1 120 ? -10.427 3.570   -12.291 1.00 34.11 ? 113 ARG A C   1 
ATOM   842  O  O   . ARG A 1 120 ? -9.538  4.353   -12.631 1.00 35.35 ? 113 ARG A O   1 
ATOM   843  C  CB  . ARG A 1 120 ? -10.719 2.219   -14.388 1.00 29.54 ? 113 ARG A CB  1 
ATOM   844  C  CG  . ARG A 1 120 ? -10.744 0.871   -15.089 1.00 28.79 ? 113 ARG A CG  1 
ATOM   845  C  CD  . ARG A 1 120 ? -10.674 1.042   -16.594 1.00 30.20 ? 113 ARG A CD  1 
ATOM   846  N  NE  . ARG A 1 120 ? -9.386  1.599   -17.036 1.00 32.52 ? 113 ARG A NE  1 
ATOM   847  C  CZ  . ARG A 1 120 ? -9.123  2.057   -18.266 1.00 32.43 ? 113 ARG A CZ  1 
ATOM   848  N  NH1 . ARG A 1 120 ? -10.076 2.037   -19.193 1.00 32.65 ? 113 ARG A NH1 1 
ATOM   849  N  NH2 . ARG A 1 120 ? -7.909  2.542   -18.567 1.00 30.06 ? 113 ARG A NH2 1 
ATOM   850  N  N   . HIS A 1 121 ? -11.398 3.905   -11.435 1.00 36.00 ? 114 HIS A N   1 
ATOM   851  C  CA  . HIS A 1 121 ? -11.367 5.191   -10.742 1.00 38.07 ? 114 HIS A CA  1 
ATOM   852  C  C   . HIS A 1 121 ? -10.829 5.044   -9.344  1.00 38.80 ? 114 HIS A C   1 
ATOM   853  O  O   . HIS A 1 121 ? -11.164 4.098   -8.629  1.00 39.02 ? 114 HIS A O   1 
ATOM   854  C  CB  . HIS A 1 121 ? -12.727 5.860   -10.728 1.00 43.55 ? 114 HIS A CB  1 
ATOM   855  C  CG  . HIS A 1 121 ? -12.707 7.256   -10.121 1.00 52.13 ? 114 HIS A CG  1 
ATOM   856  N  ND1 . HIS A 1 121 ? -12.799 7.475   -8.785  1.00 54.58 ? 114 HIS A ND1 1 
ATOM   857  C  CD2 . HIS A 1 121 ? -12.587 8.524   -10.720 1.00 55.50 ? 114 HIS A CD2 1 
ATOM   858  C  CE1 . HIS A 1 121 ? -12.751 8.810   -8.540  1.00 54.91 ? 114 HIS A CE1 1 
ATOM   859  N  NE2 . HIS A 1 121 ? -12.621 9.450   -9.721  1.00 55.75 ? 114 HIS A NE2 1 
ATOM   860  N  N   . SER A 1 122 ? -9.978  5.983   -8.947  1.00 37.13 ? 115 SER A N   1 
ATOM   861  C  CA  . SER A 1 122 ? -9.289  5.926   -7.656  1.00 35.33 ? 115 SER A CA  1 
ATOM   862  C  C   . SER A 1 122 ? -9.374  7.275   -6.952  1.00 33.66 ? 115 SER A C   1 
ATOM   863  O  O   . SER A 1 122 ? -9.070  8.325   -7.539  1.00 33.87 ? 115 SER A O   1 
ATOM   864  C  CB  . SER A 1 122 ? -7.816  5.508   -7.855  1.00 36.79 ? 115 SER A CB  1 
ATOM   865  O  OG  . SER A 1 122 ? -7.033  5.612   -6.670  1.00 34.60 ? 115 SER A OG  1 
ATOM   866  N  N   . TYR A 1 123 ? -9.797  7.245   -5.694  1.00 31.09 ? 116 TYR A N   1 
ATOM   867  C  CA  . TYR A 1 123 ? -9.849  8.458   -4.898  1.00 29.65 ? 116 TYR A CA  1 
ATOM   868  C  C   . TYR A 1 123 ? -8.469  8.815   -4.395  1.00 28.19 ? 116 TYR A C   1 
ATOM   869  O  O   . TYR A 1 123 ? -8.223  9.966   -4.024  1.00 28.36 ? 116 TYR A O   1 
ATOM   870  C  CB  . TYR A 1 123 ? -10.794 8.305   -3.707  1.00 30.54 ? 116 TYR A CB  1 
ATOM   871  C  CG  . TYR A 1 123 ? -12.235 8.585   -4.025  1.00 30.75 ? 116 TYR A CG  1 
ATOM   872  C  CD1 . TYR A 1 123 ? -12.668 9.884   -4.305  1.00 30.70 ? 116 TYR A CD1 1 
ATOM   873  C  CD2 . TYR A 1 123 ? -13.171 7.546   -4.030  1.00 31.41 ? 116 TYR A CD2 1 
ATOM   874  C  CE1 . TYR A 1 123 ? -14.003 10.135  -4.591  1.00 33.84 ? 116 TYR A CE1 1 
ATOM   875  C  CE2 . TYR A 1 123 ? -14.509 7.774   -4.314  1.00 32.71 ? 116 TYR A CE2 1 
ATOM   876  C  CZ  . TYR A 1 123 ? -14.932 9.064   -4.596  1.00 34.63 ? 116 TYR A CZ  1 
ATOM   877  O  OH  . TYR A 1 123 ? -16.274 9.277   -4.882  1.00 34.93 ? 116 TYR A OH  1 
ATOM   878  N  N   . LEU A 1 124 ? -7.577  7.825   -4.385  1.00 25.40 ? 117 LEU A N   1 
ATOM   879  C  CA  . LEU A 1 124 ? -6.232  7.994   -3.831  1.00 23.36 ? 117 LEU A CA  1 
ATOM   880  C  C   . LEU A 1 124 ? -5.235  8.628   -4.807  1.00 22.37 ? 117 LEU A C   1 
ATOM   881  O  O   . LEU A 1 124 ? -4.462  9.502   -4.422  1.00 22.32 ? 117 LEU A O   1 
ATOM   882  C  CB  . LEU A 1 124 ? -5.687  6.656   -3.308  1.00 22.64 ? 117 LEU A CB  1 
ATOM   883  C  CG  . LEU A 1 124 ? -6.467  5.839   -2.272  1.00 21.90 ? 117 LEU A CG  1 
ATOM   884  C  CD1 . LEU A 1 124 ? -5.537  4.816   -1.654  1.00 21.35 ? 117 LEU A CD1 1 
ATOM   885  C  CD2 . LEU A 1 124 ? -7.061  6.713   -1.180  1.00 21.97 ? 117 LEU A CD2 1 
ATOM   886  N  N   . SER A 1 125 ? -5.270  8.194   -6.065  1.00 21.82 ? 118 SER A N   1 
ATOM   887  C  CA  . SER A 1 125 ? -4.293  8.619   -7.071  1.00 21.38 ? 118 SER A CA  1 
ATOM   888  C  C   . SER A 1 125 ? -4.067  10.136  -7.097  1.00 21.66 ? 118 SER A C   1 
ATOM   889  O  O   . SER A 1 125 ? -2.914  10.582  -7.016  1.00 22.53 ? 118 SER A O   1 
ATOM   890  C  CB  . SER A 1 125 ? -4.668  8.103   -8.472  1.00 20.34 ? 118 SER A CB  1 
ATOM   891  O  OG  . SER A 1 125 ? -4.679  6.687   -8.525  1.00 19.49 ? 118 SER A OG  1 
ATOM   892  N  N   . PRO A 1 126 ? -5.152  10.934  -7.197  1.00 21.35 ? 119 PRO A N   1 
ATOM   893  C  CA  . PRO A 1 126 ? -4.965  12.366  -7.432  1.00 20.82 ? 119 PRO A CA  1 
ATOM   894  C  C   . PRO A 1 126 ? -4.061  13.030  -6.395  1.00 20.53 ? 119 PRO A C   1 
ATOM   895  O  O   . PRO A 1 126 ? -3.298  13.933  -6.717  1.00 20.04 ? 119 PRO A O   1 
ATOM   896  C  CB  . PRO A 1 126 ? -6.390  12.910  -7.356  1.00 21.20 ? 119 PRO A CB  1 
ATOM   897  C  CG  . PRO A 1 126 ? -7.247  11.760  -7.802  1.00 21.67 ? 119 PRO A CG  1 
ATOM   898  C  CD  . PRO A 1 126 ? -6.589  10.580  -7.156  1.00 21.85 ? 119 PRO A CD  1 
ATOM   899  N  N   . ILE A 1 127 ? -4.118  12.547  -5.167  1.00 21.11 ? 120 ILE A N   1 
ATOM   900  C  CA  . ILE A 1 127 ? -3.251  13.050  -4.107  1.00 21.64 ? 120 ILE A CA  1 
ATOM   901  C  C   . ILE A 1 127 ? -2.067  12.125  -3.735  1.00 22.02 ? 120 ILE A C   1 
ATOM   902  O  O   . ILE A 1 127 ? -1.370  12.408  -2.762  1.00 24.35 ? 120 ILE A O   1 
ATOM   903  C  CB  . ILE A 1 127 ? -4.066  13.452  -2.854  1.00 22.04 ? 120 ILE A CB  1 
ATOM   904  C  CG1 . ILE A 1 127 ? -4.836  12.242  -2.269  1.00 22.90 ? 120 ILE A CG1 1 
ATOM   905  C  CG2 . ILE A 1 127 ? -5.022  14.597  -3.201  1.00 21.32 ? 120 ILE A CG2 1 
ATOM   906  C  CD1 . ILE A 1 127 ? -4.133  11.494  -1.151  1.00 23.08 ? 120 ILE A CD1 1 
ATOM   907  N  N   . ALA A 1 128 ? -1.832  11.047  -4.494  1.00 20.19 ? 121 ALA A N   1 
ATOM   908  C  CA  . ALA A 1 128 ? -0.619  10.237  -4.329  1.00 19.09 ? 121 ALA A CA  1 
ATOM   909  C  C   . ALA A 1 128 ? 0.573   10.942  -4.956  1.00 19.18 ? 121 ALA A C   1 
ATOM   910  O  O   . ALA A 1 128 ? 0.398   11.872  -5.749  1.00 19.03 ? 121 ALA A O   1 
ATOM   911  C  CB  . ALA A 1 128 ? -0.792  8.871   -4.970  1.00 18.71 ? 121 ALA A CB  1 
ATOM   912  N  N   . THR A 1 129 ? 1.783   10.479  -4.623  1.00 18.97 ? 122 THR A N   1 
ATOM   913  C  CA  . THR A 1 129 ? 3.016   10.928  -5.303  1.00 17.93 ? 122 THR A CA  1 
ATOM   914  C  C   . THR A 1 129 ? 3.033   10.322  -6.711  1.00 17.66 ? 122 THR A C   1 
ATOM   915  O  O   . THR A 1 129 ? 3.454   10.954  -7.698  1.00 17.42 ? 122 THR A O   1 
ATOM   916  C  CB  . THR A 1 129 ? 4.276   10.511  -4.496  1.00 17.60 ? 122 THR A CB  1 
ATOM   917  O  OG1 . THR A 1 129 ? 4.331   11.253  -3.277  1.00 17.52 ? 122 THR A OG1 1 
ATOM   918  C  CG2 . THR A 1 129 ? 5.557   10.773  -5.255  1.00 17.27 ? 122 THR A CG2 1 
ATOM   919  N  N   . GLY A 1 130 ? 2.524   9.097   -6.774  1.00 17.42 ? 123 GLY A N   1 
ATOM   920  C  CA  . GLY A 1 130 ? 2.601   8.231   -7.939  1.00 16.84 ? 123 GLY A CA  1 
ATOM   921  C  C   . GLY A 1 130 ? 1.974   6.898   -7.574  1.00 16.43 ? 123 GLY A C   1 
ATOM   922  O  O   . GLY A 1 130 ? 1.644   6.653   -6.421  1.00 16.48 ? 123 GLY A O   1 
ATOM   923  N  N   . VAL A 1 131 ? 1.803   6.041   -8.565  1.00 16.76 ? 124 VAL A N   1 
ATOM   924  C  CA  . VAL A 1 131 ? 1.037   4.801   -8.418  1.00 17.33 ? 124 VAL A CA  1 
ATOM   925  C  C   . VAL A 1 131 ? 1.769   3.643   -9.115  1.00 18.14 ? 124 VAL A C   1 
ATOM   926  O  O   . VAL A 1 131 ? 2.395   3.839   -10.162 1.00 18.60 ? 124 VAL A O   1 
ATOM   927  C  CB  . VAL A 1 131 ? -0.387  4.912   -9.050  1.00 16.62 ? 124 VAL A CB  1 
ATOM   928  C  CG1 . VAL A 1 131 ? -1.279  3.772   -8.562  1.00 16.59 ? 124 VAL A CG1 1 
ATOM   929  C  CG2 . VAL A 1 131 ? -1.033  6.278   -8.803  1.00 15.61 ? 124 VAL A CG2 1 
ATOM   930  N  N   . ILE A 1 132 ? 1.682   2.441   -8.545  1.00 18.98 ? 125 ILE A N   1 
ATOM   931  C  CA  . ILE A 1 132 ? 2.079   1.208   -9.257  1.00 19.10 ? 125 ILE A CA  1 
ATOM   932  C  C   . ILE A 1 132 ? 0.932   0.179   -9.280  1.00 20.20 ? 125 ILE A C   1 
ATOM   933  O  O   . ILE A 1 132 ? 0.410   -0.199  -8.216  1.00 21.81 ? 125 ILE A O   1 
ATOM   934  C  CB  . ILE A 1 132 ? 3.344   0.572   -8.654  1.00 18.25 ? 125 ILE A CB  1 
ATOM   935  C  CG1 . ILE A 1 132 ? 4.418   1.637   -8.407  1.00 18.05 ? 125 ILE A CG1 1 
ATOM   936  C  CG2 . ILE A 1 132 ? 3.854   -0.510  -9.579  1.00 17.78 ? 125 ILE A CG2 1 
ATOM   937  C  CD1 . ILE A 1 132 ? 5.608   1.150   -7.613  1.00 18.51 ? 125 ILE A CD1 1 
ATOM   938  N  N   . VAL A 1 133 ? 0.528   -0.252  -10.484 1.00 19.61 ? 126 VAL A N   1 
ATOM   939  C  CA  . VAL A 1 133 ? -0.496  -1.303  -10.636 1.00 18.30 ? 126 VAL A CA  1 
ATOM   940  C  C   . VAL A 1 133 ? -0.015  -2.490  -11.480 1.00 17.58 ? 126 VAL A C   1 
ATOM   941  O  O   . VAL A 1 133 ? 0.762   -2.314  -12.411 1.00 16.76 ? 126 VAL A O   1 
ATOM   942  C  CB  . VAL A 1 133 ? -1.809  -0.732  -11.207 1.00 18.20 ? 126 VAL A CB  1 
ATOM   943  C  CG1 . VAL A 1 133 ? -2.222  0.504   -10.430 1.00 18.23 ? 126 VAL A CG1 1 
ATOM   944  C  CG2 . VAL A 1 133 ? -1.665  -0.388  -12.674 1.00 18.17 ? 126 VAL A CG2 1 
ATOM   945  N  N   . GLY A 1 134 ? -0.454  -3.696  -11.132 1.00 17.71 ? 127 GLY A N   1 
ATOM   946  C  CA  . GLY A 1 134 ? -0.200  -4.895  -11.943 1.00 19.05 ? 127 GLY A CA  1 
ATOM   947  C  C   . GLY A 1 134 ? 1.181   -5.550  -11.958 1.00 20.37 ? 127 GLY A C   1 
ATOM   948  O  O   . GLY A 1 134 ? 1.356   -6.646  -12.523 1.00 21.35 ? 127 GLY A O   1 
ATOM   949  N  N   . LEU A 1 135 ? 2.166   -4.904  -11.340 1.00 20.59 ? 128 LEU A N   1 
ATOM   950  C  CA  . LEU A 1 135 ? 3.500   -5.497  -11.191 1.00 20.33 ? 128 LEU A CA  1 
ATOM   951  C  C   . LEU A 1 135 ? 3.552   -6.535  -10.058 1.00 21.16 ? 128 LEU A C   1 
ATOM   952  O  O   . LEU A 1 135 ? 4.632   -7.014  -9.683  1.00 22.14 ? 128 LEU A O   1 
ATOM   953  C  CB  . LEU A 1 135 ? 4.579   -4.411  -11.022 1.00 19.16 ? 128 LEU A CB  1 
ATOM   954  C  CG  . LEU A 1 135 ? 4.659   -3.339  -12.121 1.00 18.75 ? 128 LEU A CG  1 
ATOM   955  C  CD1 . LEU A 1 135 ? 5.892   -2.445  -11.957 1.00 18.16 ? 128 LEU A CD1 1 
ATOM   956  C  CD2 . LEU A 1 135 ? 4.585   -3.960  -13.515 1.00 18.22 ? 128 LEU A CD2 1 
ATOM   957  N  N   . GLY A 1 136 ? 2.376   -6.889  -9.535  1.00 21.48 ? 129 GLY A N   1 
ATOM   958  C  CA  . GLY A 1 136 ? 2.237   -7.928  -8.520  1.00 21.59 ? 129 GLY A CA  1 
ATOM   959  C  C   . GLY A 1 136 ? 2.804   -7.533  -7.181  1.00 22.16 ? 129 GLY A C   1 
ATOM   960  O  O   . GLY A 1 136 ? 2.862   -6.357  -6.847  1.00 23.39 ? 129 GLY A O   1 
ATOM   961  N  N   . ILE A 1 137 ? 3.236   -8.523  -6.413  1.00 23.04 ? 130 ILE A N   1 
ATOM   962  C  CA  . ILE A 1 137 ? 3.836   -8.274  -5.104  1.00 23.95 ? 130 ILE A CA  1 
ATOM   963  C  C   . ILE A 1 137 ? 5.063   -7.345  -5.199  1.00 24.32 ? 130 ILE A C   1 
ATOM   964  O  O   . ILE A 1 137 ? 5.373   -6.600  -4.265  1.00 25.00 ? 130 ILE A O   1 
ATOM   965  C  CB  . ILE A 1 137 ? 4.130   -9.610  -4.362  1.00 23.94 ? 130 ILE A CB  1 
ATOM   966  C  CG1 . ILE A 1 137 ? 3.335   -9.682  -3.057  1.00 25.45 ? 130 ILE A CG1 1 
ATOM   967  C  CG2 . ILE A 1 137 ? 5.611   -9.836  -4.117  1.00 23.56 ? 130 ILE A CG2 1 
ATOM   968  C  CD1 . ILE A 1 137 ? 1.888   -10.129 -3.238  1.00 25.96 ? 130 ILE A CD1 1 
ATOM   969  N  N   . GLN A 1 138 ? 5.728   -7.358  -6.346  1.00 23.54 ? 131 GLN A N   1 
ATOM   970  C  CA  . GLN A 1 138 ? 6.922   -6.580  -6.496  1.00 23.85 ? 131 GLN A CA  1 
ATOM   971  C  C   . GLN A 1 138 ? 6.624   -5.080  -6.457  1.00 24.97 ? 131 GLN A C   1 
ATOM   972  O  O   . GLN A 1 138 ? 7.516   -4.269  -6.176  1.00 27.20 ? 131 GLN A O   1 
ATOM   973  C  CB  . GLN A 1 138 ? 7.635   -6.960  -7.780  1.00 23.22 ? 131 GLN A CB  1 
ATOM   974  C  CG  . GLN A 1 138 ? 9.137   -6.827  -7.673  0.70 22.70 ? 131 GLN A CG  1 
ATOM   975  C  CD  . GLN A 1 138 ? 9.816   -6.955  -9.012  0.70 22.43 ? 131 GLN A CD  1 
ATOM   976  O  OE1 . GLN A 1 138 ? 10.760  -6.214  -9.305  0.70 22.32 ? 131 GLN A OE1 1 
ATOM   977  N  NE2 . GLN A 1 138 ? 9.340   -7.889  -9.841  0.70 20.93 ? 131 GLN A NE2 1 
ATOM   978  N  N   . GLY A 1 139 ? 5.379   -4.704  -6.721  1.00 24.08 ? 132 GLY A N   1 
ATOM   979  C  CA  . GLY A 1 139 ? 4.995   -3.295  -6.669  1.00 24.28 ? 132 GLY A CA  1 
ATOM   980  C  C   . GLY A 1 139 ? 5.439   -2.625  -5.381  1.00 25.04 ? 132 GLY A C   1 
ATOM   981  O  O   . GLY A 1 139 ? 5.971   -1.505  -5.414  1.00 25.42 ? 132 GLY A O   1 
ATOM   982  N  N   . TYR A 1 140 ? 5.218   -3.322  -4.255  1.00 25.04 ? 133 TYR A N   1 
ATOM   983  C  CA  . TYR A 1 140 ? 5.665   -2.902  -2.902  1.00 24.31 ? 133 TYR A CA  1 
ATOM   984  C  C   . TYR A 1 140 ? 7.180   -2.642  -2.813  1.00 23.81 ? 133 TYR A C   1 
ATOM   985  O  O   . TYR A 1 140 ? 7.632   -1.608  -2.290  1.00 22.50 ? 133 TYR A O   1 
ATOM   986  C  CB  . TYR A 1 140 ? 5.268   -3.959  -1.856  1.00 24.83 ? 133 TYR A CB  1 
ATOM   987  C  CG  . TYR A 1 140 ? 3.759   -4.135  -1.652  1.00 26.40 ? 133 TYR A CG  1 
ATOM   988  C  CD1 . TYR A 1 140 ? 3.008   -3.187  -0.917  1.00 25.87 ? 133 TYR A CD1 1 
ATOM   989  C  CD2 . TYR A 1 140 ? 3.081   -5.257  -2.168  1.00 25.66 ? 133 TYR A CD2 1 
ATOM   990  C  CE1 . TYR A 1 140 ? 1.640   -3.345  -0.724  1.00 24.81 ? 133 TYR A CE1 1 
ATOM   991  C  CE2 . TYR A 1 140 ? 1.708   -5.418  -1.976  1.00 25.05 ? 133 TYR A CE2 1 
ATOM   992  C  CZ  . TYR A 1 140 ? 0.991   -4.461  -1.258  1.00 24.80 ? 133 TYR A CZ  1 
ATOM   993  O  OH  . TYR A 1 140 ? -0.373  -4.607  -1.067  1.00 23.68 ? 133 TYR A OH  1 
ATOM   994  N  N   . LEU A 1 141 ? 7.942   -3.594  -3.352  1.00 23.46 ? 134 LEU A N   1 
ATOM   995  C  CA  . LEU A 1 141 ? 9.394   -3.575  -3.346  1.00 22.65 ? 134 LEU A CA  1 
ATOM   996  C  C   . LEU A 1 141 ? 9.940   -2.447  -4.204  1.00 22.73 ? 134 LEU A C   1 
ATOM   997  O  O   . LEU A 1 141 ? 10.929  -1.807  -3.840  1.00 23.99 ? 134 LEU A O   1 
ATOM   998  C  CB  . LEU A 1 141 ? 9.938   -4.932  -3.819  1.00 22.85 ? 134 LEU A CB  1 
ATOM   999  C  CG  . LEU A 1 141 ? 9.680   -6.138  -2.895  1.00 22.77 ? 134 LEU A CG  1 
ATOM   1000 C  CD1 . LEU A 1 141 ? 10.609  -7.294  -3.225  1.00 22.66 ? 134 LEU A CD1 1 
ATOM   1001 C  CD2 . LEU A 1 141 ? 9.831   -5.773  -1.430  1.00 22.63 ? 134 LEU A CD2 1 
ATOM   1002 N  N   . LEU A 1 142 ? 9.305   -2.204  -5.346  1.00 22.28 ? 135 LEU A N   1 
ATOM   1003 C  CA  . LEU A 1 142 ? 9.737   -1.116  -6.233  1.00 21.44 ? 135 LEU A CA  1 
ATOM   1004 C  C   . LEU A 1 142 ? 9.374   0.228   -5.613  1.00 21.50 ? 135 LEU A C   1 
ATOM   1005 O  O   . LEU A 1 142 ? 10.154  1.159   -5.672  1.00 21.63 ? 135 LEU A O   1 
ATOM   1006 C  CB  . LEU A 1 142 ? 9.143   -1.268  -7.640  1.00 20.17 ? 135 LEU A CB  1 
ATOM   1007 C  CG  . LEU A 1 142 ? 9.393   -2.597  -8.348  1.00 18.74 ? 135 LEU A CG  1 
ATOM   1008 C  CD1 . LEU A 1 142 ? 8.463   -2.721  -9.527  1.00 18.95 ? 135 LEU A CD1 1 
ATOM   1009 C  CD2 . LEU A 1 142 ? 10.828  -2.720  -8.800  1.00 18.34 ? 135 LEU A CD2 1 
ATOM   1010 N  N   . ALA A 1 143 ? 8.192   0.312   -5.007  1.00 22.15 ? 136 ALA A N   1 
ATOM   1011 C  CA  . ALA A 1 143 ? 7.796   1.487   -4.237  1.00 22.90 ? 136 ALA A CA  1 
ATOM   1012 C  C   . ALA A 1 143 ? 8.825   1.826   -3.133  1.00 23.87 ? 136 ALA A C   1 
ATOM   1013 O  O   . ALA A 1 143 ? 9.257   2.990   -3.038  1.00 22.75 ? 136 ALA A O   1 
ATOM   1014 C  CB  . ALA A 1 143 ? 6.399   1.293   -3.647  1.00 22.96 ? 136 ALA A CB  1 
ATOM   1015 N  N   . LEU A 1 144 ? 9.215   0.816   -2.327  1.00 23.70 ? 137 LEU A N   1 
ATOM   1016 C  CA  . LEU A 1 144 ? 10.206  0.978   -1.258  1.00 23.72 ? 137 LEU A CA  1 
ATOM   1017 C  C   . LEU A 1 144 ? 11.413  1.672   -1.788  1.00 25.44 ? 137 LEU A C   1 
ATOM   1018 O  O   . LEU A 1 144 ? 11.825  2.710   -1.266  1.00 27.33 ? 137 LEU A O   1 
ATOM   1019 C  CB  . LEU A 1 144 ? 10.711  -0.361  -0.759  1.00 24.22 ? 137 LEU A CB  1 
ATOM   1020 C  CG  . LEU A 1 144 ? 10.197  -1.030  0.508   1.00 25.56 ? 137 LEU A CG  1 
ATOM   1021 C  CD1 . LEU A 1 144 ? 11.142  -2.169  0.878   1.00 25.87 ? 137 LEU A CD1 1 
ATOM   1022 C  CD2 . LEU A 1 144 ? 10.051  -0.051  1.666   1.00 26.13 ? 137 LEU A CD2 1 
ATOM   1023 N  N   . ARG A 1 145 ? 11.979  1.063   -2.832  1.00 26.32 ? 138 ARG A N   1 
ATOM   1024 C  CA  . ARG A 1 145 ? 13.231  1.477   -3.442  1.00 26.40 ? 138 ARG A CA  1 
ATOM   1025 C  C   . ARG A 1 145 ? 13.148  2.914   -3.939  1.00 28.27 ? 138 ARG A C   1 
ATOM   1026 O  O   . ARG A 1 145 ? 14.117  3.670   -3.839  1.00 31.42 ? 138 ARG A O   1 
ATOM   1027 C  CB  . ARG A 1 145 ? 13.563  0.533   -4.577  1.00 25.77 ? 138 ARG A CB  1 
ATOM   1028 C  CG  . ARG A 1 145 ? 14.909  0.772   -5.234  1.00 26.58 ? 138 ARG A CG  1 
ATOM   1029 C  CD  . ARG A 1 145 ? 15.163  -0.323  -6.255  1.00 26.96 ? 138 ARG A CD  1 
ATOM   1030 N  NE  . ARG A 1 145 ? 15.486  -1.587  -5.589  1.00 26.40 ? 138 ARG A NE  1 
ATOM   1031 C  CZ  . ARG A 1 145 ? 16.731  -1.996  -5.377  1.00 26.24 ? 138 ARG A CZ  1 
ATOM   1032 N  NH1 . ARG A 1 145 ? 17.737  -1.247  -5.808  1.00 23.43 ? 138 ARG A NH1 1 
ATOM   1033 N  NH2 . ARG A 1 145 ? 16.969  -3.149  -4.762  1.00 26.26 ? 138 ARG A NH2 1 
ATOM   1034 N  N   . TYR A 1 146 ? 11.993  3.303   -4.468  1.00 27.88 ? 139 TYR A N   1 
ATOM   1035 C  CA  . TYR A 1 146 ? 11.780  4.695   -4.811  1.00 28.78 ? 139 TYR A CA  1 
ATOM   1036 C  C   . TYR A 1 146 ? 12.129  5.551   -3.586  1.00 30.08 ? 139 TYR A C   1 
ATOM   1037 O  O   . TYR A 1 146 ? 13.117  6.282   -3.604  1.00 30.31 ? 139 TYR A O   1 
ATOM   1038 C  CB  . TYR A 1 146 ? 10.340  4.925   -5.282  1.00 27.60 ? 139 TYR A CB  1 
ATOM   1039 C  CG  . TYR A 1 146 ? 10.009  6.371   -5.486  1.00 27.81 ? 139 TYR A CG  1 
ATOM   1040 C  CD1 . TYR A 1 146 ? 10.255  6.998   -6.718  1.00 29.17 ? 139 TYR A CD1 1 
ATOM   1041 C  CD2 . TYR A 1 146 ? 9.463   7.135   -4.449  1.00 27.58 ? 139 TYR A CD2 1 
ATOM   1042 C  CE1 . TYR A 1 146 ? 9.949   8.347   -6.908  1.00 28.55 ? 139 TYR A CE1 1 
ATOM   1043 C  CE2 . TYR A 1 146 ? 9.153   8.478   -4.625  1.00 27.33 ? 139 TYR A CE2 1 
ATOM   1044 C  CZ  . TYR A 1 146 ? 9.394   9.077   -5.852  1.00 27.23 ? 139 TYR A CZ  1 
ATOM   1045 O  OH  . TYR A 1 146 ? 9.099   10.402  -6.022  1.00 26.63 ? 139 TYR A OH  1 
ATOM   1046 N  N   . LEU A 1 147 ? 11.337  5.395   -2.517  1.00 31.98 ? 140 LEU A N   1 
ATOM   1047 C  CA  . LEU A 1 147 ? 11.453  6.156   -1.254  1.00 32.36 ? 140 LEU A CA  1 
ATOM   1048 C  C   . LEU A 1 147 ? 12.884  6.260   -0.709  1.00 34.70 ? 140 LEU A C   1 
ATOM   1049 O  O   . LEU A 1 147 ? 13.285  7.317   -0.195  1.00 34.40 ? 140 LEU A O   1 
ATOM   1050 C  CB  . LEU A 1 147 ? 10.525  5.559   -0.186  1.00 29.96 ? 140 LEU A CB  1 
ATOM   1051 C  CG  . LEU A 1 147 ? 9.022   5.569   -0.493  1.00 29.30 ? 140 LEU A CG  1 
ATOM   1052 C  CD1 . LEU A 1 147 ? 8.317   4.419   0.185   1.00 27.20 ? 140 LEU A CD1 1 
ATOM   1053 C  CD2 . LEU A 1 147 ? 8.365   6.890   -0.116  1.00 29.49 ? 140 LEU A CD2 1 
ATOM   1054 N  N   . ALA A 1 148 ? 13.642  5.169   -0.839  1.00 35.47 ? 141 ALA A N   1 
ATOM   1055 C  CA  . ALA A 1 148 ? 15.051  5.145   -0.456  1.00 38.12 ? 141 ALA A CA  1 
ATOM   1056 C  C   . ALA A 1 148 ? 15.925  6.123   -1.259  1.00 40.20 ? 141 ALA A C   1 
ATOM   1057 O  O   . ALA A 1 148 ? 16.978  6.553   -0.784  1.00 42.37 ? 141 ALA A O   1 
ATOM   1058 C  CB  . ALA A 1 148 ? 15.601  3.734   -0.546  1.00 37.91 ? 141 ALA A CB  1 
ATOM   1059 N  N   . GLU A 1 149 ? 15.488  6.491   -2.458  1.00 42.32 ? 142 GLU A N   1 
ATOM   1060 C  CA  . GLU A 1 149 ? 16.207  7.508   -3.233  1.00 44.87 ? 142 GLU A CA  1 
ATOM   1061 C  C   . GLU A 1 149 ? 15.739  8.903   -2.860  1.00 46.54 ? 142 GLU A C   1 
ATOM   1062 O  O   . GLU A 1 149 ? 16.548  9.781   -2.595  1.00 50.42 ? 142 GLU A O   1 
ATOM   1063 C  CB  . GLU A 1 149 ? 16.061  7.280   -4.737  1.00 43.56 ? 142 GLU A CB  1 
ATOM   1064 C  CG  . GLU A 1 149 ? 16.057  5.808   -5.133  1.00 45.92 ? 142 GLU A CG  1 
ATOM   1065 C  CD  . GLU A 1 149 ? 17.442  5.161   -5.131  1.00 46.57 ? 142 GLU A CD  1 
ATOM   1066 O  OE1 . GLU A 1 149 ? 18.425  5.887   -5.411  1.00 45.73 ? 142 GLU A OE1 1 
ATOM   1067 O  OE2 . GLU A 1 149 ? 17.539  3.925   -4.879  1.00 44.10 ? 142 GLU A OE2 1 
ATOM   1068 N  N   . HIS A 1 150 ? 14.432  9.113   -2.821  1.00 48.98 ? 143 HIS A N   1 
ATOM   1069 C  CA  . HIS A 1 150 ? 13.904  10.443  -2.548  1.00 52.86 ? 143 HIS A CA  1 
ATOM   1070 C  C   . HIS A 1 150 ? 13.796  10.709  -1.066  1.00 55.03 ? 143 HIS A C   1 
ATOM   1071 O  O   . HIS A 1 150 ? 14.766  10.524  -0.312  1.00 50.96 ? 143 HIS A O   1 
ATOM   1072 C  CB  . HIS A 1 150 ? 12.575  10.643  -3.277  1.00 54.61 ? 143 HIS A CB  1 
ATOM   1073 C  CG  . HIS A 1 150 ? 12.688  10.517  -4.796  1.00 59.17 ? 143 HIS A CG  1 
ATOM   1074 N  ND1 . HIS A 1 150 ? 13.224  9.431   -5.405  1.00 59.77 ? 143 HIS A ND1 1 
ATOM   1075 C  CD2 . HIS A 1 150 ? 12.300  11.388  -5.823  1.00 59.87 ? 143 HIS A CD2 1 
ATOM   1076 C  CE1 . HIS A 1 150 ? 13.191  9.604   -6.747  1.00 58.68 ? 143 HIS A CE1 1 
ATOM   1077 N  NE2 . HIS A 1 150 ? 12.622  10.795  -7.002  1.00 59.48 ? 143 HIS A NE2 1 
HETATM 1078 CL CL  . CL  B 2 .   ? -2.806  4.187   -12.979 0.50 11.79 ? 201 CL  A CL  1 
HETATM 1079 O  OAD . KIJ C 3 .   ? -10.391 -5.057  -4.089  1.00 36.11 ? 202 KIJ A OAD 1 
HETATM 1080 C  CAT . KIJ C 3 .   ? -9.068  -5.011  -4.488  1.00 38.81 ? 202 KIJ A CAT 1 
HETATM 1081 C  CAP . KIJ C 3 .   ? -8.689  -4.191  -5.575  1.00 37.02 ? 202 KIJ A CAP 1 
HETATM 1082 O  OAC . KIJ C 3 .   ? -9.633  -3.467  -6.228  1.00 35.88 ? 202 KIJ A OAC 1 
HETATM 1083 C  CAJ . KIJ C 3 .   ? -7.366  -4.106  -5.978  1.00 35.19 ? 202 KIJ A CAJ 1 
HETATM 1084 C  CAQ . KIJ C 3 .   ? -6.418  -4.855  -5.305  1.00 34.96 ? 202 KIJ A CAQ 1 
HETATM 1085 C  CAN . KIJ C 3 .   ? -5.102  -4.798  -5.698  1.00 34.70 ? 202 KIJ A CAN 1 
HETATM 1086 O  OAB . KIJ C 3 .   ? -4.208  -4.770  -4.837  1.00 35.51 ? 202 KIJ A OAB 1 
HETATM 1087 O  OAA . KIJ C 3 .   ? -4.799  -4.784  -6.906  1.00 34.95 ? 202 KIJ A OAA 1 
HETATM 1088 C  CAL . KIJ C 3 .   ? -6.766  -5.678  -4.235  1.00 37.57 ? 202 KIJ A CAL 1 
HETATM 1089 C  CAS . KIJ C 3 .   ? -8.091  -5.792  -3.822  1.00 40.28 ? 202 KIJ A CAS 1 
HETATM 1090 O  OAM . KIJ C 3 .   ? -8.435  -6.580  -2.726  1.00 44.77 ? 202 KIJ A OAM 1 
HETATM 1091 C  CAO . KIJ C 3 .   ? -8.750  -7.938  -2.656  1.00 44.26 ? 202 KIJ A CAO 1 
HETATM 1092 C  CAK . KIJ C 3 .   ? -7.849  -8.934  -2.220  1.00 44.25 ? 202 KIJ A CAK 1 
HETATM 1093 C  CAH . KIJ C 3 .   ? -10.047 -8.327  -2.933  1.00 44.49 ? 202 KIJ A CAH 1 
HETATM 1094 C  CAG . KIJ C 3 .   ? -10.412 -9.667  -2.829  1.00 46.88 ? 202 KIJ A CAG 1 
HETATM 1095 C  CAI . KIJ C 3 .   ? -9.513  -10.645 -2.423  1.00 44.49 ? 202 KIJ A CAI 1 
HETATM 1096 C  CAR . KIJ C 3 .   ? -8.215  -10.291 -2.110  1.00 43.59 ? 202 KIJ A CAR 1 
HETATM 1097 N  NAU . KIJ C 3 .   ? -7.364  -11.283 -1.758  1.00 44.99 ? 202 KIJ A NAU 1 
HETATM 1098 O  OAF . KIJ C 3 .   ? -7.875  -12.790 -1.553  1.00 43.87 ? 202 KIJ A OAF 1 
HETATM 1099 O  OAE . KIJ C 3 .   ? -5.918  -11.056 -1.683  1.00 42.83 ? 202 KIJ A OAE 1 
HETATM 1100 O  O   . HOH D 4 .   ? -11.069 11.446  -7.817  1.00 8.00  ? 301 HOH A O   1 
HETATM 1101 O  O   . HOH D 4 .   ? -9.972  17.184  2.949   1.00 6.20  ? 302 HOH A O   1 
HETATM 1102 O  O   . HOH D 4 .   ? -14.991 -0.363  -0.768  1.00 12.17 ? 303 HOH A O   1 
HETATM 1103 O  O   . HOH D 4 .   ? -14.403 -5.885  -18.497 1.00 2.00  ? 304 HOH A O   1 
HETATM 1104 O  O   . HOH D 4 .   ? -6.362  8.335   14.431  1.00 23.00 ? 305 HOH A O   1 
HETATM 1105 O  O   . HOH D 4 .   ? -4.290  1.409   -3.051  1.00 18.97 ? 306 HOH A O   1 
HETATM 1106 O  O   . HOH D 4 .   ? -10.711 -2.196  -15.663 1.00 52.96 ? 307 HOH A O   1 
HETATM 1107 O  O   . HOH D 4 .   ? -2.040  -14.785 4.132   1.00 31.50 ? 308 HOH A O   1 
HETATM 1108 O  O   . HOH D 4 .   ? 16.257  7.399   9.841   1.00 35.19 ? 309 HOH A O   1 
HETATM 1109 O  O   . HOH D 4 .   ? 20.590  3.061   4.463   1.00 28.02 ? 310 HOH A O   1 
HETATM 1110 O  O   . HOH D 4 .   ? -0.746  -10.426 -9.804  1.00 23.32 ? 311 HOH A O   1 
HETATM 1111 O  O   . HOH D 4 .   ? 2.535   -20.534 -3.157  1.00 25.46 ? 312 HOH A O   1 
HETATM 1112 O  O   . HOH D 4 .   ? -8.336  6.021   -14.660 0.50 13.42 ? 313 HOH A O   1 
HETATM 1113 O  O   . HOH D 4 .   ? -15.260 10.375  -7.542  1.00 27.82 ? 314 HOH A O   1 
HETATM 1114 O  O   . HOH D 4 .   ? -8.861  -6.427  10.199  1.00 12.43 ? 315 HOH A O   1 
HETATM 1115 O  O   . HOH D 4 .   ? -17.346 3.075   -13.824 1.00 27.94 ? 316 HOH A O   1 
HETATM 1116 O  O   . HOH D 4 .   ? -9.097  -14.582 6.254   1.00 18.73 ? 317 HOH A O   1 
HETATM 1117 O  O   . HOH D 4 .   ? 13.240  -9.218  -0.014  1.00 24.40 ? 318 HOH A O   1 
HETATM 1118 O  O   . HOH D 4 .   ? -2.644  -9.620  8.326   1.00 18.80 ? 319 HOH A O   1 
HETATM 1119 O  O   . HOH D 4 .   ? 0.882   -6.790  8.679   1.00 12.88 ? 320 HOH A O   1 
HETATM 1120 O  O   . HOH D 4 .   ? 16.909  7.285   2.476   1.00 19.25 ? 321 HOH A O   1 
HETATM 1121 O  O   . HOH D 4 .   ? -2.730  -7.712  -13.265 1.00 19.07 ? 322 HOH A O   1 
HETATM 1122 O  O   . HOH D 4 .   ? 6.418   14.451  -0.387  1.00 27.36 ? 323 HOH A O   1 
HETATM 1123 O  O   . HOH D 4 .   ? -0.502  14.662  -6.421  1.00 20.07 ? 324 HOH A O   1 
HETATM 1124 O  O   . HOH D 4 .   ? -0.951  -0.680  15.385  1.00 33.53 ? 325 HOH A O   1 
HETATM 1125 O  O   . HOH D 4 .   ? 1.339   17.568  1.569   1.00 14.44 ? 326 HOH A O   1 
HETATM 1126 O  O   . HOH D 4 .   ? 9.994   11.380  6.366   1.00 21.23 ? 327 HOH A O   1 
HETATM 1127 O  O   . HOH D 4 .   ? 11.694  13.250  7.816   1.00 16.46 ? 328 HOH A O   1 
HETATM 1128 O  O   . HOH D 4 .   ? 13.086  -4.675  -6.504  1.00 6.88  ? 329 HOH A O   1 
HETATM 1129 O  O   . HOH D 4 .   ? 22.911  -11.367 0.278   1.00 23.17 ? 330 HOH A O   1 
# 
